data_9CLO
#
_entry.id   9CLO
#
_cell.length_a   1.00
_cell.length_b   1.00
_cell.length_c   1.00
_cell.angle_alpha   90.00
_cell.angle_beta   90.00
_cell.angle_gamma   90.00
#
_symmetry.space_group_name_H-M   'P 1'
#
loop_
_entity.id
_entity.type
_entity.pdbx_description
1 polymer 'Oxygen sensor protein DosP'
2 non-polymer 'PROTOPORPHYRIN IX CONTAINING FE'
3 non-polymer "9,9'-[(2R,3R,3aS,5S,7aR,9R,10R,10aS,12S,14aR)-3,5,10,12-tetrahydroxy-5,12-dioxidooctahydro-2H,7H-difuro[3,2-d:3',2'-j][1,3,7,9,2,8]tetraoxadiphosphacyclododecine-2,9-diyl]bis(2-amino-1,9-dihydro-6H-purin-6-one)"
4 non-polymer 'MAGNESIUM ION'
#
_entity_poly.entity_id   1
_entity_poly.type   'polypeptide(L)'
_entity_poly.pdbx_seq_one_letter_code
;GIFFPALEQNMMGAVLINENDEVMFFNPAAEKLWGYKREEVIGNNIDMLIPRDLRPAHPEYIRHNREGGKARVEGMSAEL
QLEKKDGSKIWTRFALSKVSAEGKVYYLALVRDASVEMAQKEQTRQLIIAVDHLDRPVIVLDPERHIVQCNRAFTEMFGY
CISEASGMQPDTLLNTPEFPADNRIRLQQLLWKTARDQDEFLLLTRTGEKIWIKASISPVYDVLAHLQNLVMTFSDITEE
RQIRQLEGNILAAMCSSPPFHEMGEIICRNIESVLNESHVSLFALRNGMPIHWASSSHGAEIQNAQSWSATIRQRDGAPA
GILQIKTSSGAETSAFIERVADISQHMAALALEQEKSRQHIEQLIQFDPMTGLPNRNNLHNYLDDLVDKAVSPVVYLIGV
DHIQDVIDSLGYAWADQALLEVVNRFREKLKPDQYLCRIEGTQFVLVSLENDVSNITQIADELRNVVSKPIMIDDKPFPL
TLSIGISYDLGKNRDYLLSTAHNAMDYIRKNGGNGWQFFSPAMNEMVKERLVLGAALKEAISNNQLKLVYQPQIFAETGE
LYGIEALARWHDPLHGHVPPSRFIPLAEEIGEIENIGRWVIAEACRQLAEWRSQNIHIPALSVNLSALHFRSNQLPNQVS
DAMHAWGIDGHQLTVEITESMMMEHDTEIFKRIQILRDMGVGLSVDDFGTGFSGLSRLVSLPVTEIKIDKSFVDRCLTEK
RILALLEAITSIGQSLNLTVVAEGVETKEQFEMLRKIHCRVIQGYFFSRPLPAEEIPGWMSSVLPLK
;
_entity_poly.pdbx_strand_id   A,B
#
# COMPACT_ATOMS: atom_id res chain seq x y z
N GLY A 1 37.30 -41.92 80.34
CA GLY A 1 36.45 -41.33 79.31
C GLY A 1 36.89 -41.66 77.90
N ILE A 2 35.91 -42.01 77.05
CA ILE A 2 36.21 -42.39 75.68
C ILE A 2 36.24 -41.21 74.73
N PHE A 3 36.02 -39.99 75.21
CA PHE A 3 36.08 -38.82 74.34
C PHE A 3 37.51 -38.47 73.97
N PHE A 4 38.47 -38.76 74.85
CA PHE A 4 39.87 -38.51 74.54
C PHE A 4 40.34 -39.28 73.31
N PRO A 5 40.15 -40.61 73.21
CA PRO A 5 40.48 -41.28 71.95
C PRO A 5 39.55 -40.89 70.82
N ALA A 6 38.31 -40.52 71.13
CA ALA A 6 37.39 -40.04 70.10
C ALA A 6 37.93 -38.78 69.45
N LEU A 7 38.43 -37.84 70.26
CA LEU A 7 39.04 -36.64 69.70
C LEU A 7 40.39 -36.95 69.04
N GLU A 8 41.09 -37.98 69.54
CA GLU A 8 42.34 -38.39 68.90
C GLU A 8 42.11 -38.88 67.48
N GLN A 9 41.07 -39.68 67.28
CA GLN A 9 40.73 -40.20 65.95
C GLN A 9 39.74 -39.33 65.20
N ASN A 10 39.35 -38.19 65.77
CA ASN A 10 38.37 -37.31 65.14
C ASN A 10 39.01 -36.50 64.01
N MET A 11 38.13 -35.88 63.20
CA MET A 11 38.60 -34.99 62.15
C MET A 11 38.81 -33.57 62.65
N MET A 12 38.05 -33.16 63.65
CA MET A 12 38.21 -31.84 64.24
C MET A 12 39.44 -31.79 65.13
N GLY A 13 39.84 -30.58 65.52
CA GLY A 13 40.94 -30.38 66.43
C GLY A 13 40.46 -29.91 67.79
N ALA A 14 40.90 -30.61 68.83
CA ALA A 14 40.50 -30.27 70.19
C ALA A 14 41.73 -29.72 70.92
N VAL A 15 41.63 -28.48 71.38
CA VAL A 15 42.70 -27.83 72.14
C VAL A 15 42.08 -27.37 73.46
N LEU A 16 42.20 -28.19 74.49
CA LEU A 16 41.63 -27.89 75.79
C LEU A 16 42.69 -27.22 76.67
N ILE A 17 42.34 -26.09 77.26
CA ILE A 17 43.24 -25.30 78.09
C ILE A 17 42.70 -25.27 79.51
N ASN A 18 43.61 -25.33 80.48
CA ASN A 18 43.32 -25.36 81.90
C ASN A 18 43.35 -23.93 82.46
N GLU A 19 43.40 -23.81 83.79
CA GLU A 19 43.38 -22.50 84.43
C GLU A 19 44.57 -21.64 83.99
N ASN A 20 45.76 -22.24 83.91
CA ASN A 20 46.99 -21.50 83.62
C ASN A 20 47.25 -21.35 82.13
N ASP A 21 46.22 -21.47 81.30
CA ASP A 21 46.34 -21.34 79.84
C ASP A 21 47.36 -22.33 79.27
N GLU A 22 47.42 -23.52 79.85
CA GLU A 22 48.29 -24.58 79.37
C GLU A 22 47.49 -25.61 78.57
N VAL A 23 48.02 -26.00 77.43
CA VAL A 23 47.34 -26.96 76.55
C VAL A 23 47.45 -28.35 77.15
N MET A 24 46.30 -28.94 77.49
CA MET A 24 46.26 -30.25 78.12
C MET A 24 45.82 -31.36 77.18
N PHE A 25 45.51 -31.04 75.93
CA PHE A 25 45.19 -32.06 74.93
C PHE A 25 45.60 -31.54 73.56
N PHE A 26 46.04 -32.47 72.70
CA PHE A 26 46.54 -32.11 71.37
C PHE A 26 46.26 -33.28 70.44
N ASN A 27 45.21 -33.17 69.65
CA ASN A 27 44.84 -34.22 68.72
C ASN A 27 45.71 -34.16 67.47
N PRO A 28 45.81 -35.27 66.72
CA PRO A 28 46.67 -35.27 65.52
C PRO A 28 46.30 -34.22 64.48
N ALA A 29 45.03 -33.88 64.34
CA ALA A 29 44.65 -32.85 63.38
C ALA A 29 45.19 -31.48 63.76
N ALA A 30 45.50 -31.26 65.05
CA ALA A 30 46.14 -30.01 65.46
C ALA A 30 47.52 -29.88 64.85
N GLU A 31 48.21 -31.00 64.61
CA GLU A 31 49.50 -30.94 63.92
C GLU A 31 49.34 -30.42 62.50
N LYS A 32 48.31 -30.85 61.80
CA LYS A 32 48.06 -30.35 60.45
C LYS A 32 47.59 -28.90 60.48
N LEU A 33 46.83 -28.51 61.50
CA LEU A 33 46.32 -27.16 61.60
C LEU A 33 47.38 -26.14 62.02
N TRP A 34 48.40 -26.57 62.76
CA TRP A 34 49.40 -25.66 63.30
C TRP A 34 50.84 -25.98 62.92
N GLY A 35 51.13 -27.19 62.46
CA GLY A 35 52.52 -27.59 62.28
C GLY A 35 53.27 -27.73 63.59
N TYR A 36 52.60 -28.26 64.62
CA TYR A 36 53.17 -28.45 65.94
C TYR A 36 53.19 -29.95 66.27
N LYS A 37 53.56 -30.26 67.51
CA LYS A 37 53.58 -31.63 67.99
C LYS A 37 53.06 -31.68 69.42
N ARG A 38 52.49 -32.83 69.79
CA ARG A 38 51.95 -32.97 71.14
C ARG A 38 53.05 -32.88 72.19
N GLU A 39 54.22 -33.42 71.89
CA GLU A 39 55.35 -33.27 72.81
C GLU A 39 55.76 -31.82 72.94
N GLU A 40 55.69 -31.08 71.84
CA GLU A 40 56.09 -29.66 71.84
C GLU A 40 55.07 -28.76 72.55
N VAL A 41 53.79 -29.13 72.55
CA VAL A 41 52.73 -28.24 73.00
C VAL A 41 52.20 -28.62 74.38
N ILE A 42 52.05 -29.91 74.66
CA ILE A 42 51.39 -30.35 75.89
C ILE A 42 52.16 -29.84 77.10
N GLY A 43 51.45 -29.20 78.02
CA GLY A 43 52.03 -28.64 79.22
C GLY A 43 52.54 -27.22 79.08
N ASN A 44 52.70 -26.73 77.85
CA ASN A 44 53.22 -25.39 77.63
C ASN A 44 52.08 -24.39 77.49
N ASN A 45 52.45 -23.11 77.46
CA ASN A 45 51.48 -22.03 77.36
C ASN A 45 50.86 -22.00 75.95
N ILE A 46 49.67 -21.39 75.87
CA ILE A 46 48.94 -21.28 74.61
C ILE A 46 49.50 -20.18 73.71
N ASP A 47 50.58 -19.51 74.11
CA ASP A 47 51.10 -18.39 73.34
C ASP A 47 51.58 -18.78 71.95
N MET A 48 51.84 -20.07 71.72
CA MET A 48 52.28 -20.50 70.40
C MET A 48 51.14 -20.52 69.38
N LEU A 49 49.91 -20.68 69.85
CA LEU A 49 48.76 -20.88 68.96
C LEU A 49 48.07 -19.58 68.58
N ILE A 50 48.51 -18.44 69.11
CA ILE A 50 47.84 -17.16 68.86
C ILE A 50 48.49 -16.45 67.69
N PRO A 51 47.72 -15.84 66.79
CA PRO A 51 48.33 -15.04 65.70
C PRO A 51 49.15 -13.90 66.26
N ARG A 52 50.24 -13.59 65.56
CA ARG A 52 51.21 -12.61 66.04
C ARG A 52 50.64 -11.21 66.15
N ASP A 53 49.49 -10.94 65.54
CA ASP A 53 48.90 -9.61 65.59
C ASP A 53 48.55 -9.22 67.02
N LEU A 54 47.97 -10.14 67.79
CA LEU A 54 47.49 -9.83 69.13
C LEU A 54 47.84 -10.95 70.11
N ARG A 55 49.09 -11.42 70.06
CA ARG A 55 49.53 -12.48 70.95
C ARG A 55 49.43 -12.13 72.43
N PRO A 56 49.93 -10.97 72.90
CA PRO A 56 49.87 -10.71 74.35
C PRO A 56 48.50 -10.32 74.87
N ALA A 57 47.65 -9.72 74.03
CA ALA A 57 46.33 -9.29 74.46
C ALA A 57 45.28 -10.34 74.08
N HIS A 58 45.30 -11.44 74.84
CA HIS A 58 44.37 -12.56 74.68
C HIS A 58 44.12 -13.24 76.02
N PRO A 59 45.14 -13.38 76.88
CA PRO A 59 44.84 -13.75 78.27
C PRO A 59 43.93 -12.77 78.96
N GLU A 60 43.93 -11.49 78.56
CA GLU A 60 42.97 -10.54 79.11
C GLU A 60 41.54 -10.94 78.75
N TYR A 61 41.31 -11.30 77.49
CA TYR A 61 39.98 -11.77 77.08
C TYR A 61 39.61 -13.03 77.84
N ILE A 62 40.55 -13.97 77.97
CA ILE A 62 40.28 -15.22 78.67
C ILE A 62 39.90 -14.94 80.12
N ARG A 63 40.67 -14.09 80.79
CA ARG A 63 40.40 -13.75 82.18
C ARG A 63 39.06 -13.05 82.33
N HIS A 64 38.73 -12.16 81.38
CA HIS A 64 37.42 -11.49 81.43
C HIS A 64 36.30 -12.49 81.31
N ASN A 65 36.47 -13.51 80.46
CA ASN A 65 35.46 -14.57 80.37
C ASN A 65 35.41 -15.40 81.64
N ARG A 66 36.55 -15.62 82.29
CA ARG A 66 36.63 -16.57 83.40
C ARG A 66 35.71 -16.18 84.54
N GLU A 67 35.68 -14.90 84.91
CA GLU A 67 34.92 -14.45 86.06
C GLU A 67 33.42 -14.34 85.79
N GLY A 68 33.00 -14.38 84.52
CA GLY A 68 31.59 -14.19 84.22
C GLY A 68 30.72 -15.31 84.75
N GLY A 69 31.14 -16.56 84.58
CA GLY A 69 30.36 -17.70 85.00
C GLY A 69 29.25 -18.09 84.05
N LYS A 70 29.17 -17.47 82.87
CA LYS A 70 28.14 -17.81 81.91
C LYS A 70 28.35 -19.22 81.38
N ALA A 71 27.24 -19.89 81.07
CA ALA A 71 27.31 -21.27 80.59
C ALA A 71 27.86 -21.32 79.17
N ARG A 72 27.16 -20.70 78.22
CA ARG A 72 27.60 -20.69 76.83
C ARG A 72 28.69 -19.63 76.62
N VAL A 73 29.65 -19.96 75.76
CA VAL A 73 30.72 -19.04 75.39
C VAL A 73 30.31 -18.44 74.04
N GLU A 74 29.62 -17.31 74.09
CA GLU A 74 29.14 -16.67 72.86
C GLU A 74 30.27 -16.08 72.03
N GLY A 75 31.42 -15.83 72.62
CA GLY A 75 32.54 -15.29 71.87
C GLY A 75 33.21 -16.33 71.01
N MET A 76 34.16 -15.86 70.19
CA MET A 76 34.93 -16.72 69.29
C MET A 76 33.99 -17.47 68.34
N SER A 77 33.09 -16.72 67.70
CA SER A 77 32.01 -17.29 66.92
C SER A 77 32.16 -17.10 65.41
N ALA A 78 33.07 -16.25 64.96
CA ALA A 78 33.24 -15.97 63.55
C ALA A 78 34.50 -16.65 63.02
N GLU A 79 34.52 -16.85 61.69
CA GLU A 79 35.69 -17.40 61.04
C GLU A 79 36.88 -16.46 61.25
N LEU A 80 37.98 -17.00 61.77
CA LEU A 80 39.11 -16.15 62.13
C LEU A 80 40.40 -16.69 61.53
N GLN A 81 41.33 -15.77 61.31
CA GLN A 81 42.62 -16.07 60.68
C GLN A 81 43.57 -16.62 61.74
N LEU A 82 44.11 -17.81 61.48
CA LEU A 82 45.06 -18.47 62.36
C LEU A 82 46.39 -18.61 61.64
N GLU A 83 47.47 -18.17 62.29
CA GLU A 83 48.79 -18.24 61.71
C GLU A 83 49.51 -19.49 62.19
N LYS A 84 50.07 -20.24 61.23
CA LYS A 84 50.77 -21.48 61.55
C LYS A 84 52.18 -21.18 62.04
N LYS A 85 52.95 -22.24 62.29
CA LYS A 85 54.33 -22.07 62.72
C LYS A 85 55.18 -21.40 61.65
N ASP A 86 54.99 -21.79 60.40
CA ASP A 86 55.75 -21.21 59.30
C ASP A 86 55.32 -19.80 58.94
N GLY A 87 54.21 -19.31 59.50
CA GLY A 87 53.70 -18.00 59.21
C GLY A 87 52.51 -17.96 58.28
N SER A 88 52.13 -19.09 57.68
CA SER A 88 50.95 -19.13 56.83
C SER A 88 49.69 -18.93 57.67
N LYS A 89 48.77 -18.13 57.15
CA LYS A 89 47.54 -17.75 57.86
C LYS A 89 46.35 -18.40 57.16
N ILE A 90 45.93 -19.55 57.68
CA ILE A 90 44.71 -20.22 57.22
C ILE A 90 43.51 -19.60 57.90
N TRP A 91 42.31 -19.94 57.44
CA TRP A 91 41.07 -19.52 58.07
C TRP A 91 40.45 -20.70 58.81
N THR A 92 40.10 -20.50 60.08
CA THR A 92 39.58 -21.57 60.92
C THR A 92 38.25 -21.15 61.54
N ARG A 93 37.41 -22.13 61.82
CA ARG A 93 36.14 -21.92 62.50
C ARG A 93 36.20 -22.56 63.88
N PHE A 94 35.93 -21.78 64.90
CA PHE A 94 36.07 -22.21 66.29
C PHE A 94 34.71 -22.53 66.89
N ALA A 95 34.74 -23.32 67.96
CA ALA A 95 33.55 -23.61 68.75
C ALA A 95 34.01 -23.83 70.19
N LEU A 96 33.72 -22.87 71.06
CA LEU A 96 34.23 -22.92 72.42
C LEU A 96 33.25 -23.59 73.37
N SER A 97 33.78 -24.05 74.50
CA SER A 97 32.98 -24.70 75.53
C SER A 97 33.65 -24.47 76.87
N LYS A 98 32.94 -23.88 77.81
CA LYS A 98 33.45 -23.64 79.16
C LYS A 98 33.12 -24.83 80.03
N VAL A 99 34.15 -25.42 80.64
CA VAL A 99 34.00 -26.62 81.47
C VAL A 99 34.48 -26.24 82.87
N SER A 100 33.53 -26.06 83.78
CA SER A 100 33.85 -25.78 85.18
C SER A 100 33.93 -27.11 85.93
N ALA A 101 35.07 -27.79 85.73
CA ALA A 101 35.30 -29.11 86.31
C ALA A 101 36.19 -28.97 87.54
N GLU A 102 35.73 -29.57 88.65
CA GLU A 102 36.47 -29.55 89.92
C GLU A 102 36.75 -28.13 90.40
N GLY A 103 35.84 -27.21 90.11
CA GLY A 103 36.02 -25.83 90.50
C GLY A 103 37.00 -25.04 89.66
N LYS A 104 37.50 -25.62 88.57
CA LYS A 104 38.44 -24.96 87.68
C LYS A 104 37.80 -24.77 86.32
N VAL A 105 37.91 -23.56 85.80
CA VAL A 105 37.30 -23.21 84.51
C VAL A 105 38.24 -23.64 83.39
N TYR A 106 37.85 -24.68 82.67
CA TYR A 106 38.58 -25.13 81.48
C TYR A 106 37.96 -24.49 80.24
N TYR A 107 38.64 -24.67 79.10
CA TYR A 107 38.12 -24.17 77.84
C TYR A 107 38.47 -25.16 76.73
N LEU A 108 37.44 -25.66 76.05
CA LEU A 108 37.60 -26.58 74.93
C LEU A 108 37.25 -25.87 73.63
N ALA A 109 38.01 -26.16 72.57
CA ALA A 109 37.85 -25.48 71.30
C ALA A 109 37.82 -26.53 70.19
N LEU A 110 36.64 -26.76 69.62
CA LEU A 110 36.48 -27.68 68.49
C LEU A 110 36.81 -26.92 67.20
N VAL A 111 38.10 -26.77 66.95
CA VAL A 111 38.57 -26.08 65.76
C VAL A 111 38.30 -26.94 64.53
N ARG A 112 37.82 -26.30 63.46
CA ARG A 112 37.68 -26.98 62.18
C ARG A 112 38.31 -26.13 61.10
N ASP A 113 38.90 -26.80 60.12
CA ASP A 113 39.57 -26.10 59.02
C ASP A 113 38.54 -25.45 58.11
N ALA A 114 38.25 -24.18 58.36
CA ALA A 114 37.29 -23.43 57.57
C ALA A 114 37.89 -22.95 56.26
N SER A 115 39.00 -23.54 55.82
CA SER A 115 39.62 -23.12 54.56
C SER A 115 38.66 -23.30 53.40
N VAL A 116 38.01 -24.46 53.30
CA VAL A 116 37.11 -24.72 52.18
C VAL A 116 35.86 -23.84 52.26
N GLU A 117 35.29 -23.70 53.46
CA GLU A 117 34.08 -22.88 53.60
C GLU A 117 34.36 -21.43 53.30
N MET A 118 35.48 -20.89 53.79
CA MET A 118 35.80 -19.50 53.51
C MET A 118 36.34 -19.30 52.10
N ALA A 119 36.85 -20.34 51.45
CA ALA A 119 37.13 -20.24 50.03
C ALA A 119 35.83 -20.17 49.24
N GLN A 120 34.81 -20.92 49.66
CA GLN A 120 33.49 -20.78 49.07
C GLN A 120 32.93 -19.38 49.29
N LYS A 121 33.15 -18.82 50.48
CA LYS A 121 32.67 -17.47 50.77
C LYS A 121 33.42 -16.42 49.95
N GLU A 122 34.73 -16.61 49.77
CA GLU A 122 35.50 -15.70 48.91
C GLU A 122 35.02 -15.80 47.46
N GLN A 123 34.75 -17.02 47.00
CA GLN A 123 34.22 -17.21 45.66
C GLN A 123 32.87 -16.53 45.49
N THR A 124 31.99 -16.65 46.49
CA THR A 124 30.68 -16.02 46.38
C THR A 124 30.77 -14.51 46.51
N ARG A 125 31.75 -14.00 47.26
CA ARG A 125 31.99 -12.56 47.28
C ARG A 125 32.42 -12.05 45.91
N GLN A 126 33.34 -12.77 45.27
CA GLN A 126 33.78 -12.38 43.93
C GLN A 126 32.66 -12.49 42.92
N LEU A 127 31.83 -13.53 43.04
CA LEU A 127 30.70 -13.69 42.13
C LEU A 127 29.65 -12.63 42.35
N ILE A 128 29.42 -12.23 43.60
CA ILE A 128 28.51 -11.13 43.89
C ILE A 128 29.02 -9.85 43.27
N ILE A 129 30.33 -9.60 43.38
CA ILE A 129 30.92 -8.42 42.76
C ILE A 129 30.73 -8.46 41.26
N ALA A 130 31.00 -9.62 40.64
CA ALA A 130 30.90 -9.73 39.19
C ALA A 130 29.47 -9.68 38.68
N VAL A 131 28.48 -10.04 39.51
CA VAL A 131 27.09 -10.00 39.08
C VAL A 131 26.44 -8.66 39.38
N ASP A 132 26.93 -7.91 40.36
CA ASP A 132 26.46 -6.57 40.61
C ASP A 132 27.21 -5.50 39.83
N HIS A 133 28.35 -5.87 39.23
CA HIS A 133 29.14 -4.89 38.47
C HIS A 133 28.54 -4.62 37.10
N LEU A 134 27.96 -5.63 36.46
CA LEU A 134 27.56 -5.52 35.05
C LEU A 134 26.26 -4.76 34.85
N ASP A 135 25.52 -4.46 35.92
CA ASP A 135 24.23 -3.77 35.83
C ASP A 135 23.29 -4.50 34.87
N ARG A 136 23.24 -5.81 35.00
CA ARG A 136 22.39 -6.67 34.18
C ARG A 136 21.47 -7.48 35.10
N PRO A 137 20.17 -7.21 35.11
CA PRO A 137 19.25 -7.93 36.01
C PRO A 137 19.18 -9.41 35.67
N VAL A 138 19.53 -10.25 36.65
CA VAL A 138 19.53 -11.70 36.48
C VAL A 138 18.91 -12.33 37.73
N ILE A 139 17.96 -13.25 37.52
CA ILE A 139 17.37 -14.01 38.61
C ILE A 139 17.46 -15.50 38.27
N VAL A 140 17.38 -16.32 39.31
CA VAL A 140 17.50 -17.78 39.19
C VAL A 140 16.25 -18.40 39.80
N LEU A 141 15.75 -19.47 39.17
CA LEU A 141 14.49 -20.08 39.57
C LEU A 141 14.66 -21.59 39.70
N ASP A 142 13.91 -22.14 40.64
CA ASP A 142 13.82 -23.58 40.86
C ASP A 142 12.85 -24.20 39.87
N PRO A 143 12.75 -25.54 39.84
CA PRO A 143 11.73 -26.16 38.99
C PRO A 143 10.32 -25.73 39.31
N GLU A 144 10.04 -25.28 40.54
CA GLU A 144 8.75 -24.70 40.89
C GLU A 144 8.59 -23.27 40.41
N ARG A 145 9.61 -22.72 39.73
CA ARG A 145 9.55 -21.40 39.10
C ARG A 145 9.43 -20.27 40.11
N HIS A 146 10.10 -20.40 41.25
CA HIS A 146 10.16 -19.34 42.25
C HIS A 146 11.56 -18.75 42.31
N ILE A 147 11.64 -17.48 42.66
CA ILE A 147 12.92 -16.76 42.67
C ILE A 147 13.74 -17.22 43.87
N VAL A 148 15.00 -17.57 43.62
CA VAL A 148 15.91 -17.96 44.67
C VAL A 148 17.10 -17.01 44.80
N GLN A 149 17.48 -16.32 43.72
CA GLN A 149 18.60 -15.38 43.74
C GLN A 149 18.30 -14.23 42.79
N CYS A 150 18.58 -13.01 43.24
CA CYS A 150 18.42 -11.81 42.43
C CYS A 150 19.72 -11.01 42.48
N ASN A 151 19.74 -9.86 41.79
CA ASN A 151 20.93 -9.04 41.72
C ASN A 151 20.58 -7.57 41.81
N ARG A 152 21.63 -6.75 41.89
CA ARG A 152 21.48 -5.32 42.19
C ARG A 152 20.76 -4.59 41.06
N ALA A 153 21.01 -4.97 39.80
CA ALA A 153 20.31 -4.33 38.70
C ALA A 153 18.81 -4.64 38.73
N PHE A 154 18.47 -5.89 39.04
CA PHE A 154 17.06 -6.27 39.19
C PHE A 154 16.41 -5.46 40.32
N THR A 155 17.12 -5.31 41.44
CA THR A 155 16.60 -4.50 42.53
C THR A 155 16.42 -3.04 42.11
N GLU A 156 17.37 -2.50 41.36
CA GLU A 156 17.29 -1.11 40.93
C GLU A 156 16.11 -0.88 40.00
N MET A 157 15.89 -1.80 39.05
CA MET A 157 14.87 -1.57 38.04
C MET A 157 13.46 -1.97 38.48
N PHE A 158 13.34 -2.90 39.43
CA PHE A 158 12.02 -3.33 39.88
C PHE A 158 11.73 -3.01 41.34
N GLY A 159 12.71 -2.51 42.09
CA GLY A 159 12.45 -2.08 43.45
C GLY A 159 12.19 -3.18 44.45
N TYR A 160 12.67 -4.40 44.20
CA TYR A 160 12.49 -5.52 45.13
C TYR A 160 13.84 -6.10 45.48
N CYS A 161 13.95 -6.61 46.71
CA CYS A 161 15.20 -7.15 47.23
C CYS A 161 15.08 -8.67 47.35
N ILE A 162 16.16 -9.28 47.84
CA ILE A 162 16.18 -10.74 47.97
C ILE A 162 15.17 -11.20 49.01
N SER A 163 14.98 -10.42 50.08
CA SER A 163 14.03 -10.80 51.12
C SER A 163 12.60 -10.81 50.60
N GLU A 164 12.20 -9.72 49.93
CA GLU A 164 10.82 -9.61 49.47
C GLU A 164 10.56 -10.52 48.28
N ALA A 165 11.46 -10.54 47.31
CA ALA A 165 11.26 -11.30 46.07
C ALA A 165 11.97 -12.64 46.15
N SER A 166 11.41 -13.52 46.98
CA SER A 166 11.92 -14.88 47.13
C SER A 166 10.77 -15.81 47.48
N GLY A 167 10.62 -16.88 46.70
CA GLY A 167 9.62 -17.89 46.95
C GLY A 167 8.33 -17.73 46.14
N MET A 168 8.13 -16.57 45.52
CA MET A 168 6.94 -16.32 44.73
C MET A 168 7.26 -16.27 43.25
N GLN A 169 6.26 -16.55 42.44
CA GLN A 169 6.43 -16.51 40.99
C GLN A 169 6.75 -15.08 40.55
N PRO A 170 7.56 -14.91 39.51
CA PRO A 170 7.92 -13.56 39.06
C PRO A 170 6.77 -12.80 38.42
N ASP A 171 5.57 -13.34 38.48
CA ASP A 171 4.38 -12.62 38.02
C ASP A 171 3.44 -12.21 39.14
N THR A 172 3.44 -12.96 40.25
CA THR A 172 2.56 -12.61 41.38
C THR A 172 2.89 -11.24 41.93
N LEU A 173 4.17 -10.93 42.12
CA LEU A 173 4.58 -9.61 42.58
C LEU A 173 4.86 -8.65 41.43
N LEU A 174 4.88 -9.13 40.18
CA LEU A 174 5.15 -8.28 39.02
C LEU A 174 4.00 -8.38 38.03
N ASN A 175 2.77 -8.34 38.52
CA ASN A 175 1.59 -8.42 37.66
C ASN A 175 1.58 -7.30 36.64
N THR A 176 1.09 -7.62 35.45
CA THR A 176 1.03 -6.69 34.33
C THR A 176 -0.09 -5.68 34.54
N PRO A 177 -0.09 -4.57 33.78
CA PRO A 177 -1.15 -3.57 33.91
C PRO A 177 -2.52 -4.07 33.48
N GLU A 178 -3.50 -3.16 33.47
CA GLU A 178 -4.90 -3.53 33.31
C GLU A 178 -5.14 -4.40 32.07
N PHE A 179 -4.43 -4.12 30.98
CA PHE A 179 -4.56 -4.88 29.74
C PHE A 179 -4.29 -6.36 29.98
N PRO A 180 -5.31 -7.22 29.95
CA PRO A 180 -5.12 -8.61 30.37
C PRO A 180 -4.94 -9.61 29.24
N ALA A 181 -5.13 -9.16 27.99
CA ALA A 181 -5.33 -10.11 26.90
C ALA A 181 -4.09 -10.94 26.61
N ASP A 182 -2.91 -10.32 26.57
CA ASP A 182 -1.72 -11.02 26.11
C ASP A 182 -0.57 -11.02 27.11
N ASN A 183 -0.35 -9.92 27.82
CA ASN A 183 0.85 -9.79 28.65
C ASN A 183 0.85 -10.81 29.78
N ARG A 184 -0.27 -10.93 30.50
CA ARG A 184 -0.33 -11.86 31.63
C ARG A 184 -0.15 -13.30 31.17
N ILE A 185 -0.82 -13.68 30.09
CA ILE A 185 -0.74 -15.05 29.61
C ILE A 185 0.66 -15.35 29.10
N ARG A 186 1.28 -14.41 28.39
CA ARG A 186 2.63 -14.63 27.87
C ARG A 186 3.64 -14.72 29.00
N LEU A 187 3.49 -13.88 30.04
CA LEU A 187 4.39 -13.94 31.18
C LEU A 187 4.23 -15.24 31.95
N GLN A 188 2.99 -15.74 32.06
CA GLN A 188 2.79 -17.02 32.73
C GLN A 188 3.29 -18.18 31.89
N GLN A 189 3.24 -18.06 30.57
CA GLN A 189 3.68 -19.14 29.69
C GLN A 189 5.20 -19.20 29.56
N LEU A 190 5.88 -18.05 29.61
CA LEU A 190 7.34 -18.06 29.51
C LEU A 190 7.96 -18.79 30.69
N LEU A 191 7.39 -18.62 31.89
CA LEU A 191 7.87 -19.32 33.07
C LEU A 191 7.72 -20.83 32.98
N TRP A 192 6.86 -21.32 32.09
CA TRP A 192 6.65 -22.76 32.01
C TRP A 192 7.04 -23.29 30.63
N LYS A 193 8.19 -22.85 30.13
CA LYS A 193 8.77 -23.36 28.89
C LYS A 193 9.98 -24.21 29.25
N THR A 194 10.02 -25.44 28.73
CA THR A 194 11.05 -26.39 29.09
C THR A 194 12.34 -26.20 28.29
N ALA A 195 12.37 -25.26 27.34
CA ALA A 195 13.55 -25.00 26.54
C ALA A 195 13.89 -23.52 26.60
N ARG A 196 15.04 -23.16 26.03
CA ARG A 196 15.44 -21.76 25.96
C ARG A 196 14.40 -20.95 25.20
N ASP A 197 13.99 -19.82 25.79
CA ASP A 197 12.98 -18.98 25.18
C ASP A 197 13.13 -17.57 25.72
N GLN A 198 12.37 -16.64 25.14
CA GLN A 198 12.41 -15.26 25.57
C GLN A 198 11.15 -14.55 25.09
N ASP A 199 10.83 -13.45 25.77
CA ASP A 199 9.63 -12.67 25.48
C ASP A 199 9.86 -11.24 25.95
N GLU A 200 8.86 -10.39 25.70
CA GLU A 200 8.88 -9.00 26.12
C GLU A 200 7.59 -8.68 26.86
N PHE A 201 7.72 -7.95 27.98
CA PHE A 201 6.60 -7.75 28.89
C PHE A 201 6.52 -6.32 29.37
N LEU A 202 5.33 -5.94 29.82
CA LEU A 202 5.12 -4.78 30.68
C LEU A 202 5.02 -5.26 32.12
N LEU A 203 5.95 -4.81 32.96
CA LEU A 203 5.93 -5.14 34.37
C LEU A 203 5.81 -3.87 35.19
N LEU A 204 5.27 -4.02 36.40
CA LEU A 204 4.98 -2.90 37.28
C LEU A 204 6.05 -2.81 38.37
N THR A 205 6.61 -1.61 38.54
CA THR A 205 7.56 -1.39 39.61
C THR A 205 6.85 -1.30 40.95
N ARG A 206 7.63 -1.30 42.03
CA ARG A 206 7.06 -1.14 43.36
C ARG A 206 6.35 0.20 43.50
N THR A 207 6.91 1.26 42.92
CA THR A 207 6.25 2.55 42.93
C THR A 207 5.08 2.57 41.94
N GLY A 208 5.27 2.00 40.76
CA GLY A 208 4.16 1.87 39.82
C GLY A 208 4.42 2.32 38.40
N GLU A 209 5.68 2.56 38.03
CA GLU A 209 5.99 2.97 36.66
C GLU A 209 5.81 1.80 35.69
N LYS A 210 5.61 2.16 34.43
CA LYS A 210 5.44 1.18 33.34
C LYS A 210 6.77 1.04 32.62
N ILE A 211 7.40 -0.13 32.76
CA ILE A 211 8.68 -0.41 32.13
C ILE A 211 8.54 -1.63 31.24
N TRP A 212 8.91 -1.47 29.97
CA TRP A 212 9.01 -2.59 29.04
C TRP A 212 10.33 -3.32 29.26
N ILE A 213 10.26 -4.63 29.46
CA ILE A 213 11.44 -5.44 29.71
C ILE A 213 11.47 -6.61 28.74
N LYS A 214 12.68 -7.15 28.54
CA LYS A 214 12.89 -8.35 27.74
C LYS A 214 13.39 -9.45 28.66
N ALA A 215 12.58 -10.48 28.85
CA ALA A 215 12.90 -11.58 29.74
C ALA A 215 13.31 -12.81 28.95
N SER A 216 14.48 -13.36 29.28
CA SER A 216 15.01 -14.53 28.59
C SER A 216 15.19 -15.64 29.62
N ILE A 217 14.46 -16.74 29.43
CA ILE A 217 14.54 -17.90 30.31
C ILE A 217 15.35 -18.98 29.61
N SER A 218 16.28 -19.58 30.35
CA SER A 218 17.06 -20.68 29.80
C SER A 218 17.26 -21.73 30.90
N PRO A 219 17.03 -23.00 30.59
CA PRO A 219 17.19 -24.05 31.60
C PRO A 219 18.63 -24.51 31.71
N VAL A 220 19.00 -24.90 32.93
CA VAL A 220 20.29 -25.51 33.23
C VAL A 220 20.01 -26.90 33.79
N TYR A 221 20.58 -27.91 33.15
CA TYR A 221 20.27 -29.30 33.42
C TYR A 221 21.37 -29.94 34.25
N ASP A 222 20.99 -30.91 35.08
CA ASP A 222 21.93 -31.62 35.92
C ASP A 222 22.71 -32.64 35.09
N VAL A 223 23.54 -33.43 35.78
CA VAL A 223 24.31 -34.48 35.11
C VAL A 223 23.38 -35.55 34.56
N LEU A 224 22.29 -35.84 35.25
CA LEU A 224 21.32 -36.84 34.82
C LEU A 224 20.36 -36.33 33.74
N ALA A 225 20.71 -35.22 33.09
CA ALA A 225 19.86 -34.61 32.06
C ALA A 225 18.47 -34.29 32.59
N HIS A 226 18.43 -33.73 33.81
CA HIS A 226 17.19 -33.33 34.44
C HIS A 226 17.24 -31.84 34.74
N LEU A 227 16.08 -31.18 34.67
CA LEU A 227 15.98 -29.75 34.92
C LEU A 227 16.46 -29.42 36.33
N GLN A 228 17.59 -28.72 36.42
CA GLN A 228 18.14 -28.29 37.70
C GLN A 228 17.72 -26.88 38.06
N ASN A 229 17.87 -25.93 37.14
CA ASN A 229 17.49 -24.55 37.40
C ASN A 229 16.99 -23.90 36.12
N LEU A 230 16.44 -22.70 36.26
CA LEU A 230 16.05 -21.90 35.11
C LEU A 230 16.46 -20.46 35.38
N VAL A 231 17.35 -19.91 34.58
CA VAL A 231 17.84 -18.55 34.79
C VAL A 231 17.08 -17.61 33.87
N MET A 232 16.65 -16.49 34.44
CA MET A 232 15.94 -15.43 33.72
C MET A 232 16.80 -14.19 33.71
N THR A 233 17.07 -13.67 32.52
CA THR A 233 17.83 -12.43 32.35
C THR A 233 16.84 -11.38 31.86
N PHE A 234 16.75 -10.26 32.59
CA PHE A 234 15.90 -9.17 32.18
C PHE A 234 16.74 -8.02 31.64
N SER A 235 16.38 -7.55 30.45
CA SER A 235 17.03 -6.40 29.85
C SER A 235 16.02 -5.26 29.81
N ASP A 236 16.42 -4.10 30.34
CA ASP A 236 15.60 -2.91 30.26
C ASP A 236 15.60 -2.44 28.81
N ILE A 237 14.47 -2.61 28.13
CA ILE A 237 14.41 -2.40 26.69
C ILE A 237 13.47 -1.26 26.35
N THR A 238 13.40 -0.25 27.22
CA THR A 238 12.69 0.97 26.84
C THR A 238 13.38 1.64 25.66
N GLU A 239 14.68 1.87 25.76
CA GLU A 239 15.42 2.46 24.65
C GLU A 239 15.51 1.51 23.48
N GLU A 240 15.62 0.20 23.74
CA GLU A 240 15.63 -0.78 22.66
C GLU A 240 14.33 -0.73 21.87
N ARG A 241 13.19 -0.64 22.56
CA ARG A 241 11.93 -0.55 21.85
C ARG A 241 11.75 0.80 21.18
N GLN A 242 12.33 1.87 21.73
CA GLN A 242 12.32 3.15 21.03
C GLN A 242 13.06 3.05 19.70
N ILE A 243 14.25 2.44 19.72
CA ILE A 243 15.01 2.30 18.47
C ILE A 243 14.32 1.30 17.54
N ARG A 244 13.58 0.33 18.09
CA ARG A 244 12.86 -0.62 17.25
C ARG A 244 11.67 0.04 16.58
N GLN A 245 10.98 0.93 17.29
CA GLN A 245 9.92 1.72 16.68
C GLN A 245 10.48 2.66 15.62
N LEU A 246 11.66 3.24 15.87
CA LEU A 246 12.34 4.02 14.86
C LEU A 246 12.62 3.18 13.61
N GLU A 247 13.14 1.97 13.81
CA GLU A 247 13.40 1.07 12.69
C GLU A 247 12.13 0.76 11.93
N GLY A 248 11.05 0.47 12.65
CA GLY A 248 9.79 0.15 11.99
C GLY A 248 9.24 1.31 11.18
N ASN A 249 9.30 2.52 11.74
CA ASN A 249 8.76 3.68 11.03
C ASN A 249 9.61 4.01 9.81
N ILE A 250 10.94 3.98 9.94
CA ILE A 250 11.80 4.25 8.79
C ILE A 250 11.64 3.17 7.74
N LEU A 251 11.43 1.92 8.15
CA LEU A 251 11.19 0.86 7.19
C LEU A 251 9.88 1.06 6.45
N ALA A 252 8.80 1.38 7.19
CA ALA A 252 7.51 1.61 6.56
C ALA A 252 7.56 2.81 5.62
N ALA A 253 8.45 3.77 5.89
CA ALA A 253 8.62 4.88 4.97
C ALA A 253 9.41 4.47 3.73
N MET A 254 10.63 3.94 3.93
CA MET A 254 11.52 3.66 2.81
C MET A 254 10.94 2.60 1.88
N CYS A 255 10.35 1.53 2.43
CA CYS A 255 9.71 0.53 1.59
C CYS A 255 8.52 1.10 0.82
N SER A 256 7.92 2.18 1.32
CA SER A 256 6.86 2.88 0.59
C SER A 256 7.40 3.97 -0.32
N SER A 257 8.71 4.22 -0.29
CA SER A 257 9.38 5.13 -1.22
C SER A 257 8.83 6.55 -1.13
N PRO A 258 9.13 7.28 -0.06
CA PRO A 258 8.59 8.62 0.11
C PRO A 258 9.48 9.65 -0.55
N PRO A 259 9.05 10.91 -0.62
CA PRO A 259 9.95 11.96 -1.13
C PRO A 259 11.17 12.14 -0.25
N PHE A 260 12.21 12.75 -0.84
CA PHE A 260 13.50 12.85 -0.18
C PHE A 260 13.42 13.68 1.10
N HIS A 261 12.86 14.88 1.00
CA HIS A 261 12.82 15.78 2.16
C HIS A 261 11.85 15.28 3.21
N GLU A 262 10.73 14.69 2.80
CA GLU A 262 9.82 14.09 3.77
C GLU A 262 10.45 12.92 4.48
N MET A 263 11.26 12.12 3.77
CA MET A 263 12.01 11.05 4.42
C MET A 263 12.98 11.60 5.45
N GLY A 264 13.69 12.68 5.09
CA GLY A 264 14.53 13.33 6.07
C GLY A 264 13.76 13.80 7.28
N GLU A 265 12.58 14.38 7.05
CA GLU A 265 11.75 14.88 8.15
C GLU A 265 11.29 13.76 9.06
N ILE A 266 10.87 12.63 8.51
CA ILE A 266 10.40 11.54 9.36
C ILE A 266 11.56 10.92 10.12
N ILE A 267 12.74 10.82 9.49
CA ILE A 267 13.92 10.36 10.22
C ILE A 267 14.22 11.28 11.39
N CYS A 268 14.20 12.59 11.14
CA CYS A 268 14.48 13.55 12.20
C CYS A 268 13.42 13.48 13.30
N ARG A 269 12.16 13.29 12.92
CA ARG A 269 11.07 13.21 13.90
C ARG A 269 11.22 11.97 14.78
N ASN A 270 11.58 10.84 14.20
CA ASN A 270 11.83 9.65 15.03
C ASN A 270 13.02 9.86 15.94
N ILE A 271 14.09 10.47 15.44
CA ILE A 271 15.27 10.71 16.28
C ILE A 271 14.90 11.61 17.45
N GLU A 272 14.10 12.65 17.19
CA GLU A 272 13.67 13.54 18.29
C GLU A 272 12.74 12.83 19.25
N SER A 273 11.85 11.97 18.74
CA SER A 273 10.94 11.23 19.62
C SER A 273 11.71 10.27 20.52
N VAL A 274 12.86 9.78 20.06
CA VAL A 274 13.70 8.95 20.91
C VAL A 274 14.60 9.79 21.82
N LEU A 275 15.00 10.98 21.38
CA LEU A 275 15.92 11.85 22.12
C LEU A 275 15.23 13.19 22.35
N ASN A 276 14.68 13.36 23.55
CA ASN A 276 13.90 14.56 23.85
C ASN A 276 14.78 15.80 23.85
N GLU A 277 14.17 16.93 23.48
CA GLU A 277 14.78 18.26 23.44
C GLU A 277 16.21 18.23 22.90
N SER A 278 16.31 17.79 21.65
CA SER A 278 17.57 17.75 20.92
C SER A 278 17.42 18.48 19.59
N HIS A 279 18.53 18.65 18.89
CA HIS A 279 18.56 19.24 17.55
C HIS A 279 19.21 18.25 16.60
N VAL A 280 18.63 18.09 15.42
CA VAL A 280 19.12 17.14 14.43
C VAL A 280 19.28 17.84 13.10
N SER A 281 20.41 17.61 12.44
CA SER A 281 20.68 18.18 11.13
C SER A 281 21.23 17.09 10.22
N LEU A 282 20.92 17.19 8.93
CA LEU A 282 21.25 16.15 7.98
C LEU A 282 21.63 16.79 6.65
N PHE A 283 22.81 16.45 6.14
CA PHE A 283 23.33 17.06 4.92
C PHE A 283 23.80 15.97 3.97
N ALA A 284 23.50 16.16 2.69
CA ALA A 284 24.03 15.30 1.63
C ALA A 284 25.27 15.95 1.02
N LEU A 285 26.07 15.14 0.33
CA LEU A 285 27.30 15.60 -0.29
C LEU A 285 27.08 15.65 -1.80
N ARG A 286 26.81 16.85 -2.31
CA ARG A 286 26.64 17.07 -3.74
C ARG A 286 27.82 17.88 -4.26
N ASN A 287 28.57 17.30 -5.19
CA ASN A 287 29.81 17.90 -5.70
C ASN A 287 30.81 18.19 -4.58
N GLY A 288 30.78 17.37 -3.53
CA GLY A 288 31.63 17.59 -2.39
C GLY A 288 31.17 18.68 -1.45
N MET A 289 29.99 19.26 -1.68
CA MET A 289 29.47 20.34 -0.86
C MET A 289 28.27 19.88 -0.05
N PRO A 290 28.06 20.46 1.14
CA PRO A 290 26.91 20.06 1.97
C PRO A 290 25.62 20.72 1.49
N ILE A 291 24.60 19.90 1.25
CA ILE A 291 23.27 20.35 0.89
C ILE A 291 22.31 19.92 1.98
N HIS A 292 21.56 20.87 2.52
CA HIS A 292 20.72 20.64 3.70
C HIS A 292 19.51 19.80 3.30
N TRP A 293 19.53 18.52 3.67
CA TRP A 293 18.40 17.64 3.36
C TRP A 293 17.23 17.90 4.30
N ALA A 294 17.46 17.84 5.60
CA ALA A 294 16.38 18.05 6.56
C ALA A 294 16.97 18.41 7.92
N SER A 295 16.11 18.97 8.76
CA SER A 295 16.44 19.32 10.14
C SER A 295 15.16 19.57 10.90
N SER A 296 15.22 19.35 12.22
CA SER A 296 14.05 19.58 13.06
C SER A 296 13.79 21.07 13.20
N SER A 297 12.49 21.43 13.21
CA SER A 297 12.11 22.83 13.38
C SER A 297 12.29 23.31 14.81
N HIS A 298 12.50 22.40 15.78
CA HIS A 298 12.68 22.77 17.18
C HIS A 298 14.15 23.14 17.40
N GLY A 299 14.48 24.38 17.05
CA GLY A 299 15.83 24.87 17.21
C GLY A 299 16.10 25.53 18.55
N ALA A 300 15.68 24.87 19.62
CA ALA A 300 15.88 25.42 20.96
C ALA A 300 17.36 25.41 21.33
N GLU A 301 17.79 26.47 22.01
CA GLU A 301 19.18 26.59 22.43
C GLU A 301 19.45 25.71 23.64
N ILE A 302 20.58 25.00 23.60
CA ILE A 302 21.00 24.10 24.67
C ILE A 302 22.39 24.51 25.12
N GLN A 303 22.57 24.65 26.43
CA GLN A 303 23.84 25.06 27.01
C GLN A 303 24.69 23.84 27.32
N ASN A 304 26.00 23.94 27.01
CA ASN A 304 26.96 22.88 27.24
C ASN A 304 26.53 21.57 26.56
N ALA A 305 25.98 21.69 25.36
CA ALA A 305 25.50 20.53 24.63
C ALA A 305 26.63 19.83 23.90
N GLN A 306 26.46 18.53 23.68
CA GLN A 306 27.41 17.73 22.92
C GLN A 306 26.82 17.43 21.55
N SER A 307 27.65 17.59 20.51
CA SER A 307 27.24 17.36 19.13
C SER A 307 28.03 16.18 18.58
N TRP A 308 27.33 15.10 18.28
CA TRP A 308 27.91 13.90 17.67
C TRP A 308 27.62 13.93 16.17
N SER A 309 28.67 13.84 15.36
CA SER A 309 28.55 13.86 13.91
C SER A 309 29.00 12.53 13.35
N ALA A 310 28.20 11.98 12.45
CA ALA A 310 28.50 10.71 11.80
C ALA A 310 28.60 10.93 10.30
N THR A 311 29.65 10.36 9.69
CA THR A 311 29.86 10.47 8.25
C THR A 311 29.10 9.35 7.56
N ILE A 312 27.92 9.69 7.02
CA ILE A 312 27.13 8.74 6.25
C ILE A 312 27.92 8.38 5.00
N ARG A 313 28.31 7.11 4.90
CA ARG A 313 29.13 6.61 3.81
C ARG A 313 28.29 5.81 2.82
N GLN A 314 28.87 5.53 1.66
CA GLN A 314 28.22 4.74 0.64
C GLN A 314 28.52 3.25 0.86
N ARG A 315 28.02 2.42 -0.05
CA ARG A 315 28.26 0.99 0.05
C ARG A 315 29.73 0.66 -0.11
N ASP A 316 30.41 1.32 -1.05
CA ASP A 316 31.83 1.08 -1.29
C ASP A 316 32.73 1.80 -0.31
N GLY A 317 32.18 2.67 0.55
CA GLY A 317 32.96 3.40 1.53
C GLY A 317 33.15 4.87 1.20
N ALA A 318 32.77 5.31 0.01
CA ALA A 318 32.89 6.73 -0.32
C ALA A 318 31.91 7.55 0.52
N PRO A 319 32.32 8.73 1.00
CA PRO A 319 31.42 9.55 1.80
C PRO A 319 30.20 10.00 1.01
N ALA A 320 29.08 10.13 1.70
CA ALA A 320 27.82 10.56 1.09
C ALA A 320 27.11 11.67 1.85
N GLY A 321 27.34 11.84 3.14
CA GLY A 321 26.65 12.89 3.87
C GLY A 321 27.14 13.00 5.30
N ILE A 322 26.54 13.95 6.01
CA ILE A 322 26.87 14.21 7.41
C ILE A 322 25.58 14.24 8.21
N LEU A 323 25.54 13.49 9.32
CA LEU A 323 24.39 13.43 10.21
C LEU A 323 24.83 13.93 11.58
N GLN A 324 24.31 15.07 11.99
CA GLN A 324 24.75 15.75 13.21
C GLN A 324 23.62 15.79 14.22
N ILE A 325 23.87 15.33 15.44
CA ILE A 325 22.89 15.34 16.52
C ILE A 325 23.48 16.09 17.69
N LYS A 326 22.85 17.21 18.07
CA LYS A 326 23.26 17.99 19.22
C LYS A 326 22.25 17.77 20.34
N THR A 327 22.75 17.43 21.53
CA THR A 327 21.86 17.11 22.63
C THR A 327 22.52 17.46 23.95
N SER A 328 21.70 17.59 24.99
CA SER A 328 22.19 17.90 26.33
C SER A 328 23.12 16.79 26.81
N SER A 329 24.26 17.18 27.36
CA SER A 329 25.21 16.22 27.89
C SER A 329 24.72 15.70 29.23
N GLY A 330 24.58 14.38 29.33
CA GLY A 330 24.08 13.72 30.52
C GLY A 330 22.60 13.42 30.49
N ALA A 331 21.83 14.08 29.62
CA ALA A 331 20.41 13.77 29.50
C ALA A 331 20.19 12.42 28.83
N GLU A 332 20.95 12.14 27.77
CA GLU A 332 20.89 10.87 27.07
C GLU A 332 22.29 10.29 26.98
N THR A 333 22.40 8.98 27.19
CA THR A 333 23.70 8.35 27.29
C THR A 333 24.43 8.36 25.94
N SER A 334 25.75 8.53 26.00
CA SER A 334 26.55 8.66 24.79
C SER A 334 26.51 7.40 23.94
N ALA A 335 26.54 6.23 24.58
CA ALA A 335 26.48 4.98 23.81
C ALA A 335 25.15 4.84 23.09
N PHE A 336 24.05 5.25 23.73
CA PHE A 336 22.76 5.23 23.06
C PHE A 336 22.76 6.20 21.89
N ILE A 337 23.37 7.38 22.07
CA ILE A 337 23.51 8.31 20.95
C ILE A 337 24.28 7.65 19.81
N GLU A 338 25.34 6.91 20.13
CA GLU A 338 26.13 6.23 19.11
C GLU A 338 25.28 5.24 18.34
N ARG A 339 24.52 4.40 19.06
CA ARG A 339 23.72 3.37 18.39
C ARG A 339 22.62 3.98 17.53
N VAL A 340 21.92 4.99 18.06
CA VAL A 340 20.87 5.66 17.30
C VAL A 340 21.46 6.30 16.05
N ALA A 341 22.60 6.98 16.20
CA ALA A 341 23.23 7.65 15.07
C ALA A 341 23.70 6.64 14.03
N ASP A 342 24.18 5.47 14.46
CA ASP A 342 24.64 4.46 13.51
C ASP A 342 23.47 3.88 12.72
N ILE A 343 22.38 3.54 13.41
CA ILE A 343 21.22 2.98 12.71
C ILE A 343 20.64 4.01 11.74
N SER A 344 20.48 5.25 12.21
CA SER A 344 20.00 6.31 11.33
C SER A 344 20.99 6.58 10.20
N GLN A 345 22.28 6.38 10.45
CA GLN A 345 23.28 6.53 9.40
C GLN A 345 23.08 5.50 8.30
N HIS A 346 22.82 4.25 8.67
CA HIS A 346 22.54 3.24 7.66
C HIS A 346 21.27 3.56 6.89
N MET A 347 20.21 3.97 7.60
CA MET A 347 18.95 4.30 6.95
C MET A 347 19.14 5.44 5.96
N ALA A 348 19.71 6.55 6.42
CA ALA A 348 19.93 7.71 5.57
C ALA A 348 20.95 7.41 4.47
N ALA A 349 21.86 6.46 4.71
CA ALA A 349 22.80 6.06 3.67
C ALA A 349 22.07 5.42 2.50
N LEU A 350 21.19 4.47 2.79
CA LEU A 350 20.43 3.84 1.71
C LEU A 350 19.53 4.87 1.04
N ALA A 351 18.89 5.74 1.82
CA ALA A 351 18.09 6.81 1.25
C ALA A 351 18.93 7.69 0.32
N LEU A 352 20.18 7.93 0.68
CA LEU A 352 21.04 8.80 -0.11
C LEU A 352 21.50 8.12 -1.39
N GLU A 353 21.79 6.80 -1.35
CA GLU A 353 22.09 6.14 -2.61
C GLU A 353 20.87 6.12 -3.53
N GLN A 354 19.67 5.91 -2.96
CA GLN A 354 18.47 5.97 -3.78
C GLN A 354 18.30 7.36 -4.40
N GLU A 355 18.51 8.41 -3.61
CA GLU A 355 18.38 9.76 -4.13
C GLU A 355 19.44 10.06 -5.18
N LYS A 356 20.67 9.58 -4.98
CA LYS A 356 21.72 9.79 -5.96
C LYS A 356 21.41 9.09 -7.27
N SER A 357 20.87 7.87 -7.20
CA SER A 357 20.42 7.19 -8.40
C SER A 357 19.32 7.97 -9.10
N ARG A 358 18.39 8.53 -8.32
CA ARG A 358 17.29 9.29 -8.91
C ARG A 358 17.75 10.63 -9.48
N GLN A 359 18.85 11.18 -8.96
CA GLN A 359 19.23 12.54 -9.33
C GLN A 359 19.63 12.64 -10.80
N HIS A 360 20.42 11.71 -11.31
CA HIS A 360 20.88 11.78 -12.69
C HIS A 360 19.92 11.13 -13.66
N ILE A 361 18.76 10.65 -13.19
CA ILE A 361 17.76 10.05 -14.07
C ILE A 361 16.43 10.78 -14.03
N GLU A 362 16.21 11.70 -13.07
CA GLU A 362 14.94 12.42 -13.00
C GLU A 362 14.79 13.37 -14.18
N GLN A 363 15.88 14.02 -14.59
CA GLN A 363 15.82 14.90 -15.75
C GLN A 363 15.63 14.15 -17.06
N LEU A 364 15.77 12.82 -17.04
CA LEU A 364 15.63 12.01 -18.25
C LEU A 364 14.34 11.20 -18.29
N ILE A 365 13.76 10.86 -17.14
CA ILE A 365 12.52 10.09 -17.14
C ILE A 365 11.37 10.98 -17.57
N GLN A 366 10.36 10.36 -18.19
CA GLN A 366 9.20 11.07 -18.70
C GLN A 366 7.89 10.68 -18.04
N PHE A 367 7.90 9.71 -17.12
CA PHE A 367 6.69 9.26 -16.47
C PHE A 367 6.93 9.06 -14.98
N ASP A 368 5.86 9.21 -14.21
CA ASP A 368 5.92 8.97 -12.78
C ASP A 368 5.81 7.47 -12.51
N PRO A 369 6.83 6.83 -11.90
CA PRO A 369 6.77 5.38 -11.69
C PRO A 369 5.71 4.94 -10.70
N MET A 370 4.95 5.86 -10.12
CA MET A 370 3.93 5.51 -9.14
C MET A 370 2.52 5.47 -9.74
N THR A 371 2.07 6.57 -10.32
CA THR A 371 0.70 6.68 -10.83
C THR A 371 0.62 6.54 -12.35
N GLY A 372 1.74 6.34 -13.03
CA GLY A 372 1.73 6.22 -14.48
C GLY A 372 1.44 7.50 -15.22
N LEU A 373 1.34 8.63 -14.53
CA LEU A 373 1.07 9.91 -15.15
C LEU A 373 2.36 10.57 -15.60
N PRO A 374 2.30 11.44 -16.61
CA PRO A 374 3.49 12.19 -17.01
C PRO A 374 4.02 13.04 -15.87
N ASN A 375 5.33 13.22 -15.86
CA ASN A 375 6.01 13.90 -14.76
C ASN A 375 6.24 15.37 -15.09
N ARG A 376 7.03 16.04 -14.25
CA ARG A 376 7.28 17.46 -14.40
C ARG A 376 8.01 17.77 -15.71
N ASN A 377 8.95 16.91 -16.11
CA ASN A 377 9.66 17.11 -17.36
C ASN A 377 8.72 17.03 -18.55
N ASN A 378 7.83 16.03 -18.55
CA ASN A 378 6.84 15.91 -19.63
C ASN A 378 5.92 17.11 -19.65
N LEU A 379 5.50 17.60 -18.48
CA LEU A 379 4.67 18.80 -18.43
C LEU A 379 5.40 20.00 -18.99
N HIS A 380 6.69 20.15 -18.65
CA HIS A 380 7.47 21.26 -19.17
C HIS A 380 7.59 21.18 -20.69
N ASN A 381 7.84 19.98 -21.23
CA ASN A 381 7.94 19.82 -22.67
C ASN A 381 6.62 20.14 -23.35
N TYR A 382 5.51 19.68 -22.78
CA TYR A 382 4.19 19.94 -23.37
C TYR A 382 3.88 21.44 -23.36
N LEU A 383 4.17 22.12 -22.25
CA LEU A 383 3.91 23.55 -22.16
C LEU A 383 4.81 24.33 -23.10
N ASP A 384 6.09 23.91 -23.23
CA ASP A 384 6.99 24.56 -24.17
C ASP A 384 6.50 24.40 -25.61
N ASP A 385 6.01 23.20 -25.95
CA ASP A 385 5.44 23.00 -27.29
C ASP A 385 4.24 23.90 -27.50
N LEU A 386 3.37 24.01 -26.50
CA LEU A 386 2.20 24.88 -26.62
C LEU A 386 2.60 26.34 -26.85
N VAL A 387 3.51 26.85 -26.02
CA VAL A 387 3.89 28.26 -26.14
C VAL A 387 4.66 28.51 -27.44
N ASP A 388 5.44 27.54 -27.91
CA ASP A 388 6.10 27.68 -29.20
C ASP A 388 5.09 27.68 -30.34
N LYS A 389 4.05 26.87 -30.24
CA LYS A 389 2.96 26.90 -31.22
C LYS A 389 2.01 28.08 -31.00
N ALA A 390 2.28 28.90 -29.99
CA ALA A 390 1.51 30.12 -29.72
C ALA A 390 0.07 29.78 -29.32
N VAL A 391 -0.06 28.86 -28.37
CA VAL A 391 -1.34 28.50 -27.77
C VAL A 391 -1.28 28.91 -26.30
N SER A 392 -2.37 29.49 -25.81
CA SER A 392 -2.40 29.94 -24.44
C SER A 392 -3.13 28.90 -23.58
N PRO A 393 -2.41 28.14 -22.77
CA PRO A 393 -3.06 27.10 -21.96
C PRO A 393 -3.50 27.66 -20.60
N VAL A 394 -4.39 26.91 -19.96
CA VAL A 394 -4.87 27.23 -18.63
C VAL A 394 -4.41 26.11 -17.71
N VAL A 395 -3.65 26.46 -16.67
CA VAL A 395 -3.07 25.46 -15.78
C VAL A 395 -3.82 25.48 -14.45
N TYR A 396 -4.31 24.30 -14.05
CA TYR A 396 -4.95 24.10 -12.76
C TYR A 396 -3.98 23.28 -11.92
N LEU A 397 -3.38 23.90 -10.91
CA LEU A 397 -2.65 23.14 -9.90
C LEU A 397 -3.66 22.62 -8.89
N ILE A 398 -3.79 21.31 -8.82
CA ILE A 398 -4.68 20.64 -7.88
C ILE A 398 -3.83 20.13 -6.73
N GLY A 399 -4.13 20.60 -5.53
CA GLY A 399 -3.49 20.10 -4.34
C GLY A 399 -4.48 19.28 -3.55
N VAL A 400 -4.26 17.97 -3.50
CA VAL A 400 -5.13 17.05 -2.79
C VAL A 400 -4.73 17.13 -1.32
N ASP A 401 -5.45 17.94 -0.54
CA ASP A 401 -5.07 18.13 0.85
C ASP A 401 -5.80 17.11 1.73
N HIS A 402 -5.56 17.21 3.03
CA HIS A 402 -6.09 16.25 4.00
C HIS A 402 -5.66 14.83 3.67
N ILE A 403 -4.41 14.69 3.21
CA ILE A 403 -3.81 13.37 2.99
C ILE A 403 -3.10 12.87 4.25
N GLN A 404 -2.69 13.78 5.13
CA GLN A 404 -2.02 13.38 6.36
C GLN A 404 -2.89 12.47 7.21
N ASP A 405 -4.22 12.60 7.10
CA ASP A 405 -5.11 11.75 7.89
C ASP A 405 -4.95 10.28 7.51
N VAL A 406 -5.01 9.97 6.21
CA VAL A 406 -4.76 8.59 5.80
C VAL A 406 -3.31 8.21 5.99
N ILE A 407 -2.38 9.16 5.88
CA ILE A 407 -0.97 8.88 6.13
C ILE A 407 -0.78 8.31 7.53
N ASP A 408 -1.34 8.99 8.54
CA ASP A 408 -1.14 8.58 9.92
C ASP A 408 -2.23 7.67 10.46
N SER A 409 -3.25 7.34 9.66
CA SER A 409 -4.23 6.37 10.09
C SER A 409 -4.02 5.00 9.48
N LEU A 410 -3.64 4.93 8.19
CA LEU A 410 -3.45 3.66 7.51
C LEU A 410 -2.00 3.42 7.13
N GLY A 411 -1.39 4.35 6.42
CA GLY A 411 0.00 4.20 6.01
C GLY A 411 0.24 4.87 4.67
N TYR A 412 1.52 4.95 4.32
CA TYR A 412 1.90 5.56 3.04
C TYR A 412 1.36 4.78 1.86
N ALA A 413 1.31 3.44 1.98
CA ALA A 413 0.78 2.63 0.90
C ALA A 413 -0.70 2.93 0.65
N TRP A 414 -1.51 2.91 1.71
CA TRP A 414 -2.92 3.21 1.56
C TRP A 414 -3.16 4.65 1.13
N ALA A 415 -2.31 5.58 1.56
CA ALA A 415 -2.45 6.96 1.13
C ALA A 415 -2.14 7.10 -0.36
N ASP A 416 -1.12 6.39 -0.83
CA ASP A 416 -0.81 6.39 -2.25
C ASP A 416 -1.94 5.75 -3.04
N GLN A 417 -2.61 4.75 -2.46
CA GLN A 417 -3.78 4.18 -3.11
C GLN A 417 -4.96 5.15 -3.12
N ALA A 418 -5.10 5.98 -2.09
CA ALA A 418 -6.07 7.06 -2.12
C ALA A 418 -5.76 8.03 -3.26
N LEU A 419 -4.47 8.35 -3.43
CA LEU A 419 -4.05 9.18 -4.56
C LEU A 419 -4.43 8.52 -5.88
N LEU A 420 -4.22 7.20 -5.99
CA LEU A 420 -4.59 6.48 -7.20
C LEU A 420 -6.09 6.54 -7.45
N GLU A 421 -6.90 6.38 -6.40
CA GLU A 421 -8.34 6.47 -6.56
C GLU A 421 -8.77 7.86 -7.02
N VAL A 422 -8.15 8.90 -6.45
CA VAL A 422 -8.46 10.27 -6.86
C VAL A 422 -8.09 10.50 -8.32
N VAL A 423 -6.90 10.04 -8.73
CA VAL A 423 -6.51 10.25 -10.12
C VAL A 423 -7.33 9.39 -11.07
N ASN A 424 -7.84 8.24 -10.60
CA ASN A 424 -8.72 7.45 -11.45
C ASN A 424 -10.08 8.10 -11.61
N ARG A 425 -10.57 8.77 -10.57
CA ARG A 425 -11.76 9.60 -10.71
C ARG A 425 -11.50 10.73 -11.70
N PHE A 426 -10.32 11.34 -11.62
CA PHE A 426 -9.95 12.37 -12.59
C PHE A 426 -9.94 11.82 -14.00
N ARG A 427 -9.41 10.60 -14.19
CA ARG A 427 -9.39 9.97 -15.50
C ARG A 427 -10.80 9.69 -16.00
N GLU A 428 -11.68 9.19 -15.13
CA GLU A 428 -13.04 8.87 -15.56
C GLU A 428 -13.86 10.12 -15.86
N LYS A 429 -13.52 11.26 -15.27
CA LYS A 429 -14.16 12.53 -15.64
C LYS A 429 -13.30 13.38 -16.56
N LEU A 430 -12.22 12.82 -17.12
CA LEU A 430 -11.34 13.57 -17.98
C LEU A 430 -11.95 13.75 -19.37
N LYS A 431 -11.33 14.62 -20.15
CA LYS A 431 -11.76 14.97 -21.49
C LYS A 431 -10.62 14.81 -22.47
N PRO A 432 -10.92 14.60 -23.76
CA PRO A 432 -9.84 14.32 -24.74
C PRO A 432 -8.80 15.43 -24.84
N ASP A 433 -9.19 16.69 -24.65
CA ASP A 433 -8.27 17.82 -24.80
C ASP A 433 -7.75 18.33 -23.47
N GLN A 434 -7.51 17.43 -22.51
CA GLN A 434 -7.00 17.80 -21.19
C GLN A 434 -5.75 16.99 -20.89
N TYR A 435 -4.75 17.64 -20.33
CA TYR A 435 -3.47 17.03 -20.01
C TYR A 435 -3.32 16.93 -18.50
N LEU A 436 -3.19 15.71 -17.99
CA LEU A 436 -3.08 15.48 -16.55
C LEU A 436 -1.68 14.99 -16.21
N CYS A 437 -1.05 15.62 -15.22
CA CYS A 437 0.27 15.18 -14.81
C CYS A 437 0.45 15.41 -13.31
N ARG A 438 1.46 14.78 -12.75
CA ARG A 438 1.81 14.89 -11.34
C ARG A 438 3.18 15.54 -11.22
N ILE A 439 3.29 16.59 -10.41
CA ILE A 439 4.53 17.34 -10.28
C ILE A 439 5.28 16.99 -9.00
N GLU A 440 4.61 17.06 -7.86
CA GLU A 440 5.27 16.73 -6.60
C GLU A 440 4.23 16.28 -5.59
N GLY A 441 4.24 14.98 -5.25
CA GLY A 441 3.37 14.44 -4.24
C GLY A 441 1.89 14.62 -4.54
N THR A 442 1.22 15.37 -3.68
CA THR A 442 -0.22 15.62 -3.81
C THR A 442 -0.54 16.77 -4.75
N GLN A 443 0.39 17.14 -5.63
CA GLN A 443 0.22 18.26 -6.54
C GLN A 443 0.15 17.74 -7.97
N PHE A 444 -0.95 18.05 -8.64
CA PHE A 444 -1.18 17.67 -10.02
C PHE A 444 -1.40 18.92 -10.86
N VAL A 445 -1.23 18.78 -12.16
CA VAL A 445 -1.47 19.84 -13.13
C VAL A 445 -2.50 19.33 -14.13
N LEU A 446 -3.55 20.11 -14.32
CA LEU A 446 -4.49 19.92 -15.42
C LEU A 446 -4.27 21.07 -16.39
N VAL A 447 -3.77 20.75 -17.58
CA VAL A 447 -3.56 21.72 -18.64
C VAL A 447 -4.75 21.63 -19.59
N SER A 448 -5.49 22.73 -19.70
CA SER A 448 -6.67 22.78 -20.54
C SER A 448 -6.52 23.92 -21.55
N LEU A 449 -7.44 23.94 -22.52
CA LEU A 449 -7.46 24.96 -23.56
C LEU A 449 -8.83 25.62 -23.63
N GLU A 450 -9.38 25.96 -22.47
CA GLU A 450 -10.69 26.61 -22.38
C GLU A 450 -10.49 28.05 -21.91
N ASN A 451 -11.01 28.99 -22.70
CA ASN A 451 -10.82 30.41 -22.44
C ASN A 451 -11.93 31.02 -21.59
N ASP A 452 -13.14 30.50 -21.68
CA ASP A 452 -14.28 31.13 -21.02
C ASP A 452 -14.23 30.91 -19.51
N VAL A 453 -14.54 31.98 -18.77
CA VAL A 453 -14.55 31.91 -17.31
C VAL A 453 -15.63 30.97 -16.83
N SER A 454 -16.78 30.92 -17.53
CA SER A 454 -17.84 29.99 -17.14
C SER A 454 -17.38 28.55 -17.29
N ASN A 455 -16.72 28.23 -18.39
CA ASN A 455 -16.19 26.88 -18.57
C ASN A 455 -15.14 26.55 -17.53
N ILE A 456 -14.25 27.50 -17.22
CA ILE A 456 -13.24 27.26 -16.19
C ILE A 456 -13.89 27.01 -14.85
N THR A 457 -14.94 27.78 -14.52
CA THR A 457 -15.65 27.59 -13.26
C THR A 457 -16.34 26.23 -13.21
N GLN A 458 -16.96 25.81 -14.32
CA GLN A 458 -17.59 24.49 -14.36
C GLN A 458 -16.57 23.38 -14.17
N ILE A 459 -15.42 23.49 -14.82
CA ILE A 459 -14.36 22.49 -14.66
C ILE A 459 -13.88 22.46 -13.22
N ALA A 460 -13.68 23.65 -12.62
CA ALA A 460 -13.23 23.70 -11.23
C ALA A 460 -14.26 23.07 -10.30
N ASP A 461 -15.55 23.33 -10.53
CA ASP A 461 -16.59 22.75 -9.70
C ASP A 461 -16.63 21.23 -9.84
N GLU A 462 -16.49 20.71 -11.07
CA GLU A 462 -16.48 19.25 -11.23
C GLU A 462 -15.25 18.64 -10.57
N LEU A 463 -14.09 19.31 -10.66
CA LEU A 463 -12.90 18.81 -9.99
C LEU A 463 -13.07 18.83 -8.48
N ARG A 464 -13.71 19.87 -7.94
CA ARG A 464 -13.87 19.95 -6.50
C ARG A 464 -14.92 19.01 -5.96
N ASN A 465 -15.93 18.66 -6.77
CA ASN A 465 -16.98 17.76 -6.27
C ASN A 465 -16.75 16.30 -6.66
N VAL A 466 -15.77 15.99 -7.52
CA VAL A 466 -15.43 14.60 -7.73
C VAL A 466 -14.85 13.96 -6.47
N VAL A 467 -14.24 14.75 -5.60
CA VAL A 467 -13.69 14.26 -4.34
C VAL A 467 -14.68 14.44 -3.19
N SER A 468 -15.86 15.01 -3.46
CA SER A 468 -16.85 15.21 -2.41
C SER A 468 -17.32 13.88 -1.84
N LYS A 469 -17.53 12.89 -2.69
CA LYS A 469 -17.87 11.56 -2.20
C LYS A 469 -16.68 10.99 -1.43
N PRO A 470 -16.90 10.43 -0.23
CA PRO A 470 -15.77 9.98 0.59
C PRO A 470 -14.96 8.90 -0.08
N ILE A 471 -13.65 8.93 0.14
CA ILE A 471 -12.75 7.92 -0.39
C ILE A 471 -12.85 6.68 0.50
N MET A 472 -13.17 5.54 -0.12
CA MET A 472 -13.32 4.29 0.61
C MET A 472 -11.98 3.58 0.68
N ILE A 473 -11.44 3.44 1.88
CA ILE A 473 -10.14 2.82 2.11
C ILE A 473 -10.30 1.85 3.27
N ASP A 474 -10.15 0.55 2.99
CA ASP A 474 -10.28 -0.49 4.02
C ASP A 474 -11.58 -0.34 4.78
N ASP A 475 -12.65 -0.04 4.03
CA ASP A 475 -13.97 0.25 4.61
C ASP A 475 -13.91 1.38 5.64
N LYS A 476 -13.16 2.44 5.30
CA LYS A 476 -13.05 3.62 6.15
C LYS A 476 -13.14 4.85 5.25
N PRO A 477 -14.17 5.68 5.39
CA PRO A 477 -14.28 6.87 4.54
C PRO A 477 -13.24 7.92 4.90
N PHE A 478 -12.88 8.73 3.89
CA PHE A 478 -11.96 9.85 4.08
C PHE A 478 -12.42 11.04 3.23
N PRO A 479 -12.91 12.11 3.85
CA PRO A 479 -13.36 13.29 3.09
C PRO A 479 -12.20 14.19 2.65
N LEU A 480 -11.53 13.77 1.58
CA LEU A 480 -10.44 14.55 1.02
C LEU A 480 -10.98 15.78 0.32
N THR A 481 -10.12 16.79 0.20
CA THR A 481 -10.51 18.07 -0.40
C THR A 481 -9.42 18.56 -1.34
N LEU A 482 -9.78 19.55 -2.16
CA LEU A 482 -8.91 20.02 -3.23
C LEU A 482 -8.71 21.52 -3.11
N SER A 483 -7.45 21.94 -3.22
CA SER A 483 -7.08 23.36 -3.34
C SER A 483 -6.63 23.59 -4.77
N ILE A 484 -7.40 24.36 -5.53
CA ILE A 484 -7.17 24.55 -6.96
C ILE A 484 -6.64 25.96 -7.19
N GLY A 485 -5.51 26.06 -7.87
CA GLY A 485 -4.95 27.34 -8.30
C GLY A 485 -4.95 27.42 -9.82
N ILE A 486 -5.62 28.45 -10.33
CA ILE A 486 -5.85 28.58 -11.77
C ILE A 486 -4.98 29.72 -12.29
N SER A 487 -4.11 29.41 -13.25
CA SER A 487 -3.27 30.41 -13.88
C SER A 487 -3.52 30.40 -15.37
N TYR A 488 -3.63 31.60 -15.95
CA TYR A 488 -3.87 31.77 -17.38
C TYR A 488 -3.48 33.18 -17.79
N ASP A 489 -2.61 33.29 -18.78
CA ASP A 489 -2.24 34.56 -19.38
C ASP A 489 -2.33 34.42 -20.89
N LEU A 490 -2.29 35.55 -21.60
CA LEU A 490 -2.25 35.50 -23.06
C LEU A 490 -1.03 34.72 -23.53
N GLY A 491 0.15 35.08 -23.02
CA GLY A 491 1.27 34.16 -22.96
C GLY A 491 2.43 34.78 -22.22
N LYS A 492 2.95 34.12 -21.19
CA LYS A 492 4.17 34.58 -20.53
C LYS A 492 5.27 33.54 -20.59
N ASN A 493 5.06 32.37 -19.97
CA ASN A 493 6.00 31.26 -19.95
C ASN A 493 5.39 30.15 -19.10
N ARG A 494 5.89 28.93 -19.29
CA ARG A 494 5.49 27.82 -18.44
C ARG A 494 5.91 28.05 -16.99
N ASP A 495 7.10 28.62 -16.79
CA ASP A 495 7.55 28.92 -15.43
C ASP A 495 6.65 29.95 -14.78
N TYR A 496 6.26 31.00 -15.52
CA TYR A 496 5.37 32.02 -14.97
C TYR A 496 4.02 31.42 -14.63
N LEU A 497 3.46 30.60 -15.53
CA LEU A 497 2.16 29.99 -15.26
C LEU A 497 2.22 29.12 -14.01
N LEU A 498 3.27 28.29 -13.90
CA LEU A 498 3.39 27.40 -12.75
C LEU A 498 3.57 28.18 -11.46
N SER A 499 4.39 29.25 -11.48
CA SER A 499 4.60 30.03 -10.28
C SER A 499 3.33 30.72 -9.82
N THR A 500 2.59 31.32 -10.76
CA THR A 500 1.34 32.00 -10.39
C THR A 500 0.31 31.02 -9.86
N ALA A 501 0.17 29.86 -10.52
CA ALA A 501 -0.78 28.87 -10.06
C ALA A 501 -0.37 28.32 -8.70
N HIS A 502 0.93 28.18 -8.45
CA HIS A 502 1.39 27.71 -7.15
C HIS A 502 1.12 28.75 -6.07
N ASN A 503 1.28 30.03 -6.40
CA ASN A 503 0.93 31.09 -5.45
C ASN A 503 -0.54 31.00 -5.07
N ALA A 504 -1.41 30.88 -6.07
CA ALA A 504 -2.85 30.76 -5.80
C ALA A 504 -3.16 29.52 -4.96
N MET A 505 -2.56 28.38 -5.33
CA MET A 505 -2.84 27.13 -4.62
C MET A 505 -2.36 27.18 -3.18
N ASP A 506 -1.17 27.74 -2.93
CA ASP A 506 -0.69 27.81 -1.55
C ASP A 506 -1.51 28.80 -0.74
N TYR A 507 -1.96 29.90 -1.37
CA TYR A 507 -2.87 30.81 -0.68
C TYR A 507 -4.12 30.09 -0.24
N ILE A 508 -4.75 29.34 -1.15
CA ILE A 508 -5.97 28.62 -0.80
C ILE A 508 -5.70 27.58 0.28
N ARG A 509 -4.59 26.86 0.17
CA ARG A 509 -4.27 25.82 1.14
C ARG A 509 -4.03 26.39 2.53
N LYS A 510 -3.31 27.51 2.62
CA LYS A 510 -2.99 28.07 3.92
C LYS A 510 -4.19 28.80 4.55
N ASN A 511 -5.01 29.47 3.74
CA ASN A 511 -6.13 30.23 4.27
C ASN A 511 -7.42 29.42 4.19
N GLY A 512 -7.40 28.26 4.85
CA GLY A 512 -8.58 27.43 4.99
C GLY A 512 -8.35 26.04 4.40
N GLY A 513 -9.34 25.58 3.65
CA GLY A 513 -9.34 24.24 3.11
C GLY A 513 -9.68 24.17 1.64
N ASN A 514 -10.73 23.41 1.31
CA ASN A 514 -11.13 23.22 -0.08
C ASN A 514 -11.50 24.53 -0.74
N GLY A 515 -11.26 24.61 -2.04
CA GLY A 515 -11.65 25.78 -2.80
C GLY A 515 -10.74 25.97 -3.99
N TRP A 516 -11.13 26.92 -4.84
CA TRP A 516 -10.36 27.25 -6.03
C TRP A 516 -10.22 28.76 -6.14
N GLN A 517 -9.10 29.19 -6.72
CA GLN A 517 -8.83 30.61 -6.86
C GLN A 517 -8.00 30.87 -8.11
N PHE A 518 -8.34 31.95 -8.81
CA PHE A 518 -7.55 32.47 -9.91
C PHE A 518 -6.35 33.26 -9.39
N PHE A 519 -5.30 33.29 -10.20
CA PHE A 519 -4.36 34.39 -10.07
C PHE A 519 -4.94 35.62 -10.77
N SER A 520 -4.25 36.76 -10.61
CA SER A 520 -4.71 38.02 -11.20
C SER A 520 -6.14 38.32 -10.77
N PRO A 521 -6.35 38.77 -9.52
CA PRO A 521 -7.72 38.85 -8.98
C PRO A 521 -8.72 39.63 -9.82
N ALA A 522 -8.28 40.26 -10.91
CA ALA A 522 -9.22 40.82 -11.87
C ALA A 522 -10.12 39.75 -12.48
N MET A 523 -9.67 38.50 -12.49
CA MET A 523 -10.46 37.37 -12.96
C MET A 523 -11.21 36.66 -11.84
N ASN A 524 -11.00 37.07 -10.59
CA ASN A 524 -11.76 36.57 -9.45
C ASN A 524 -12.87 37.50 -9.00
N GLU A 525 -12.67 38.81 -9.19
CA GLU A 525 -13.76 39.74 -8.96
C GLU A 525 -14.92 39.47 -9.90
N MET A 526 -14.64 38.97 -11.11
CA MET A 526 -15.70 38.57 -12.02
C MET A 526 -16.51 37.42 -11.44
N VAL A 527 -15.83 36.42 -10.86
CA VAL A 527 -16.51 35.30 -10.23
C VAL A 527 -17.37 35.79 -9.06
N LYS A 528 -16.82 36.70 -8.26
CA LYS A 528 -17.58 37.24 -7.13
C LYS A 528 -18.83 37.98 -7.62
N GLU A 529 -18.69 38.78 -8.69
CA GLU A 529 -19.84 39.49 -9.23
C GLU A 529 -20.89 38.53 -9.77
N ARG A 530 -20.46 37.48 -10.46
CA ARG A 530 -21.42 36.51 -10.98
C ARG A 530 -22.12 35.77 -9.84
N LEU A 531 -21.38 35.45 -8.77
CA LEU A 531 -22.00 34.78 -7.62
C LEU A 531 -23.02 35.67 -6.94
N VAL A 532 -22.70 36.96 -6.75
CA VAL A 532 -23.66 37.85 -6.11
C VAL A 532 -24.88 38.07 -7.00
N LEU A 533 -24.67 38.12 -8.32
CA LEU A 533 -25.80 38.23 -9.23
C LEU A 533 -26.68 36.98 -9.15
N GLY A 534 -26.07 35.81 -9.05
CA GLY A 534 -26.85 34.58 -8.91
C GLY A 534 -27.64 34.55 -7.61
N ALA A 535 -27.03 35.01 -6.51
CA ALA A 535 -27.75 35.10 -5.26
C ALA A 535 -28.93 36.07 -5.36
N ALA A 536 -28.72 37.20 -6.04
CA ALA A 536 -29.82 38.14 -6.26
C ALA A 536 -30.93 37.51 -7.08
N LEU A 537 -30.57 36.73 -8.11
CA LEU A 537 -31.58 36.03 -8.91
C LEU A 537 -32.36 35.04 -8.07
N LYS A 538 -31.67 34.28 -7.23
CA LYS A 538 -32.35 33.30 -6.39
C LYS A 538 -33.30 33.97 -5.41
N GLU A 539 -32.86 35.06 -4.77
CA GLU A 539 -33.75 35.74 -3.82
C GLU A 539 -34.92 36.42 -4.54
N ALA A 540 -34.70 36.93 -5.75
CA ALA A 540 -35.80 37.50 -6.52
C ALA A 540 -36.83 36.44 -6.88
N ILE A 541 -36.36 35.25 -7.28
CA ILE A 541 -37.28 34.15 -7.57
C ILE A 541 -38.06 33.77 -6.32
N SER A 542 -37.37 33.70 -5.18
CA SER A 542 -38.05 33.35 -3.94
C SER A 542 -39.09 34.39 -3.55
N ASN A 543 -38.78 35.68 -3.71
CA ASN A 543 -39.66 36.75 -3.28
C ASN A 543 -40.63 37.22 -4.36
N ASN A 544 -40.65 36.55 -5.52
CA ASN A 544 -41.67 36.80 -6.55
C ASN A 544 -41.55 38.20 -7.13
N GLN A 545 -40.32 38.62 -7.43
CA GLN A 545 -40.07 39.89 -8.08
C GLN A 545 -39.91 39.79 -9.59
N LEU A 546 -39.94 38.58 -10.14
CA LEU A 546 -39.84 38.40 -11.58
C LEU A 546 -41.12 38.88 -12.27
N LYS A 547 -41.00 39.15 -13.56
CA LYS A 547 -42.13 39.60 -14.36
C LYS A 547 -42.10 38.91 -15.72
N LEU A 548 -43.27 38.78 -16.33
CA LEU A 548 -43.40 38.20 -17.65
C LEU A 548 -43.93 39.25 -18.62
N VAL A 549 -43.46 39.17 -19.87
CA VAL A 549 -43.87 40.07 -20.93
C VAL A 549 -44.26 39.23 -22.14
N TYR A 550 -45.33 39.65 -22.83
CA TYR A 550 -46.02 38.82 -23.81
C TYR A 550 -45.86 39.39 -25.21
N GLN A 551 -45.59 38.52 -26.16
CA GLN A 551 -45.43 38.91 -27.57
C GLN A 551 -46.46 38.21 -28.43
N PRO A 552 -47.44 38.93 -28.99
CA PRO A 552 -48.46 38.29 -29.82
C PRO A 552 -47.86 37.63 -31.06
N GLN A 553 -48.45 36.49 -31.44
CA GLN A 553 -48.19 35.83 -32.70
C GLN A 553 -49.40 36.00 -33.60
N ILE A 554 -49.17 36.17 -34.89
CA ILE A 554 -50.23 36.54 -35.82
C ILE A 554 -50.39 35.48 -36.89
N PHE A 555 -51.60 35.33 -37.39
CA PHE A 555 -51.87 34.47 -38.54
C PHE A 555 -51.41 35.16 -39.82
N ALA A 556 -51.03 34.34 -40.80
CA ALA A 556 -50.54 34.91 -42.07
C ALA A 556 -51.63 35.69 -42.79
N GLU A 557 -52.84 35.13 -42.89
CA GLU A 557 -53.88 35.69 -43.75
C GLU A 557 -54.95 36.43 -42.97
N THR A 558 -55.49 35.83 -41.91
CA THR A 558 -56.60 36.44 -41.19
C THR A 558 -56.15 37.58 -40.28
N GLY A 559 -54.86 37.69 -40.00
CA GLY A 559 -54.39 38.69 -39.05
C GLY A 559 -54.95 38.50 -37.67
N GLU A 560 -55.01 37.27 -37.19
CA GLU A 560 -55.60 36.92 -35.92
C GLU A 560 -54.53 36.36 -35.00
N LEU A 561 -54.69 36.60 -33.70
CA LEU A 561 -53.71 36.18 -32.71
C LEU A 561 -53.81 34.68 -32.48
N TYR A 562 -52.82 33.94 -32.97
CA TYR A 562 -52.74 32.51 -32.69
C TYR A 562 -52.40 32.26 -31.22
N GLY A 563 -51.48 33.05 -30.68
CA GLY A 563 -51.09 32.90 -29.29
C GLY A 563 -50.17 34.02 -28.88
N ILE A 564 -49.80 33.99 -27.59
CA ILE A 564 -48.83 34.92 -27.03
C ILE A 564 -47.80 34.11 -26.24
N GLU A 565 -46.53 34.48 -26.38
CA GLU A 565 -45.44 33.78 -25.72
C GLU A 565 -45.04 34.54 -24.46
N ALA A 566 -44.92 33.83 -23.35
CA ALA A 566 -44.54 34.42 -22.07
C ALA A 566 -43.02 34.39 -21.94
N LEU A 567 -42.38 35.54 -22.10
CA LEU A 567 -40.94 35.68 -21.98
C LEU A 567 -40.62 36.32 -20.64
N ALA A 568 -39.68 35.71 -19.90
CA ALA A 568 -39.35 36.19 -18.57
C ALA A 568 -38.60 37.52 -18.63
N ARG A 569 -38.73 38.29 -17.55
CA ARG A 569 -38.00 39.54 -17.39
C ARG A 569 -37.64 39.71 -15.92
N TRP A 570 -36.63 40.54 -15.66
CA TRP A 570 -36.17 40.81 -14.32
C TRP A 570 -35.72 42.26 -14.24
N HIS A 571 -35.91 42.88 -13.08
CA HIS A 571 -35.50 44.26 -12.85
C HIS A 571 -35.09 44.40 -11.39
N ASP A 572 -33.78 44.38 -11.15
CA ASP A 572 -33.21 44.53 -9.81
C ASP A 572 -32.78 45.98 -9.58
N PRO A 573 -33.00 46.51 -8.37
CA PRO A 573 -32.57 47.90 -8.10
C PRO A 573 -31.08 48.10 -8.28
N LEU A 574 -30.26 47.11 -7.95
CA LEU A 574 -28.81 47.27 -8.07
C LEU A 574 -28.32 46.98 -9.48
N HIS A 575 -28.73 45.85 -10.05
CA HIS A 575 -28.23 45.39 -11.35
C HIS A 575 -29.01 45.95 -12.52
N GLY A 576 -30.05 46.76 -12.29
CA GLY A 576 -30.83 47.27 -13.39
C GLY A 576 -31.68 46.19 -14.03
N HIS A 577 -31.69 46.15 -15.35
CA HIS A 577 -32.44 45.16 -16.11
C HIS A 577 -31.49 44.06 -16.57
N VAL A 578 -31.73 42.84 -16.10
CA VAL A 578 -30.91 41.68 -16.44
C VAL A 578 -31.61 40.91 -17.55
N PRO A 579 -31.02 40.81 -18.75
CA PRO A 579 -31.73 40.18 -19.85
C PRO A 579 -31.94 38.70 -19.60
N PRO A 580 -33.00 38.11 -20.16
CA PRO A 580 -33.13 36.65 -20.10
C PRO A 580 -31.96 35.93 -20.73
N SER A 581 -31.44 36.45 -21.84
CA SER A 581 -30.28 35.86 -22.50
C SER A 581 -29.03 35.94 -21.63
N ARG A 582 -29.12 36.52 -20.45
CA ARG A 582 -28.02 36.58 -19.51
C ARG A 582 -28.30 35.83 -18.21
N PHE A 583 -29.54 35.85 -17.72
CA PHE A 583 -29.85 35.18 -16.46
C PHE A 583 -30.51 33.82 -16.63
N ILE A 584 -30.79 33.38 -17.86
CA ILE A 584 -31.30 32.02 -18.07
C ILE A 584 -30.13 31.03 -18.05
N PRO A 585 -29.01 31.29 -18.75
CA PRO A 585 -27.83 30.42 -18.54
C PRO A 585 -27.34 30.44 -17.10
N LEU A 586 -27.44 31.59 -16.42
CA LEU A 586 -27.09 31.67 -15.01
C LEU A 586 -28.00 30.79 -14.18
N ALA A 587 -29.30 30.81 -14.47
CA ALA A 587 -30.24 29.95 -13.76
C ALA A 587 -29.95 28.47 -14.05
N GLU A 588 -29.55 28.16 -15.29
CA GLU A 588 -29.17 26.79 -15.62
C GLU A 588 -27.97 26.34 -14.79
N GLU A 589 -26.96 27.22 -14.68
CA GLU A 589 -25.77 26.88 -13.91
C GLU A 589 -26.09 26.70 -12.42
N ILE A 590 -26.89 27.61 -11.86
CA ILE A 590 -27.18 27.56 -10.43
C ILE A 590 -28.09 26.37 -10.10
N GLY A 591 -29.14 26.18 -10.89
CA GLY A 591 -30.15 25.18 -10.59
C GLY A 591 -31.49 25.81 -10.30
N GLU A 592 -31.75 26.97 -10.90
CA GLU A 592 -32.99 27.71 -10.70
C GLU A 592 -33.97 27.55 -11.84
N ILE A 593 -33.68 26.70 -12.82
CA ILE A 593 -34.59 26.48 -13.94
C ILE A 593 -35.90 25.87 -13.46
N GLU A 594 -35.82 24.96 -12.49
CA GLU A 594 -37.04 24.36 -11.94
C GLU A 594 -37.94 25.42 -11.33
N ASN A 595 -37.38 26.26 -10.45
CA ASN A 595 -38.17 27.30 -9.81
C ASN A 595 -38.71 28.29 -10.82
N ILE A 596 -37.91 28.63 -11.83
CA ILE A 596 -38.37 29.53 -12.89
C ILE A 596 -39.55 28.90 -13.62
N GLY A 597 -39.49 27.60 -13.90
CA GLY A 597 -40.60 26.94 -14.57
C GLY A 597 -41.87 26.95 -13.76
N ARG A 598 -41.77 26.59 -12.47
CA ARG A 598 -42.96 26.63 -11.62
C ARG A 598 -43.54 28.05 -11.56
N TRP A 599 -42.67 29.04 -11.38
CA TRP A 599 -43.15 30.42 -11.29
C TRP A 599 -43.82 30.88 -12.58
N VAL A 600 -43.21 30.56 -13.73
CA VAL A 600 -43.78 31.01 -14.99
C VAL A 600 -45.12 30.33 -15.24
N ILE A 601 -45.21 29.03 -14.96
CA ILE A 601 -46.48 28.33 -15.16
C ILE A 601 -47.57 28.93 -14.27
N ALA A 602 -47.24 29.15 -12.99
CA ALA A 602 -48.24 29.68 -12.06
C ALA A 602 -48.68 31.09 -12.44
N GLU A 603 -47.72 31.97 -12.74
CA GLU A 603 -48.06 33.33 -13.14
C GLU A 603 -48.83 33.36 -14.45
N ALA A 604 -48.46 32.49 -15.40
CA ALA A 604 -49.16 32.42 -16.66
C ALA A 604 -50.62 32.02 -16.46
N CYS A 605 -50.85 30.97 -15.67
CA CYS A 605 -52.22 30.54 -15.41
C CYS A 605 -53.01 31.60 -14.66
N ARG A 606 -52.38 32.28 -13.71
CA ARG A 606 -53.06 33.37 -13.01
C ARG A 606 -53.47 34.49 -13.97
N GLN A 607 -52.54 34.92 -14.82
CA GLN A 607 -52.85 35.99 -15.77
C GLN A 607 -53.92 35.55 -16.75
N LEU A 608 -53.91 34.28 -17.15
CA LEU A 608 -55.03 33.73 -17.92
C LEU A 608 -56.33 33.85 -17.15
N ALA A 609 -56.28 33.64 -15.83
CA ALA A 609 -57.49 33.77 -15.01
C ALA A 609 -58.04 35.19 -15.05
N GLU A 610 -57.17 36.20 -14.89
CA GLU A 610 -57.70 37.57 -14.97
C GLU A 610 -58.17 37.92 -16.38
N TRP A 611 -57.44 37.47 -17.40
CA TRP A 611 -57.84 37.80 -18.77
C TRP A 611 -59.04 36.99 -19.23
N ARG A 612 -59.46 35.98 -18.48
CA ARG A 612 -60.75 35.35 -18.69
C ARG A 612 -61.85 36.01 -17.87
N SER A 613 -61.52 36.47 -16.67
CA SER A 613 -62.48 37.23 -15.86
C SER A 613 -62.93 38.47 -16.60
N GLN A 614 -62.00 39.20 -17.21
CA GLN A 614 -62.37 40.26 -18.14
C GLN A 614 -62.43 39.70 -19.56
N ASN A 615 -63.12 40.44 -20.44
CA ASN A 615 -63.54 39.91 -21.73
C ASN A 615 -62.37 39.90 -22.71
N ILE A 616 -61.53 38.87 -22.60
CA ILE A 616 -60.47 38.61 -23.55
C ILE A 616 -60.39 37.11 -23.79
N HIS A 617 -60.22 36.71 -25.06
CA HIS A 617 -60.28 35.30 -25.41
C HIS A 617 -58.95 34.58 -25.18
N ILE A 618 -57.84 35.26 -25.46
CA ILE A 618 -56.46 34.76 -25.30
C ILE A 618 -56.37 33.32 -25.79
N PRO A 619 -56.37 33.09 -27.10
CA PRO A 619 -56.50 31.72 -27.63
C PRO A 619 -55.42 30.76 -27.15
N ALA A 620 -54.17 31.21 -27.02
CA ALA A 620 -53.09 30.30 -26.67
C ALA A 620 -51.96 31.04 -25.99
N LEU A 621 -51.28 30.33 -25.08
CA LEU A 621 -50.14 30.88 -24.34
C LEU A 621 -48.99 29.90 -24.42
N SER A 622 -47.84 30.38 -24.88
CA SER A 622 -46.65 29.56 -25.06
C SER A 622 -45.67 29.84 -23.93
N VAL A 623 -45.34 28.80 -23.17
CA VAL A 623 -44.47 28.89 -22.01
C VAL A 623 -43.18 28.13 -22.29
N ASN A 624 -42.05 28.77 -22.05
CA ASN A 624 -40.76 28.17 -22.33
C ASN A 624 -40.36 27.23 -21.20
N LEU A 625 -39.95 26.02 -21.57
CA LEU A 625 -39.45 25.01 -20.64
C LEU A 625 -38.09 24.52 -21.12
N SER A 626 -37.30 23.99 -20.19
CA SER A 626 -35.95 23.55 -20.47
C SER A 626 -35.84 22.04 -20.28
N ALA A 627 -34.62 21.52 -20.44
CA ALA A 627 -34.37 20.08 -20.41
C ALA A 627 -34.55 19.48 -19.02
N LEU A 628 -33.95 20.08 -17.99
CA LEU A 628 -34.06 19.56 -16.63
C LEU A 628 -35.49 19.57 -16.11
N HIS A 629 -36.26 20.60 -16.45
CA HIS A 629 -37.64 20.70 -16.00
C HIS A 629 -38.46 19.51 -16.47
N PHE A 630 -38.19 19.01 -17.68
CA PHE A 630 -38.89 17.83 -18.18
C PHE A 630 -38.27 16.52 -17.71
N ARG A 631 -36.94 16.46 -17.58
CA ARG A 631 -36.29 15.26 -17.07
C ARG A 631 -36.65 14.99 -15.62
N SER A 632 -37.02 16.01 -14.85
CA SER A 632 -37.55 15.79 -13.52
C SER A 632 -38.92 15.11 -13.60
N ASN A 633 -39.13 14.10 -12.76
CA ASN A 633 -40.36 13.32 -12.80
C ASN A 633 -41.44 13.93 -11.91
N GLN A 634 -41.67 15.24 -12.08
CA GLN A 634 -42.70 15.94 -11.31
C GLN A 634 -43.57 16.86 -12.14
N LEU A 635 -43.20 17.17 -13.39
CA LEU A 635 -43.85 18.22 -14.16
C LEU A 635 -45.36 18.08 -14.29
N PRO A 636 -45.92 16.93 -14.73
CA PRO A 636 -47.36 16.88 -14.96
C PRO A 636 -48.19 17.16 -13.72
N ASN A 637 -47.68 16.86 -12.53
CA ASN A 637 -48.42 17.14 -11.31
C ASN A 637 -48.72 18.63 -11.17
N GLN A 638 -47.68 19.46 -11.25
CA GLN A 638 -47.92 20.89 -11.08
C GLN A 638 -48.59 21.50 -12.31
N VAL A 639 -48.38 20.92 -13.51
CA VAL A 639 -49.07 21.46 -14.67
C VAL A 639 -50.58 21.22 -14.56
N SER A 640 -50.97 20.01 -14.16
CA SER A 640 -52.39 19.71 -13.94
C SER A 640 -52.95 20.55 -12.80
N ASP A 641 -52.17 20.76 -11.74
CA ASP A 641 -52.61 21.64 -10.67
C ASP A 641 -52.86 23.04 -11.19
N ALA A 642 -51.96 23.55 -12.04
CA ALA A 642 -52.12 24.88 -12.59
C ALA A 642 -53.37 24.98 -13.45
N MET A 643 -53.64 23.97 -14.28
CA MET A 643 -54.88 24.01 -15.07
C MET A 643 -56.12 23.96 -14.20
N HIS A 644 -56.20 23.00 -13.28
CA HIS A 644 -57.45 22.78 -12.56
C HIS A 644 -57.62 23.73 -11.37
N ALA A 645 -56.63 24.56 -11.05
CA ALA A 645 -56.82 25.56 -10.01
C ALA A 645 -57.48 26.82 -10.55
N TRP A 646 -57.35 27.10 -11.84
CA TRP A 646 -57.91 28.31 -12.43
C TRP A 646 -58.78 28.03 -13.65
N GLY A 647 -59.11 26.78 -13.93
CA GLY A 647 -59.98 26.45 -15.04
C GLY A 647 -59.41 26.84 -16.39
N ILE A 648 -58.14 26.51 -16.61
CA ILE A 648 -57.41 26.93 -17.81
C ILE A 648 -56.96 25.69 -18.59
N ASP A 649 -57.84 24.68 -18.61
CA ASP A 649 -57.54 23.35 -19.18
C ASP A 649 -56.70 23.43 -20.45
N GLY A 650 -55.79 22.47 -20.57
CA GLY A 650 -54.64 22.53 -21.46
C GLY A 650 -54.85 22.86 -22.92
N HIS A 651 -56.10 22.95 -23.39
CA HIS A 651 -56.30 23.33 -24.79
C HIS A 651 -55.84 24.75 -25.08
N GLN A 652 -55.38 25.49 -24.07
CA GLN A 652 -54.87 26.85 -24.24
C GLN A 652 -53.37 26.94 -23.98
N LEU A 653 -52.89 26.33 -22.91
CA LEU A 653 -51.48 26.38 -22.57
C LEU A 653 -50.66 25.62 -23.62
N THR A 654 -49.41 26.07 -23.79
CA THR A 654 -48.51 25.46 -24.77
C THR A 654 -47.09 25.48 -24.19
N VAL A 655 -46.31 24.47 -24.54
CA VAL A 655 -44.95 24.32 -24.05
C VAL A 655 -44.01 24.21 -25.24
N GLU A 656 -42.92 24.96 -25.22
CA GLU A 656 -41.87 24.90 -26.23
C GLU A 656 -40.61 24.37 -25.56
N ILE A 657 -40.14 23.22 -26.01
CA ILE A 657 -38.99 22.57 -25.40
C ILE A 657 -37.75 22.83 -26.24
N THR A 658 -36.58 22.71 -25.60
CA THR A 658 -35.31 22.92 -26.29
C THR A 658 -35.03 21.80 -27.27
N GLU A 659 -34.37 22.15 -28.38
CA GLU A 659 -33.97 21.15 -29.37
C GLU A 659 -32.97 20.16 -28.78
N SER A 660 -32.27 20.53 -27.70
CA SER A 660 -31.39 19.58 -27.03
C SER A 660 -32.17 18.40 -26.47
N MET A 661 -33.39 18.65 -25.99
CA MET A 661 -34.24 17.56 -25.51
C MET A 661 -34.54 16.58 -26.63
N MET A 662 -34.88 17.08 -27.82
CA MET A 662 -35.16 16.20 -28.95
C MET A 662 -33.91 15.48 -29.41
N MET A 663 -32.76 16.13 -29.33
CA MET A 663 -31.50 15.44 -29.62
C MET A 663 -31.25 14.30 -28.65
N GLU A 664 -31.57 14.52 -27.37
CA GLU A 664 -31.49 13.46 -26.38
C GLU A 664 -32.53 12.39 -26.66
N HIS A 665 -32.18 11.14 -26.38
CA HIS A 665 -33.05 9.99 -26.64
C HIS A 665 -33.27 9.26 -25.31
N ASP A 666 -34.32 9.65 -24.59
CA ASP A 666 -34.65 9.05 -23.30
C ASP A 666 -36.07 8.52 -23.36
N THR A 667 -36.24 7.23 -23.04
CA THR A 667 -37.57 6.63 -23.06
C THR A 667 -38.49 7.26 -22.03
N GLU A 668 -37.97 7.55 -20.83
CA GLU A 668 -38.79 8.16 -19.80
C GLU A 668 -39.21 9.58 -20.21
N ILE A 669 -38.29 10.34 -20.79
CA ILE A 669 -38.62 11.69 -21.26
C ILE A 669 -39.67 11.62 -22.35
N PHE A 670 -39.53 10.66 -23.27
CA PHE A 670 -40.52 10.51 -24.35
C PHE A 670 -41.89 10.14 -23.80
N LYS A 671 -41.93 9.24 -22.81
CA LYS A 671 -43.19 8.86 -22.20
C LYS A 671 -43.83 10.04 -21.48
N ARG A 672 -43.03 10.85 -20.78
CA ARG A 672 -43.56 12.04 -20.13
C ARG A 672 -44.09 13.04 -21.15
N ILE A 673 -43.39 13.17 -22.28
CA ILE A 673 -43.87 14.04 -23.36
C ILE A 673 -45.22 13.56 -23.87
N GLN A 674 -45.35 12.24 -24.08
CA GLN A 674 -46.62 11.70 -24.56
C GLN A 674 -47.74 11.91 -23.55
N ILE A 675 -47.45 11.70 -22.26
CA ILE A 675 -48.46 11.93 -21.23
C ILE A 675 -48.90 13.39 -21.21
N LEU A 676 -47.93 14.31 -21.30
CA LEU A 676 -48.27 15.73 -21.33
C LEU A 676 -49.12 16.07 -22.55
N ARG A 677 -48.74 15.53 -23.72
CA ARG A 677 -49.50 15.79 -24.94
C ARG A 677 -50.92 15.23 -24.85
N ASP A 678 -51.10 14.13 -24.12
CA ASP A 678 -52.44 13.56 -23.98
C ASP A 678 -53.37 14.48 -23.20
N MET A 679 -52.81 15.33 -22.32
CA MET A 679 -53.62 16.22 -21.51
C MET A 679 -54.23 17.37 -22.29
N GLY A 680 -53.81 17.58 -23.54
CA GLY A 680 -54.33 18.64 -24.37
C GLY A 680 -53.42 19.84 -24.50
N VAL A 681 -52.40 19.95 -23.65
CA VAL A 681 -51.45 21.05 -23.78
C VAL A 681 -50.57 20.81 -25.00
N GLY A 682 -50.44 21.83 -25.84
CA GLY A 682 -49.69 21.70 -27.07
C GLY A 682 -48.20 21.61 -26.83
N LEU A 683 -47.48 21.33 -27.90
CA LEU A 683 -46.03 21.20 -27.84
C LEU A 683 -45.41 21.82 -29.08
N SER A 684 -44.32 22.56 -28.87
CA SER A 684 -43.61 23.24 -29.94
C SER A 684 -42.13 22.92 -29.85
N VAL A 685 -41.48 22.85 -31.02
CA VAL A 685 -40.05 22.59 -31.11
C VAL A 685 -39.42 23.71 -31.92
N ASP A 686 -38.42 24.37 -31.34
CA ASP A 686 -37.71 25.45 -31.99
C ASP A 686 -36.35 24.97 -32.51
N ASP A 687 -35.83 25.68 -33.51
CA ASP A 687 -34.56 25.38 -34.15
C ASP A 687 -34.61 24.06 -34.90
N PHE A 688 -33.64 23.85 -35.80
CA PHE A 688 -33.62 22.67 -36.65
C PHE A 688 -32.30 21.91 -36.53
N GLY A 689 -31.71 21.92 -35.33
CA GLY A 689 -30.53 21.10 -35.10
C GLY A 689 -30.80 19.62 -35.24
N THR A 690 -31.94 19.16 -34.75
CA THR A 690 -32.35 17.78 -34.95
C THR A 690 -32.70 17.55 -36.42
N GLY A 691 -32.40 16.37 -36.91
CA GLY A 691 -32.62 16.06 -38.30
C GLY A 691 -34.06 15.77 -38.64
N PHE A 692 -34.31 15.53 -39.93
CA PHE A 692 -35.66 15.20 -40.37
C PHE A 692 -36.08 13.80 -39.91
N SER A 693 -35.13 12.90 -39.70
CA SER A 693 -35.46 11.64 -39.04
C SER A 693 -35.97 11.90 -37.63
N GLY A 694 -35.32 12.83 -36.92
CA GLY A 694 -35.82 13.27 -35.63
C GLY A 694 -37.18 13.92 -35.72
N LEU A 695 -37.43 14.68 -36.79
CA LEU A 695 -38.74 15.30 -36.96
C LEU A 695 -39.83 14.26 -37.23
N SER A 696 -39.50 13.19 -37.96
CA SER A 696 -40.48 12.12 -38.17
C SER A 696 -40.73 11.34 -36.88
N ARG A 697 -39.68 11.09 -36.11
CA ARG A 697 -39.85 10.56 -34.76
C ARG A 697 -40.71 11.50 -33.91
N LEU A 698 -40.61 12.81 -34.16
CA LEU A 698 -41.45 13.78 -33.47
C LEU A 698 -42.90 13.71 -33.95
N VAL A 699 -43.10 13.38 -35.22
CA VAL A 699 -44.45 13.10 -35.70
C VAL A 699 -45.03 11.90 -34.97
N SER A 700 -44.20 10.87 -34.77
CA SER A 700 -44.62 9.71 -33.99
C SER A 700 -44.96 10.10 -32.55
N LEU A 701 -44.12 10.95 -31.94
CA LEU A 701 -44.34 11.46 -30.60
C LEU A 701 -44.98 12.85 -30.69
N PRO A 702 -46.30 12.93 -30.69
CA PRO A 702 -46.99 14.07 -31.33
C PRO A 702 -46.63 15.42 -30.74
N VAL A 703 -46.57 16.42 -31.62
CA VAL A 703 -46.43 17.83 -31.26
C VAL A 703 -47.44 18.62 -32.10
N THR A 704 -47.41 19.94 -31.93
CA THR A 704 -48.31 20.82 -32.67
C THR A 704 -47.61 21.92 -33.44
N GLU A 705 -46.48 22.44 -32.95
CA GLU A 705 -45.87 23.62 -33.56
C GLU A 705 -44.38 23.41 -33.79
N ILE A 706 -43.90 23.89 -34.94
CA ILE A 706 -42.48 23.92 -35.26
C ILE A 706 -42.11 25.37 -35.53
N LYS A 707 -41.04 25.84 -34.90
CA LYS A 707 -40.62 27.24 -34.96
C LYS A 707 -39.39 27.38 -35.84
N ILE A 708 -39.43 28.34 -36.76
CA ILE A 708 -38.28 28.70 -37.58
C ILE A 708 -37.52 29.80 -36.84
N ASP A 709 -36.24 29.53 -36.56
CA ASP A 709 -35.46 30.38 -35.68
C ASP A 709 -35.07 31.68 -36.38
N LYS A 710 -34.83 32.71 -35.56
CA LYS A 710 -34.40 34.00 -36.09
C LYS A 710 -33.05 33.90 -36.79
N SER A 711 -32.17 33.02 -36.32
CA SER A 711 -30.87 32.85 -36.96
C SER A 711 -31.01 32.39 -38.40
N PHE A 712 -32.05 31.60 -38.70
CA PHE A 712 -32.31 31.17 -40.07
C PHE A 712 -33.13 32.18 -40.85
N VAL A 713 -34.09 32.84 -40.19
CA VAL A 713 -34.92 33.82 -40.88
C VAL A 713 -34.08 35.02 -41.31
N ASP A 714 -33.02 35.35 -40.56
CA ASP A 714 -32.15 36.45 -40.95
C ASP A 714 -31.37 36.12 -42.22
N ARG A 715 -30.78 34.92 -42.28
CA ARG A 715 -30.05 34.49 -43.46
C ARG A 715 -30.97 34.13 -44.61
N CYS A 716 -32.28 34.03 -44.37
CA CYS A 716 -33.23 33.81 -45.46
C CYS A 716 -33.13 34.90 -46.51
N LEU A 717 -32.76 36.11 -46.13
CA LEU A 717 -32.61 37.20 -47.10
C LEU A 717 -31.48 36.94 -48.07
N THR A 718 -30.29 36.61 -47.54
CA THR A 718 -29.10 36.50 -48.39
C THR A 718 -28.95 35.09 -48.97
N GLU A 719 -28.84 34.09 -48.11
CA GLU A 719 -28.60 32.71 -48.56
C GLU A 719 -29.90 32.14 -49.09
N LYS A 720 -30.07 32.14 -50.42
CA LYS A 720 -31.26 31.60 -51.05
C LYS A 720 -31.34 30.09 -50.98
N ARG A 721 -30.25 29.41 -50.60
CA ARG A 721 -30.27 27.96 -50.53
C ARG A 721 -31.06 27.46 -49.31
N ILE A 722 -31.15 28.27 -48.26
CA ILE A 722 -31.87 27.85 -47.05
C ILE A 722 -33.36 28.09 -47.14
N LEU A 723 -33.86 28.64 -48.26
CA LEU A 723 -35.30 28.70 -48.47
C LEU A 723 -35.93 27.31 -48.53
N ALA A 724 -35.13 26.30 -48.90
CA ALA A 724 -35.64 24.93 -48.96
C ALA A 724 -36.05 24.45 -47.58
N LEU A 725 -35.30 24.82 -46.55
CA LEU A 725 -35.69 24.47 -45.19
C LEU A 725 -37.10 24.96 -44.88
N LEU A 726 -37.35 26.23 -45.12
CA LEU A 726 -38.66 26.81 -44.82
C LEU A 726 -39.75 26.17 -45.66
N GLU A 727 -39.48 25.97 -46.94
CA GLU A 727 -40.48 25.38 -47.84
C GLU A 727 -40.85 23.96 -47.40
N ALA A 728 -39.83 23.14 -47.12
CA ALA A 728 -40.07 21.76 -46.71
C ALA A 728 -40.79 21.69 -45.37
N ILE A 729 -40.39 22.54 -44.42
CA ILE A 729 -41.02 22.52 -43.10
C ILE A 729 -42.48 22.94 -43.20
N THR A 730 -42.78 23.97 -43.99
CA THR A 730 -44.17 24.35 -44.23
C THR A 730 -44.94 23.20 -44.88
N SER A 731 -44.33 22.52 -45.86
CA SER A 731 -45.00 21.41 -46.52
C SER A 731 -45.33 20.30 -45.53
N ILE A 732 -44.41 19.97 -44.63
CA ILE A 732 -44.71 19.03 -43.56
C ILE A 732 -45.87 19.56 -42.71
N GLY A 733 -45.88 20.87 -42.49
CA GLY A 733 -46.98 21.51 -41.79
C GLY A 733 -48.34 21.17 -42.37
N GLN A 734 -48.57 21.51 -43.64
CA GLN A 734 -49.90 21.16 -44.15
C GLN A 734 -50.04 19.67 -44.45
N SER A 735 -48.95 18.90 -44.48
CA SER A 735 -49.06 17.47 -44.71
C SER A 735 -49.59 16.73 -43.50
N LEU A 736 -49.13 17.09 -42.29
CA LEU A 736 -49.49 16.34 -41.11
C LEU A 736 -49.95 17.23 -39.96
N ASN A 737 -50.51 18.40 -40.28
CA ASN A 737 -51.19 19.25 -39.30
C ASN A 737 -50.23 19.77 -38.23
N LEU A 738 -49.19 20.47 -38.70
CA LEU A 738 -48.30 21.22 -37.83
C LEU A 738 -48.40 22.70 -38.16
N THR A 739 -48.26 23.54 -37.14
CA THR A 739 -48.27 24.99 -37.31
C THR A 739 -46.83 25.48 -37.32
N VAL A 740 -46.45 26.18 -38.39
CA VAL A 740 -45.11 26.72 -38.51
C VAL A 740 -45.09 28.16 -38.03
N VAL A 741 -44.17 28.46 -37.13
CA VAL A 741 -44.10 29.72 -36.40
C VAL A 741 -42.78 30.39 -36.79
N ALA A 742 -42.84 31.39 -37.66
CA ALA A 742 -41.64 32.13 -38.01
C ALA A 742 -41.25 33.05 -36.86
N GLU A 743 -39.95 33.15 -36.59
CA GLU A 743 -39.45 34.01 -35.53
C GLU A 743 -38.49 35.05 -36.11
N GLY A 744 -38.28 36.11 -35.33
CA GLY A 744 -37.30 37.13 -35.69
C GLY A 744 -37.61 37.89 -36.97
N VAL A 745 -38.85 38.31 -37.14
CA VAL A 745 -39.23 39.14 -38.28
C VAL A 745 -39.15 40.61 -37.87
N GLU A 746 -38.52 41.43 -38.72
CA GLU A 746 -38.33 42.84 -38.43
C GLU A 746 -38.67 43.79 -39.56
N THR A 747 -38.69 43.33 -40.82
CA THR A 747 -38.90 44.21 -41.95
C THR A 747 -40.01 43.69 -42.85
N LYS A 748 -40.62 44.63 -43.59
CA LYS A 748 -41.74 44.29 -44.45
C LYS A 748 -41.31 43.34 -45.57
N GLU A 749 -40.12 43.54 -46.13
CA GLU A 749 -39.61 42.61 -47.14
C GLU A 749 -39.39 41.23 -46.55
N GLN A 750 -38.88 41.17 -45.31
CA GLN A 750 -38.64 39.88 -44.67
C GLN A 750 -39.94 39.15 -44.40
N PHE A 751 -41.02 39.90 -44.09
CA PHE A 751 -42.32 39.26 -43.92
C PHE A 751 -42.91 38.83 -45.26
N GLU A 752 -42.83 39.69 -46.28
CA GLU A 752 -43.44 39.38 -47.56
C GLU A 752 -42.72 38.26 -48.30
N MET A 753 -41.44 38.04 -48.01
CA MET A 753 -40.76 36.92 -48.64
C MET A 753 -41.21 35.59 -48.07
N LEU A 754 -41.59 35.56 -46.79
CA LEU A 754 -42.17 34.37 -46.19
C LEU A 754 -43.67 34.26 -46.47
N ARG A 755 -44.29 35.35 -46.90
CA ARG A 755 -45.71 35.32 -47.23
C ARG A 755 -46.02 34.34 -48.36
N LYS A 756 -45.09 34.16 -49.31
CA LYS A 756 -45.37 33.32 -50.47
C LYS A 756 -45.35 31.84 -50.12
N ILE A 757 -44.50 31.42 -49.17
CA ILE A 757 -44.46 30.02 -48.76
C ILE A 757 -45.67 29.65 -47.91
N HIS A 758 -46.47 30.64 -47.51
CA HIS A 758 -47.69 30.43 -46.72
C HIS A 758 -47.36 29.85 -45.34
N CYS A 759 -46.44 30.52 -44.64
CA CYS A 759 -46.17 30.18 -43.25
C CYS A 759 -47.40 30.45 -42.41
N ARG A 760 -47.64 29.60 -41.41
CA ARG A 760 -48.88 29.70 -40.65
C ARG A 760 -48.92 30.94 -39.78
N VAL A 761 -47.99 31.06 -38.83
CA VAL A 761 -48.01 32.17 -37.89
C VAL A 761 -46.63 32.82 -37.83
N ILE A 762 -46.64 34.11 -37.46
CA ILE A 762 -45.45 34.95 -37.48
C ILE A 762 -45.33 35.62 -36.11
N GLN A 763 -44.09 35.69 -35.61
CA GLN A 763 -43.81 36.31 -34.32
C GLN A 763 -42.55 37.16 -34.47
N GLY A 764 -42.63 38.42 -34.10
CA GLY A 764 -41.47 39.30 -34.20
C GLY A 764 -41.86 40.75 -33.97
N TYR A 765 -40.89 41.62 -34.25
CA TYR A 765 -41.09 43.05 -34.03
C TYR A 765 -41.94 43.69 -35.11
N PHE A 766 -42.11 43.04 -36.27
CA PHE A 766 -42.89 43.63 -37.36
C PHE A 766 -44.36 43.83 -36.99
N PHE A 767 -44.86 43.10 -36.01
CA PHE A 767 -46.25 43.23 -35.59
C PHE A 767 -46.41 43.71 -34.16
N SER A 768 -45.59 43.21 -33.24
CA SER A 768 -45.69 43.65 -31.84
C SER A 768 -44.40 43.28 -31.11
N ARG A 769 -43.74 44.28 -30.53
CA ARG A 769 -42.69 44.02 -29.57
C ARG A 769 -43.32 43.40 -28.31
N PRO A 770 -42.55 42.65 -27.52
CA PRO A 770 -43.08 42.13 -26.25
C PRO A 770 -43.75 43.21 -25.41
N LEU A 771 -45.07 43.06 -25.19
CA LEU A 771 -45.87 44.07 -24.52
C LEU A 771 -46.19 43.64 -23.10
N PRO A 772 -46.17 44.57 -22.15
CA PRO A 772 -46.53 44.22 -20.77
C PRO A 772 -47.99 43.82 -20.61
N ALA A 773 -48.23 43.05 -19.56
CA ALA A 773 -49.56 42.48 -19.32
C ALA A 773 -50.61 43.55 -19.06
N GLU A 774 -50.22 44.67 -18.42
CA GLU A 774 -51.22 45.66 -18.06
C GLU A 774 -51.79 46.38 -19.28
N GLU A 775 -51.13 46.30 -20.43
CA GLU A 775 -51.68 46.85 -21.66
C GLU A 775 -51.76 45.82 -22.79
N ILE A 776 -51.59 44.54 -22.49
CA ILE A 776 -51.96 43.49 -23.45
C ILE A 776 -53.42 43.62 -23.88
N PRO A 777 -54.40 43.75 -22.98
CA PRO A 777 -55.79 43.92 -23.43
C PRO A 777 -56.01 45.14 -24.30
N GLY A 778 -55.28 46.23 -24.06
CA GLY A 778 -55.40 47.38 -24.93
C GLY A 778 -55.00 47.08 -26.36
N TRP A 779 -53.88 46.38 -26.53
CA TRP A 779 -53.48 45.96 -27.87
C TRP A 779 -54.51 45.01 -28.47
N MET A 780 -55.04 44.10 -27.67
CA MET A 780 -56.04 43.15 -28.16
C MET A 780 -57.26 43.89 -28.70
N SER A 781 -57.73 44.88 -27.97
CA SER A 781 -58.96 45.59 -28.32
C SER A 781 -58.74 46.74 -29.31
N SER A 782 -57.49 47.12 -29.58
CA SER A 782 -57.22 48.25 -30.46
C SER A 782 -56.61 47.87 -31.79
N VAL A 783 -55.70 46.89 -31.84
CA VAL A 783 -54.90 46.66 -33.03
C VAL A 783 -55.51 45.59 -33.92
N LEU A 784 -55.92 44.46 -33.35
CA LEU A 784 -56.44 43.37 -34.15
C LEU A 784 -57.74 43.78 -34.84
N PRO A 785 -57.94 43.39 -36.11
CA PRO A 785 -56.99 42.67 -36.97
C PRO A 785 -55.95 43.60 -37.60
N LEU A 786 -54.85 43.02 -38.09
CA LEU A 786 -53.78 43.80 -38.71
C LEU A 786 -53.75 43.67 -40.22
N LYS A 787 -54.02 42.48 -40.76
CA LYS A 787 -53.99 42.23 -42.20
C LYS A 787 -52.65 42.61 -42.83
N GLY B 1 33.32 -33.85 84.90
CA GLY B 1 34.45 -34.42 84.18
C GLY B 1 34.83 -33.65 82.95
N ILE B 2 35.80 -34.18 82.19
CA ILE B 2 36.26 -33.54 80.97
C ILE B 2 35.68 -34.21 79.72
N PHE B 3 34.75 -35.14 79.89
CA PHE B 3 34.17 -35.88 78.78
C PHE B 3 32.70 -35.58 78.56
N PHE B 4 31.87 -35.69 79.61
CA PHE B 4 30.44 -35.44 79.45
C PHE B 4 30.13 -33.95 79.32
N PRO B 5 30.49 -33.09 80.28
CA PRO B 5 30.07 -31.68 80.18
C PRO B 5 30.78 -30.90 79.09
N ALA B 6 31.85 -31.46 78.50
CA ALA B 6 32.61 -30.71 77.50
C ALA B 6 31.76 -30.39 76.28
N LEU B 7 30.99 -31.35 75.79
CA LEU B 7 30.20 -31.19 74.58
C LEU B 7 28.72 -30.94 74.86
N GLU B 8 28.34 -30.74 76.13
CA GLU B 8 26.93 -30.53 76.44
C GLU B 8 26.45 -29.16 75.99
N GLN B 9 27.25 -28.11 76.23
CA GLN B 9 26.90 -26.75 75.84
C GLN B 9 27.57 -26.31 74.55
N ASN B 10 28.22 -27.23 73.83
CA ASN B 10 28.94 -26.87 72.63
C ASN B 10 27.98 -26.57 71.49
N MET B 11 28.46 -25.78 70.53
CA MET B 11 27.69 -25.54 69.31
C MET B 11 27.59 -26.80 68.47
N MET B 12 28.64 -27.62 68.47
CA MET B 12 28.62 -28.89 67.75
C MET B 12 27.74 -29.88 68.49
N GLY B 13 26.84 -30.54 67.76
CA GLY B 13 26.03 -31.58 68.38
C GLY B 13 26.82 -32.87 68.54
N ALA B 14 26.67 -33.48 69.70
CA ALA B 14 27.41 -34.70 70.03
C ALA B 14 26.43 -35.85 70.24
N VAL B 15 26.64 -36.94 69.51
CA VAL B 15 25.85 -38.15 69.66
C VAL B 15 26.80 -39.34 69.70
N LEU B 16 26.56 -40.26 70.64
CA LEU B 16 27.41 -41.42 70.84
C LEU B 16 26.55 -42.67 70.91
N ILE B 17 26.99 -43.72 70.22
CA ILE B 17 26.30 -45.01 70.22
C ILE B 17 27.25 -46.07 70.76
N ASN B 18 26.68 -46.97 71.57
CA ASN B 18 27.42 -48.00 72.30
C ASN B 18 27.46 -49.30 71.50
N GLU B 19 27.81 -50.39 72.18
CA GLU B 19 27.88 -51.70 71.53
C GLU B 19 26.53 -52.12 70.98
N ASN B 20 25.46 -51.91 71.74
CA ASN B 20 24.12 -52.32 71.33
C ASN B 20 23.47 -51.34 70.35
N ASP B 21 24.26 -50.44 69.76
CA ASP B 21 23.77 -49.44 68.81
C ASP B 21 22.68 -48.58 69.44
N GLU B 22 22.81 -48.31 70.74
CA GLU B 22 21.88 -47.47 71.47
C GLU B 22 22.54 -46.12 71.75
N VAL B 23 21.80 -45.04 71.49
CA VAL B 23 22.34 -43.70 71.70
C VAL B 23 22.59 -43.47 73.18
N MET B 24 23.76 -42.89 73.49
CA MET B 24 24.16 -42.62 74.86
C MET B 24 24.35 -41.14 75.16
N PHE B 25 24.71 -40.33 74.17
CA PHE B 25 24.91 -38.90 74.36
C PHE B 25 23.90 -38.11 73.54
N PHE B 26 23.47 -36.99 74.09
CA PHE B 26 22.52 -36.11 73.41
C PHE B 26 22.60 -34.73 74.05
N ASN B 27 22.81 -33.71 73.24
CA ASN B 27 23.03 -32.35 73.70
C ASN B 27 22.05 -31.38 73.04
N PRO B 28 21.85 -30.20 73.63
CA PRO B 28 20.90 -29.24 73.04
C PRO B 28 21.22 -28.85 71.61
N ALA B 29 22.50 -28.88 71.21
CA ALA B 29 22.82 -28.61 69.81
C ALA B 29 22.18 -29.63 68.87
N ALA B 30 22.23 -30.90 69.25
CA ALA B 30 21.55 -31.93 68.45
C ALA B 30 20.05 -31.90 68.66
N GLU B 31 19.59 -31.40 69.81
CA GLU B 31 18.16 -31.19 70.00
C GLU B 31 17.61 -30.19 69.00
N LYS B 32 18.35 -29.09 68.79
CA LYS B 32 17.94 -28.07 67.83
C LYS B 32 17.96 -28.58 66.39
N LEU B 33 18.60 -29.73 66.13
CA LEU B 33 18.66 -30.29 64.79
C LEU B 33 17.73 -31.48 64.58
N TRP B 34 17.34 -32.17 65.63
CA TRP B 34 16.46 -33.33 65.50
C TRP B 34 15.04 -33.10 65.99
N GLY B 35 14.82 -32.14 66.89
CA GLY B 35 13.50 -31.89 67.44
C GLY B 35 13.18 -32.67 68.70
N TYR B 36 13.94 -33.72 69.00
CA TYR B 36 13.72 -34.51 70.20
C TYR B 36 14.30 -33.80 71.42
N LYS B 37 14.13 -34.43 72.57
CA LYS B 37 14.70 -33.97 73.84
C LYS B 37 15.58 -35.08 74.41
N ARG B 38 16.11 -34.83 75.61
CA ARG B 38 16.98 -35.79 76.28
C ARG B 38 16.20 -36.87 77.03
N GLU B 39 14.93 -37.07 76.68
CA GLU B 39 14.11 -38.13 77.27
C GLU B 39 13.60 -39.14 76.26
N GLU B 40 13.95 -38.98 74.98
CA GLU B 40 13.45 -39.87 73.94
C GLU B 40 14.54 -40.44 73.04
N VAL B 41 15.80 -40.05 73.23
CA VAL B 41 16.89 -40.55 72.40
C VAL B 41 17.86 -41.41 73.18
N ILE B 42 17.95 -41.24 74.50
CA ILE B 42 18.85 -42.07 75.30
C ILE B 42 18.20 -43.43 75.53
N GLY B 43 18.97 -44.49 75.30
CA GLY B 43 18.47 -45.83 75.52
C GLY B 43 17.94 -46.53 74.27
N ASN B 44 17.04 -45.89 73.54
CA ASN B 44 16.43 -46.53 72.38
C ASN B 44 17.42 -46.58 71.22
N ASN B 45 17.05 -47.35 70.19
CA ASN B 45 17.95 -47.63 69.08
C ASN B 45 18.14 -46.39 68.20
N ILE B 46 19.11 -46.50 67.28
CA ILE B 46 19.48 -45.43 66.37
C ILE B 46 18.49 -45.40 65.21
N ASP B 47 17.50 -46.29 65.23
CA ASP B 47 16.59 -46.43 64.11
C ASP B 47 15.80 -45.15 63.86
N MET B 48 15.47 -44.39 64.91
CA MET B 48 14.64 -43.21 64.73
C MET B 48 15.42 -42.05 64.11
N LEU B 49 16.72 -41.95 64.39
CA LEU B 49 17.49 -40.80 63.92
C LEU B 49 17.69 -40.83 62.41
N ILE B 50 17.80 -42.02 61.83
CA ILE B 50 18.00 -42.17 60.39
C ILE B 50 16.75 -41.68 59.67
N PRO B 51 16.88 -41.03 58.53
CA PRO B 51 15.68 -40.69 57.74
C PRO B 51 14.93 -41.94 57.33
N ARG B 52 13.61 -41.78 57.18
CA ARG B 52 12.72 -42.93 56.98
C ARG B 52 13.07 -43.74 55.74
N ASP B 53 13.74 -43.14 54.75
CA ASP B 53 14.08 -43.84 53.52
C ASP B 53 15.37 -44.64 53.61
N LEU B 54 16.08 -44.57 54.74
CA LEU B 54 17.37 -45.24 54.88
C LEU B 54 17.46 -46.11 56.12
N ARG B 55 16.35 -46.28 56.85
CA ARG B 55 16.38 -47.10 58.07
C ARG B 55 16.81 -48.53 57.82
N PRO B 56 16.31 -49.25 56.80
CA PRO B 56 16.80 -50.63 56.61
C PRO B 56 18.22 -50.69 56.06
N ALA B 57 18.63 -49.71 55.27
CA ALA B 57 19.95 -49.75 54.66
C ALA B 57 21.07 -49.38 55.64
N HIS B 58 20.79 -48.50 56.59
CA HIS B 58 21.85 -47.98 57.46
C HIS B 58 22.54 -49.05 58.32
N PRO B 59 21.82 -49.92 59.05
CA PRO B 59 22.48 -50.67 60.15
C PRO B 59 23.62 -51.57 59.72
N GLU B 60 23.69 -51.98 58.45
CA GLU B 60 24.76 -52.86 58.03
C GLU B 60 26.11 -52.13 58.00
N TYR B 61 26.08 -50.82 57.78
CA TYR B 61 27.32 -50.04 57.73
C TYR B 61 28.04 -50.05 59.07
N ILE B 62 27.30 -49.98 60.17
CA ILE B 62 27.91 -49.99 61.49
C ILE B 62 28.64 -51.31 61.71
N ARG B 63 28.00 -52.43 61.37
CA ARG B 63 28.62 -53.73 61.53
C ARG B 63 29.84 -53.87 60.62
N HIS B 64 29.74 -53.38 59.39
CA HIS B 64 30.89 -53.45 58.48
C HIS B 64 32.07 -52.64 59.00
N ASN B 65 31.80 -51.45 59.54
CA ASN B 65 32.86 -50.64 60.10
C ASN B 65 33.47 -51.31 61.34
N ARG B 66 32.63 -51.93 62.16
CA ARG B 66 33.14 -52.65 63.32
C ARG B 66 34.04 -53.80 62.90
N GLU B 67 33.64 -54.54 61.87
CA GLU B 67 34.47 -55.62 61.36
C GLU B 67 35.79 -55.09 60.80
N GLY B 68 35.74 -53.98 60.07
CA GLY B 68 36.95 -53.41 59.50
C GLY B 68 37.93 -52.94 60.55
N GLY B 69 37.43 -52.22 61.56
CA GLY B 69 38.29 -51.75 62.64
C GLY B 69 39.21 -50.61 62.28
N LYS B 70 39.00 -49.95 61.14
CA LYS B 70 39.88 -48.86 60.75
C LYS B 70 39.73 -47.67 61.70
N ALA B 71 40.86 -47.00 61.97
CA ALA B 71 40.84 -45.88 62.89
C ALA B 71 40.17 -44.65 62.27
N ARG B 72 40.72 -44.16 61.16
CA ARG B 72 40.14 -43.02 60.47
C ARG B 72 38.98 -43.50 59.59
N VAL B 73 37.79 -42.96 59.83
CA VAL B 73 36.60 -43.35 59.09
C VAL B 73 36.45 -42.36 57.94
N GLU B 74 36.83 -42.79 56.74
CA GLU B 74 36.69 -41.95 55.56
C GLU B 74 35.22 -41.78 55.15
N GLY B 75 34.33 -42.63 55.64
CA GLY B 75 32.93 -42.52 55.29
C GLY B 75 32.27 -41.31 55.92
N MET B 76 31.11 -40.94 55.35
CA MET B 76 30.32 -39.79 55.78
C MET B 76 31.10 -38.48 55.72
N SER B 77 32.10 -38.41 54.84
CA SER B 77 32.89 -37.18 54.70
C SER B 77 32.14 -36.09 53.95
N ALA B 78 30.99 -36.40 53.36
CA ALA B 78 30.21 -35.44 52.60
C ALA B 78 28.96 -35.04 53.39
N GLU B 79 28.23 -34.07 52.85
CA GLU B 79 27.01 -33.60 53.49
C GLU B 79 25.93 -34.68 53.47
N LEU B 80 25.05 -34.63 54.48
CA LEU B 80 23.99 -35.62 54.59
C LEU B 80 22.66 -34.95 54.89
N GLN B 81 21.61 -35.43 54.24
CA GLN B 81 20.26 -35.00 54.56
C GLN B 81 19.81 -35.60 55.88
N LEU B 82 18.94 -34.87 56.57
CA LEU B 82 18.52 -35.25 57.92
C LEU B 82 17.03 -35.02 58.07
N GLU B 83 16.32 -36.05 58.55
CA GLU B 83 14.89 -35.99 58.79
C GLU B 83 14.66 -35.70 60.27
N LYS B 84 13.95 -34.61 60.56
CA LYS B 84 13.69 -34.22 61.94
C LYS B 84 12.57 -35.08 62.54
N LYS B 85 12.20 -34.75 63.77
CA LYS B 85 11.07 -35.42 64.40
C LYS B 85 9.76 -35.12 63.67
N ASP B 86 9.57 -33.87 63.26
CA ASP B 86 8.35 -33.46 62.56
C ASP B 86 8.37 -33.82 61.08
N GLY B 87 9.48 -34.33 60.56
CA GLY B 87 9.57 -34.72 59.16
C GLY B 87 10.35 -33.79 58.28
N SER B 88 10.67 -32.58 58.74
CA SER B 88 11.47 -31.66 57.95
C SER B 88 12.91 -32.15 57.85
N LYS B 89 13.56 -31.80 56.74
CA LYS B 89 14.91 -32.26 56.44
C LYS B 89 15.86 -31.07 56.30
N ILE B 90 17.06 -31.23 56.85
CA ILE B 90 18.10 -30.21 56.79
C ILE B 90 19.42 -30.88 56.41
N TRP B 91 20.34 -30.07 55.91
CA TRP B 91 21.66 -30.55 55.55
C TRP B 91 22.60 -30.45 56.75
N THR B 92 23.39 -31.51 56.98
CA THR B 92 24.30 -31.57 58.11
C THR B 92 25.65 -32.09 57.66
N ARG B 93 26.69 -31.73 58.41
CA ARG B 93 28.04 -32.21 58.16
C ARG B 93 28.49 -33.05 59.35
N PHE B 94 29.00 -34.24 59.07
CA PHE B 94 29.34 -35.22 60.08
C PHE B 94 30.85 -35.36 60.22
N ALA B 95 31.28 -35.58 61.46
CA ALA B 95 32.65 -35.98 61.76
C ALA B 95 32.58 -37.22 62.63
N LEU B 96 33.01 -38.36 62.10
CA LEU B 96 32.84 -39.65 62.76
C LEU B 96 34.14 -40.08 63.40
N SER B 97 34.04 -40.54 64.65
CA SER B 97 35.19 -41.02 65.40
C SER B 97 34.85 -42.36 66.04
N LYS B 98 35.82 -43.26 66.03
CA LYS B 98 35.68 -44.58 66.63
C LYS B 98 36.59 -44.69 67.86
N VAL B 99 36.12 -45.42 68.85
CA VAL B 99 36.85 -45.64 70.09
C VAL B 99 37.05 -47.13 70.29
N SER B 100 38.29 -47.53 70.54
CA SER B 100 38.64 -48.91 70.88
C SER B 100 39.23 -48.90 72.29
N ALA B 101 38.34 -48.96 73.28
CA ALA B 101 38.74 -48.91 74.68
C ALA B 101 37.89 -49.89 75.48
N GLU B 102 38.49 -50.46 76.52
CA GLU B 102 37.82 -51.42 77.42
C GLU B 102 37.27 -52.61 76.65
N GLY B 103 37.92 -52.98 75.56
CA GLY B 103 37.42 -54.05 74.72
C GLY B 103 36.10 -53.77 74.06
N LYS B 104 35.73 -52.49 73.93
CA LYS B 104 34.46 -52.09 73.37
C LYS B 104 34.67 -51.07 72.27
N VAL B 105 33.78 -51.08 71.29
CA VAL B 105 33.82 -50.17 70.15
C VAL B 105 32.58 -49.30 70.18
N TYR B 106 32.76 -48.01 70.43
CA TYR B 106 31.69 -47.03 70.38
C TYR B 106 31.78 -46.24 69.08
N TYR B 107 30.83 -45.34 68.88
CA TYR B 107 30.85 -44.48 67.70
C TYR B 107 30.35 -43.10 68.07
N LEU B 108 31.18 -42.08 67.87
CA LEU B 108 30.78 -40.69 68.10
C LEU B 108 30.62 -39.99 66.76
N ALA B 109 29.54 -39.22 66.62
CA ALA B 109 29.24 -38.54 65.36
C ALA B 109 29.03 -37.06 65.67
N LEU B 110 30.11 -36.29 65.68
CA LEU B 110 29.99 -34.85 65.89
C LEU B 110 29.31 -34.23 64.67
N VAL B 111 28.08 -33.78 64.86
CA VAL B 111 27.30 -33.19 63.80
C VAL B 111 27.39 -31.68 63.90
N ARG B 112 27.37 -31.02 62.74
CA ARG B 112 27.24 -29.58 62.68
C ARG B 112 26.20 -29.21 61.65
N ASP B 113 25.44 -28.15 61.94
CA ASP B 113 24.36 -27.76 61.06
C ASP B 113 24.93 -27.19 59.79
N ALA B 114 25.07 -28.04 58.77
CA ALA B 114 25.56 -27.61 57.48
C ALA B 114 24.49 -26.94 56.64
N SER B 115 23.39 -26.51 57.27
CA SER B 115 22.36 -25.77 56.55
C SER B 115 22.95 -24.50 55.93
N VAL B 116 23.66 -23.71 56.74
CA VAL B 116 24.22 -22.45 56.23
C VAL B 116 25.35 -22.72 55.24
N GLU B 117 26.19 -23.72 55.51
CA GLU B 117 27.30 -24.03 54.60
C GLU B 117 26.79 -24.50 53.24
N MET B 118 25.79 -25.37 53.24
CA MET B 118 25.22 -25.86 52.00
C MET B 118 24.37 -24.81 51.31
N ALA B 119 23.73 -23.90 52.05
CA ALA B 119 23.09 -22.75 51.44
C ALA B 119 24.12 -21.86 50.76
N GLN B 120 25.30 -21.70 51.37
CA GLN B 120 26.38 -20.96 50.74
C GLN B 120 26.86 -21.66 49.47
N LYS B 121 26.98 -22.99 49.51
CA LYS B 121 27.40 -23.72 48.33
C LYS B 121 26.38 -23.62 47.20
N GLU B 122 25.10 -23.73 47.53
CA GLU B 122 24.05 -23.59 46.53
C GLU B 122 24.01 -22.18 45.97
N GLN B 123 24.21 -21.17 46.84
CA GLN B 123 24.29 -19.79 46.38
C GLN B 123 25.46 -19.59 45.45
N THR B 124 26.61 -20.21 45.75
CA THR B 124 27.76 -20.12 44.87
C THR B 124 27.48 -20.77 43.53
N ARG B 125 26.81 -21.92 43.53
CA ARG B 125 26.47 -22.58 42.27
C ARG B 125 25.52 -21.72 41.44
N GLN B 126 24.49 -21.16 42.09
CA GLN B 126 23.55 -20.29 41.39
C GLN B 126 24.24 -19.04 40.86
N LEU B 127 25.17 -18.48 41.63
CA LEU B 127 25.90 -17.30 41.17
C LEU B 127 26.82 -17.64 40.02
N ILE B 128 27.42 -18.83 40.03
CA ILE B 128 28.25 -19.26 38.90
C ILE B 128 27.40 -19.37 37.64
N ILE B 129 26.21 -19.95 37.76
CA ILE B 129 25.30 -20.03 36.62
C ILE B 129 24.91 -18.65 36.14
N ALA B 130 24.63 -17.74 37.09
CA ALA B 130 24.24 -16.37 36.72
C ALA B 130 25.36 -15.64 36.00
N VAL B 131 26.60 -15.80 36.47
CA VAL B 131 27.74 -15.17 35.83
C VAL B 131 28.00 -15.76 34.46
N ASP B 132 27.81 -17.07 34.31
CA ASP B 132 27.90 -17.69 32.99
C ASP B 132 26.83 -17.14 32.06
N HIS B 133 25.65 -16.83 32.60
CA HIS B 133 24.59 -16.18 31.83
C HIS B 133 24.60 -14.67 32.08
N LEU B 134 25.71 -14.04 31.69
CA LEU B 134 25.87 -12.60 31.80
C LEU B 134 26.11 -11.90 30.47
N ASP B 135 26.44 -12.65 29.41
CA ASP B 135 26.56 -12.14 28.04
C ASP B 135 27.67 -11.10 27.89
N ARG B 136 28.71 -11.17 28.74
CA ARG B 136 29.84 -10.27 28.59
C ARG B 136 31.00 -10.83 29.39
N PRO B 137 32.20 -10.92 28.80
CA PRO B 137 33.35 -11.51 29.53
C PRO B 137 33.76 -10.63 30.71
N VAL B 138 33.84 -11.24 31.89
CA VAL B 138 34.18 -10.54 33.12
C VAL B 138 35.29 -11.31 33.83
N ILE B 139 36.33 -10.60 34.25
CA ILE B 139 37.42 -11.19 35.00
C ILE B 139 37.56 -10.41 36.30
N VAL B 140 37.96 -11.11 37.36
CA VAL B 140 38.12 -10.54 38.68
C VAL B 140 39.59 -10.64 39.09
N LEU B 141 40.17 -9.52 39.48
CA LEU B 141 41.59 -9.41 39.80
C LEU B 141 41.77 -9.09 41.28
N ASP B 142 42.69 -9.80 41.91
CA ASP B 142 43.00 -9.61 43.32
C ASP B 142 43.97 -8.44 43.51
N PRO B 143 44.09 -7.93 44.74
CA PRO B 143 45.12 -6.91 44.99
C PRO B 143 46.54 -7.40 44.70
N GLU B 144 46.78 -8.72 44.78
CA GLU B 144 48.07 -9.32 44.41
C GLU B 144 48.32 -9.29 42.91
N ARG B 145 47.41 -8.64 42.18
CA ARG B 145 47.47 -8.31 40.76
C ARG B 145 47.14 -9.48 39.84
N HIS B 146 46.76 -10.65 40.35
CA HIS B 146 46.55 -11.82 39.51
C HIS B 146 45.06 -12.04 39.24
N ILE B 147 44.76 -13.09 38.47
CA ILE B 147 43.40 -13.44 38.07
C ILE B 147 42.85 -14.49 39.02
N VAL B 148 41.59 -14.33 39.42
CA VAL B 148 40.92 -15.26 40.34
C VAL B 148 39.74 -15.96 39.66
N GLN B 149 38.74 -15.20 39.23
CA GLN B 149 37.52 -15.76 38.66
C GLN B 149 37.30 -15.25 37.25
N CYS B 150 36.89 -16.15 36.36
CA CYS B 150 36.60 -15.83 34.97
C CYS B 150 35.11 -16.02 34.70
N ASN B 151 34.74 -15.81 33.43
CA ASN B 151 33.38 -15.98 32.94
C ASN B 151 33.36 -17.09 31.88
N ARG B 152 32.18 -17.34 31.33
CA ARG B 152 32.02 -18.30 30.24
C ARG B 152 32.23 -17.64 28.88
N ALA B 153 31.82 -16.38 28.73
CA ALA B 153 32.11 -15.66 27.50
C ALA B 153 33.60 -15.45 27.31
N PHE B 154 34.33 -15.23 28.42
CA PHE B 154 35.78 -15.14 28.35
C PHE B 154 36.39 -16.44 27.84
N THR B 155 35.92 -17.57 28.35
CA THR B 155 36.41 -18.87 27.89
C THR B 155 36.02 -19.11 26.44
N GLU B 156 34.87 -18.62 26.01
CA GLU B 156 34.43 -18.85 24.63
C GLU B 156 35.24 -18.02 23.64
N MET B 157 35.50 -16.74 23.95
CA MET B 157 36.19 -15.86 23.02
C MET B 157 37.69 -15.77 23.27
N PHE B 158 38.24 -16.50 24.24
CA PHE B 158 39.67 -16.58 24.42
C PHE B 158 40.20 -18.00 24.61
N GLY B 159 39.34 -18.97 24.87
CA GLY B 159 39.79 -20.34 25.00
C GLY B 159 40.51 -20.67 26.29
N TYR B 160 40.47 -19.80 27.28
CA TYR B 160 41.14 -20.02 28.55
C TYR B 160 40.10 -20.34 29.63
N CYS B 161 40.37 -21.38 30.41
CA CYS B 161 39.41 -21.86 31.40
C CYS B 161 39.85 -21.44 32.80
N ILE B 162 39.00 -21.75 33.79
CA ILE B 162 39.29 -21.35 35.16
C ILE B 162 40.50 -22.10 35.72
N SER B 163 40.65 -23.38 35.36
CA SER B 163 41.79 -24.15 35.85
C SER B 163 43.11 -23.56 35.35
N GLU B 164 43.16 -23.16 34.08
CA GLU B 164 44.37 -22.59 33.52
C GLU B 164 44.61 -21.16 34.00
N ALA B 165 43.55 -20.36 34.12
CA ALA B 165 43.70 -18.94 34.43
C ALA B 165 43.68 -18.63 35.92
N SER B 166 43.40 -19.61 36.78
CA SER B 166 43.25 -19.35 38.20
C SER B 166 44.58 -19.47 38.92
N GLY B 167 44.62 -18.89 40.12
CA GLY B 167 45.82 -18.92 40.93
C GLY B 167 46.88 -17.94 40.46
N MET B 168 47.50 -18.25 39.32
CA MET B 168 48.44 -17.36 38.68
C MET B 168 47.69 -16.42 37.75
N GLN B 169 48.41 -15.67 36.93
CA GLN B 169 47.79 -14.66 36.07
C GLN B 169 48.20 -14.82 34.62
N PRO B 170 47.32 -15.31 33.74
CA PRO B 170 47.49 -15.11 32.30
C PRO B 170 46.89 -13.79 31.82
N ASP B 171 47.16 -12.71 32.56
CA ASP B 171 46.75 -11.39 32.10
C ASP B 171 47.98 -10.52 31.88
N THR B 172 48.81 -10.33 32.90
CA THR B 172 50.02 -9.53 32.74
C THR B 172 50.97 -10.16 31.72
N LEU B 173 51.08 -11.48 31.70
CA LEU B 173 51.97 -12.17 30.77
C LEU B 173 51.30 -12.52 29.45
N LEU B 174 49.98 -12.58 29.40
CA LEU B 174 49.27 -12.96 28.19
C LEU B 174 48.57 -11.79 27.50
N ASN B 175 48.73 -10.56 28.01
CA ASN B 175 48.14 -9.41 27.34
C ASN B 175 48.99 -8.95 26.17
N THR B 176 50.31 -9.18 26.24
CA THR B 176 51.24 -8.83 25.17
C THR B 176 52.05 -10.07 24.82
N PRO B 177 51.42 -11.06 24.19
CA PRO B 177 52.15 -12.30 23.85
C PRO B 177 53.24 -12.06 22.81
N GLU B 178 52.90 -11.44 21.69
CA GLU B 178 53.90 -11.09 20.68
C GLU B 178 53.74 -9.62 20.28
N PHE B 179 52.54 -9.08 20.44
CA PHE B 179 52.29 -7.68 20.15
C PHE B 179 52.31 -6.88 21.44
N PRO B 180 53.23 -5.93 21.62
CA PRO B 180 53.32 -5.24 22.91
C PRO B 180 52.12 -4.35 23.21
N ALA B 181 51.59 -3.68 22.19
CA ALA B 181 50.45 -2.77 22.32
C ALA B 181 50.74 -1.59 23.23
N ASP B 182 51.98 -1.51 23.75
CA ASP B 182 52.47 -0.37 24.51
C ASP B 182 51.57 -0.05 25.72
N ASN B 183 50.98 -1.10 26.30
CA ASN B 183 50.12 -0.91 27.48
C ASN B 183 50.35 -1.96 28.56
N ARG B 184 51.43 -2.74 28.48
CA ARG B 184 51.68 -3.73 29.53
C ARG B 184 52.00 -3.06 30.86
N ILE B 185 52.74 -1.96 30.83
CA ILE B 185 53.01 -1.23 32.07
C ILE B 185 51.73 -0.64 32.64
N ARG B 186 50.83 -0.19 31.77
CA ARG B 186 49.52 0.27 32.24
C ARG B 186 48.75 -0.85 32.91
N LEU B 187 48.74 -2.04 32.29
CA LEU B 187 48.03 -3.17 32.88
C LEU B 187 48.71 -3.69 34.14
N GLN B 188 49.98 -3.39 34.33
CA GLN B 188 50.71 -3.87 35.50
C GLN B 188 50.60 -2.91 36.69
N GLN B 189 51.05 -1.67 36.52
CA GLN B 189 51.14 -0.72 37.63
C GLN B 189 50.00 0.28 37.64
N LEU B 190 49.79 1.00 36.54
CA LEU B 190 48.71 1.99 36.50
C LEU B 190 47.34 1.35 36.65
N LEU B 191 47.22 0.05 36.35
CA LEU B 191 45.92 -0.60 36.39
C LEU B 191 45.40 -0.70 37.82
N TRP B 192 46.30 -0.97 38.77
CA TRP B 192 45.93 -1.04 40.18
C TRP B 192 46.14 0.29 40.92
N LYS B 193 46.63 1.32 40.24
CA LYS B 193 46.87 2.61 40.87
C LYS B 193 45.70 3.58 40.68
N THR B 194 45.24 3.72 39.44
CA THR B 194 44.14 4.63 39.14
C THR B 194 42.80 3.94 39.40
N ALA B 195 41.71 4.61 39.04
CA ALA B 195 40.37 4.10 39.22
C ALA B 195 39.54 4.38 37.98
N ARG B 196 38.71 3.40 37.61
CA ARG B 196 37.78 3.52 36.47
C ARG B 196 38.54 3.84 35.19
N ASP B 197 39.35 2.89 34.75
CA ASP B 197 40.16 3.05 33.55
C ASP B 197 39.66 2.13 32.45
N GLN B 198 40.21 2.32 31.24
CA GLN B 198 39.78 1.54 30.10
C GLN B 198 40.72 1.81 28.92
N ASP B 199 40.90 0.80 28.07
CA ASP B 199 41.66 0.95 26.84
C ASP B 199 41.36 -0.26 25.94
N GLU B 200 42.08 -0.32 24.82
CA GLU B 200 41.90 -1.34 23.80
C GLU B 200 43.22 -2.07 23.56
N PHE B 201 43.14 -3.38 23.37
CA PHE B 201 44.32 -4.23 23.30
C PHE B 201 44.38 -5.08 22.05
N LEU B 202 45.37 -5.96 21.99
CA LEU B 202 45.46 -7.02 20.98
C LEU B 202 45.78 -8.34 21.66
N LEU B 203 45.13 -8.58 22.81
CA LEU B 203 45.38 -9.79 23.59
C LEU B 203 45.01 -11.02 22.76
N LEU B 204 45.91 -12.01 22.76
CA LEU B 204 45.78 -13.16 21.89
C LEU B 204 44.99 -14.27 22.56
N THR B 205 44.76 -15.35 21.82
CA THR B 205 43.97 -16.49 22.29
C THR B 205 44.84 -17.74 22.28
N ARG B 206 44.20 -18.89 22.50
CA ARG B 206 44.89 -20.17 22.37
C ARG B 206 45.44 -20.33 20.96
N THR B 207 44.64 -19.99 19.95
CA THR B 207 45.12 -20.02 18.58
C THR B 207 46.18 -18.97 18.32
N GLY B 208 46.02 -17.78 18.90
CA GLY B 208 46.96 -16.69 18.73
C GLY B 208 46.55 -15.62 17.74
N GLU B 209 45.32 -15.66 17.23
CA GLU B 209 44.87 -14.66 16.28
C GLU B 209 44.70 -13.31 16.96
N LYS B 210 44.97 -12.24 16.20
CA LYS B 210 44.95 -10.88 16.73
C LYS B 210 43.52 -10.36 16.77
N ILE B 211 43.07 -9.97 17.97
CA ILE B 211 41.71 -9.46 18.16
C ILE B 211 41.78 -8.21 19.02
N TRP B 212 40.96 -7.21 18.67
CA TRP B 212 40.88 -5.96 19.41
C TRP B 212 39.84 -6.11 20.52
N ILE B 213 40.28 -5.99 21.76
CA ILE B 213 39.45 -6.23 22.94
C ILE B 213 39.50 -5.02 23.85
N LYS B 214 38.34 -4.58 24.34
CA LYS B 214 38.29 -3.57 25.39
C LYS B 214 38.65 -4.18 26.73
N ALA B 215 39.18 -3.34 27.62
CA ALA B 215 39.68 -3.81 28.91
C ALA B 215 39.18 -2.93 30.04
N SER B 216 37.87 -2.67 30.10
CA SER B 216 37.35 -1.75 31.10
C SER B 216 37.62 -2.28 32.49
N ILE B 217 38.23 -1.44 33.34
CA ILE B 217 38.69 -1.87 34.67
C ILE B 217 38.11 -0.92 35.70
N SER B 218 37.54 -1.49 36.77
CA SER B 218 36.93 -0.72 37.84
C SER B 218 37.34 -1.33 39.18
N PRO B 219 37.74 -0.50 40.16
CA PRO B 219 38.10 -1.01 41.48
C PRO B 219 36.91 -1.10 42.42
N VAL B 220 36.90 -2.13 43.24
CA VAL B 220 35.87 -2.35 44.26
C VAL B 220 36.53 -2.20 45.62
N TYR B 221 36.03 -1.24 46.40
CA TYR B 221 36.60 -0.86 47.68
C TYR B 221 35.85 -1.52 48.83
N ASP B 222 36.56 -1.70 49.93
CA ASP B 222 35.98 -2.24 51.15
C ASP B 222 35.47 -1.10 52.03
N VAL B 223 35.16 -1.42 53.30
CA VAL B 223 34.70 -0.40 54.24
C VAL B 223 35.78 0.65 54.46
N LEU B 224 37.03 0.23 54.56
CA LEU B 224 38.16 1.13 54.75
C LEU B 224 38.55 1.89 53.49
N ALA B 225 37.75 1.79 52.42
CA ALA B 225 38.04 2.45 51.14
C ALA B 225 39.41 2.05 50.61
N HIS B 226 39.76 0.78 50.75
CA HIS B 226 41.00 0.23 50.24
C HIS B 226 40.72 -0.68 49.06
N LEU B 227 41.79 -0.99 48.32
CA LEU B 227 41.67 -1.73 47.06
C LEU B 227 41.35 -3.19 47.37
N GLN B 228 40.07 -3.46 47.61
CA GLN B 228 39.64 -4.81 47.91
C GLN B 228 39.76 -5.72 46.69
N ASN B 229 39.22 -5.29 45.56
CA ASN B 229 39.27 -6.10 44.35
C ASN B 229 39.26 -5.19 43.13
N LEU B 230 39.41 -5.80 41.95
CA LEU B 230 39.22 -5.12 40.68
C LEU B 230 38.41 -6.01 39.76
N VAL B 231 37.69 -5.40 38.83
CA VAL B 231 36.90 -6.12 37.85
C VAL B 231 37.20 -5.55 36.47
N MET B 232 37.54 -6.42 35.53
CA MET B 232 37.78 -6.03 34.15
C MET B 232 36.77 -6.71 33.25
N THR B 233 35.97 -5.92 32.57
CA THR B 233 35.04 -6.39 31.57
C THR B 233 35.64 -6.21 30.19
N PHE B 234 35.47 -7.22 29.34
CA PHE B 234 35.99 -7.23 27.98
C PHE B 234 34.85 -7.12 26.99
N SER B 235 35.19 -6.62 25.81
CA SER B 235 34.24 -6.59 24.70
C SER B 235 35.06 -6.59 23.42
N ASP B 236 34.82 -7.58 22.56
CA ASP B 236 35.54 -7.66 21.30
C ASP B 236 35.09 -6.54 20.38
N ILE B 237 36.02 -5.65 20.04
CA ILE B 237 35.70 -4.57 19.11
C ILE B 237 35.30 -5.15 17.75
N THR B 238 35.95 -6.23 17.34
CA THR B 238 35.57 -6.91 16.10
C THR B 238 34.14 -7.44 16.19
N GLU B 239 33.78 -8.02 17.34
CA GLU B 239 32.42 -8.53 17.50
C GLU B 239 31.40 -7.40 17.49
N GLU B 240 31.73 -6.28 18.15
CA GLU B 240 30.80 -5.15 18.18
C GLU B 240 30.60 -4.57 16.79
N ARG B 241 31.69 -4.37 16.04
CA ARG B 241 31.56 -3.82 14.70
C ARG B 241 30.83 -4.81 13.79
N GLN B 242 31.06 -6.11 13.97
CA GLN B 242 30.37 -7.10 13.16
C GLN B 242 28.88 -7.15 13.47
N ILE B 243 28.51 -7.00 14.74
CA ILE B 243 27.09 -7.05 15.09
C ILE B 243 26.38 -5.75 14.72
N ARG B 244 27.09 -4.63 14.65
CA ARG B 244 26.49 -3.43 14.09
C ARG B 244 26.36 -3.54 12.57
N GLN B 245 27.37 -4.11 11.91
CA GLN B 245 27.34 -4.26 10.46
C GLN B 245 26.28 -5.25 10.02
N LEU B 246 26.04 -6.30 10.80
CA LEU B 246 24.98 -7.26 10.47
C LEU B 246 23.62 -6.57 10.47
N GLU B 247 23.34 -5.79 11.52
CA GLU B 247 22.08 -5.07 11.59
C GLU B 247 21.97 -4.07 10.44
N GLY B 248 23.04 -3.34 10.16
CA GLY B 248 23.01 -2.38 9.07
C GLY B 248 22.76 -3.03 7.72
N ASN B 249 23.46 -4.13 7.44
CA ASN B 249 23.31 -4.82 6.17
C ASN B 249 21.90 -5.42 6.02
N ILE B 250 21.39 -6.03 7.09
CA ILE B 250 20.04 -6.60 7.01
C ILE B 250 19.01 -5.50 6.80
N LEU B 251 19.15 -4.38 7.51
CA LEU B 251 18.21 -3.27 7.33
C LEU B 251 18.29 -2.70 5.93
N ALA B 252 19.51 -2.57 5.39
CA ALA B 252 19.67 -2.08 4.02
C ALA B 252 19.00 -3.02 3.02
N ALA B 253 19.20 -4.33 3.18
CA ALA B 253 18.57 -5.28 2.28
C ALA B 253 17.05 -5.23 2.39
N MET B 254 16.53 -5.10 3.61
CA MET B 254 15.09 -4.99 3.81
C MET B 254 14.53 -3.71 3.22
N CYS B 255 15.33 -2.65 3.18
CA CYS B 255 14.86 -1.39 2.60
C CYS B 255 14.71 -1.44 1.09
N SER B 256 15.20 -2.50 0.44
CA SER B 256 15.07 -2.66 -1.00
C SER B 256 13.79 -3.39 -1.40
N SER B 257 12.98 -3.80 -0.42
CA SER B 257 11.73 -4.51 -0.66
C SER B 257 11.93 -5.73 -1.57
N PRO B 258 12.68 -6.74 -1.14
CA PRO B 258 12.85 -7.94 -1.95
C PRO B 258 11.74 -8.94 -1.67
N PRO B 259 11.63 -10.00 -2.49
CA PRO B 259 10.64 -11.04 -2.19
C PRO B 259 10.89 -11.67 -0.82
N PHE B 260 9.89 -12.41 -0.36
CA PHE B 260 9.98 -13.03 0.97
C PHE B 260 11.09 -14.07 1.03
N HIS B 261 11.17 -14.93 0.00
CA HIS B 261 12.23 -15.93 -0.05
C HIS B 261 13.60 -15.28 -0.17
N GLU B 262 13.71 -14.23 -0.97
CA GLU B 262 14.98 -13.52 -1.11
C GLU B 262 15.38 -12.86 0.20
N MET B 263 14.43 -12.31 0.95
CA MET B 263 14.73 -11.75 2.25
C MET B 263 15.22 -12.81 3.21
N GLY B 264 14.57 -13.97 3.23
CA GLY B 264 15.06 -15.07 4.05
C GLY B 264 16.47 -15.48 3.66
N GLU B 265 16.74 -15.57 2.36
CA GLU B 265 18.08 -15.91 1.90
C GLU B 265 19.11 -14.86 2.29
N ILE B 266 18.72 -13.59 2.23
CA ILE B 266 19.64 -12.51 2.60
C ILE B 266 19.99 -12.59 4.08
N ILE B 267 18.97 -12.79 4.93
CA ILE B 267 19.24 -12.98 6.34
C ILE B 267 20.15 -14.18 6.54
N CYS B 268 19.91 -15.26 5.79
CA CYS B 268 20.75 -16.44 5.88
C CYS B 268 22.20 -16.12 5.57
N ARG B 269 22.44 -15.43 4.45
CA ARG B 269 23.81 -15.14 4.03
C ARG B 269 24.51 -14.19 4.99
N ASN B 270 23.78 -13.19 5.49
CA ASN B 270 24.39 -12.27 6.46
C ASN B 270 24.75 -12.99 7.75
N ILE B 271 23.87 -13.86 8.24
CA ILE B 271 24.18 -14.61 9.45
C ILE B 271 25.37 -15.53 9.22
N GLU B 272 25.44 -16.18 8.05
CA GLU B 272 26.56 -17.06 7.76
C GLU B 272 27.87 -16.29 7.65
N SER B 273 27.85 -15.11 7.02
CA SER B 273 29.05 -14.29 6.91
C SER B 273 29.51 -13.83 8.28
N VAL B 274 28.57 -13.46 9.15
CA VAL B 274 28.93 -13.10 10.52
C VAL B 274 29.48 -14.31 11.26
N LEU B 275 28.92 -15.50 11.01
CA LEU B 275 29.29 -16.75 11.66
C LEU B 275 29.64 -17.74 10.56
N ASN B 276 30.89 -17.68 10.09
CA ASN B 276 31.37 -18.59 9.06
C ASN B 276 31.20 -20.04 9.49
N GLU B 277 30.97 -20.92 8.50
CA GLU B 277 30.72 -22.33 8.72
C GLU B 277 29.47 -22.54 9.58
N SER B 278 28.35 -22.06 9.04
CA SER B 278 27.05 -22.19 9.72
C SER B 278 25.99 -22.56 8.70
N HIS B 279 24.98 -23.30 9.16
CA HIS B 279 23.81 -23.64 8.38
C HIS B 279 22.62 -22.94 9.01
N VAL B 280 22.00 -22.04 8.27
CA VAL B 280 21.00 -21.12 8.80
C VAL B 280 19.72 -21.20 7.96
N SER B 281 18.58 -21.21 8.64
CA SER B 281 17.31 -21.34 7.95
C SER B 281 16.21 -20.64 8.73
N LEU B 282 15.14 -20.30 8.01
CA LEU B 282 14.00 -19.56 8.55
C LEU B 282 12.71 -20.22 8.10
N PHE B 283 11.73 -20.23 9.02
CA PHE B 283 10.40 -20.76 8.78
C PHE B 283 9.39 -19.68 9.16
N ALA B 284 8.29 -19.59 8.40
CA ALA B 284 7.21 -18.65 8.68
C ALA B 284 5.93 -19.43 8.94
N LEU B 285 5.24 -19.10 10.04
CA LEU B 285 4.01 -19.80 10.40
C LEU B 285 2.89 -19.46 9.43
N ARG B 286 2.09 -20.47 9.08
CA ARG B 286 0.91 -20.30 8.23
C ARG B 286 -0.23 -21.09 8.87
N ASN B 287 -1.14 -20.36 9.53
CA ASN B 287 -2.29 -20.96 10.20
C ASN B 287 -1.87 -22.01 11.21
N GLY B 288 -0.76 -21.75 11.91
CA GLY B 288 -0.25 -22.68 12.90
C GLY B 288 0.68 -23.74 12.36
N MET B 289 0.87 -23.81 11.04
CA MET B 289 1.75 -24.80 10.45
C MET B 289 3.06 -24.15 10.04
N PRO B 290 4.20 -24.53 10.63
CA PRO B 290 5.48 -23.95 10.23
C PRO B 290 5.92 -24.46 8.87
N ILE B 291 5.92 -23.57 7.87
CA ILE B 291 6.33 -23.92 6.52
C ILE B 291 7.76 -23.44 6.31
N HIS B 292 8.38 -23.92 5.24
CA HIS B 292 9.76 -23.56 4.95
C HIS B 292 9.81 -22.22 4.22
N TRP B 293 10.64 -21.31 4.76
CA TRP B 293 10.80 -19.97 4.21
C TRP B 293 12.13 -19.80 3.51
N ALA B 294 13.24 -20.17 4.16
CA ALA B 294 14.54 -20.09 3.51
C ALA B 294 15.51 -21.02 4.22
N SER B 295 16.60 -21.34 3.53
CA SER B 295 17.64 -22.17 4.10
C SER B 295 18.96 -21.90 3.36
N SER B 296 20.05 -22.26 4.01
CA SER B 296 21.38 -22.12 3.41
C SER B 296 21.63 -23.27 2.44
N SER B 297 21.98 -22.94 1.20
CA SER B 297 22.19 -23.96 0.17
C SER B 297 23.41 -24.83 0.44
N HIS B 298 24.32 -24.39 1.31
CA HIS B 298 25.50 -25.18 1.63
C HIS B 298 25.13 -26.37 2.50
N GLY B 299 24.78 -27.48 1.86
CA GLY B 299 24.30 -28.67 2.55
C GLY B 299 25.35 -29.58 3.12
N ALA B 300 26.61 -29.16 3.16
CA ALA B 300 27.66 -29.98 3.75
C ALA B 300 27.38 -30.22 5.23
N GLU B 301 27.62 -31.43 5.69
CA GLU B 301 27.33 -31.80 7.06
C GLU B 301 28.24 -31.05 8.02
N ILE B 302 27.64 -30.36 8.99
CA ILE B 302 28.39 -29.61 9.99
C ILE B 302 28.62 -30.48 11.21
N GLN B 303 29.87 -30.63 11.61
CA GLN B 303 30.23 -31.48 12.73
C GLN B 303 29.94 -30.78 14.05
N ASN B 304 29.31 -31.50 14.98
CA ASN B 304 28.94 -30.96 16.29
C ASN B 304 28.08 -29.70 16.14
N ALA B 305 27.10 -29.77 15.25
CA ALA B 305 26.28 -28.61 14.92
C ALA B 305 25.35 -28.30 16.08
N GLN B 306 25.67 -27.26 16.84
CA GLN B 306 24.78 -26.73 17.87
C GLN B 306 23.79 -25.78 17.20
N SER B 307 22.49 -26.03 17.41
CA SER B 307 21.44 -25.27 16.76
C SER B 307 20.78 -24.35 17.77
N TRP B 308 20.66 -23.08 17.41
CA TRP B 308 19.99 -22.06 18.20
C TRP B 308 18.70 -21.67 17.49
N SER B 309 17.58 -21.74 18.21
CA SER B 309 16.27 -21.44 17.65
C SER B 309 15.69 -20.21 18.32
N ALA B 310 15.10 -19.34 17.52
CA ALA B 310 14.47 -18.12 18.00
C ALA B 310 13.04 -18.04 17.47
N THR B 311 12.13 -17.58 18.31
CA THR B 311 10.70 -17.52 18.00
C THR B 311 10.34 -16.09 17.64
N ILE B 312 9.95 -15.88 16.38
CA ILE B 312 9.60 -14.55 15.90
C ILE B 312 8.27 -14.12 16.50
N ARG B 313 8.23 -12.91 17.06
CA ARG B 313 7.01 -12.30 17.55
C ARG B 313 6.87 -10.91 16.94
N GLN B 314 5.64 -10.57 16.56
CA GLN B 314 5.38 -9.26 15.96
C GLN B 314 5.31 -8.21 17.08
N ARG B 315 4.79 -7.02 16.73
CA ARG B 315 4.74 -5.93 17.70
C ARG B 315 3.92 -6.31 18.93
N ASP B 316 2.87 -7.10 18.76
CA ASP B 316 2.08 -7.58 19.89
C ASP B 316 1.22 -8.75 19.42
N GLY B 317 1.39 -9.91 20.06
CA GLY B 317 0.54 -11.04 19.76
C GLY B 317 1.22 -12.40 19.64
N ALA B 318 0.67 -13.24 18.78
CA ALA B 318 1.12 -14.63 18.67
C ALA B 318 2.45 -14.73 17.95
N PRO B 319 3.16 -15.86 18.09
CA PRO B 319 4.39 -16.05 17.33
C PRO B 319 4.15 -16.08 15.83
N ALA B 320 5.17 -15.69 15.08
CA ALA B 320 5.07 -15.59 13.62
C ALA B 320 6.02 -16.50 12.86
N GLY B 321 7.09 -17.00 13.47
CA GLY B 321 7.99 -17.87 12.74
C GLY B 321 9.09 -18.38 13.64
N ILE B 322 10.02 -19.11 13.01
CA ILE B 322 11.16 -19.70 13.69
C ILE B 322 12.42 -19.38 12.88
N LEU B 323 13.52 -19.15 13.59
CA LEU B 323 14.83 -18.96 12.95
C LEU B 323 15.83 -19.88 13.62
N GLN B 324 16.40 -20.81 12.86
CA GLN B 324 17.33 -21.79 13.41
C GLN B 324 18.70 -21.62 12.75
N ILE B 325 19.72 -21.44 13.57
CA ILE B 325 21.10 -21.26 13.13
C ILE B 325 21.93 -22.32 13.82
N LYS B 326 22.49 -23.25 13.05
CA LYS B 326 23.34 -24.30 13.59
C LYS B 326 24.78 -24.05 13.17
N THR B 327 25.66 -23.98 14.15
CA THR B 327 27.07 -23.68 13.94
C THR B 327 27.90 -24.75 14.65
N SER B 328 29.11 -24.99 14.12
CA SER B 328 30.01 -25.94 14.75
C SER B 328 30.29 -25.52 16.19
N SER B 329 30.33 -26.50 17.09
CA SER B 329 30.51 -26.21 18.50
C SER B 329 31.88 -25.57 18.75
N GLY B 330 31.89 -24.49 19.54
CA GLY B 330 33.10 -23.78 19.85
C GLY B 330 33.57 -22.80 18.80
N ALA B 331 32.84 -22.67 17.69
CA ALA B 331 33.24 -21.72 16.64
C ALA B 331 33.17 -20.28 17.13
N GLU B 332 32.10 -19.94 17.86
CA GLU B 332 31.90 -18.58 18.33
C GLU B 332 31.27 -18.59 19.72
N THR B 333 31.36 -17.45 20.38
CA THR B 333 30.87 -17.30 21.74
C THR B 333 29.35 -17.46 21.78
N SER B 334 28.86 -18.05 22.87
CA SER B 334 27.42 -18.16 23.08
C SER B 334 26.76 -16.79 23.14
N ALA B 335 27.43 -15.81 23.75
CA ALA B 335 26.90 -14.45 23.77
C ALA B 335 26.82 -13.88 22.37
N PHE B 336 27.83 -14.14 21.54
CA PHE B 336 27.80 -13.71 20.15
C PHE B 336 26.63 -14.35 19.41
N ILE B 337 26.42 -15.65 19.62
CA ILE B 337 25.30 -16.36 19.01
C ILE B 337 23.98 -15.73 19.43
N GLU B 338 23.84 -15.44 20.74
CA GLU B 338 22.59 -14.88 21.24
C GLU B 338 22.34 -13.49 20.70
N ARG B 339 23.37 -12.65 20.61
CA ARG B 339 23.20 -11.31 20.06
C ARG B 339 22.80 -11.37 18.58
N VAL B 340 23.49 -12.21 17.80
CA VAL B 340 23.13 -12.36 16.39
C VAL B 340 21.70 -12.86 16.27
N ALA B 341 21.33 -13.83 17.11
CA ALA B 341 19.98 -14.38 17.07
C ALA B 341 18.94 -13.33 17.41
N ASP B 342 19.21 -12.48 18.40
CA ASP B 342 18.25 -11.46 18.79
C ASP B 342 18.07 -10.43 17.68
N ILE B 343 19.18 -9.94 17.12
CA ILE B 343 19.08 -8.96 16.04
C ILE B 343 18.35 -9.55 14.84
N SER B 344 18.71 -10.77 14.46
CA SER B 344 18.07 -11.40 13.31
C SER B 344 16.62 -11.77 13.59
N GLN B 345 16.28 -12.04 14.85
CA GLN B 345 14.90 -12.30 15.23
C GLN B 345 14.04 -11.07 15.07
N HIS B 346 14.53 -9.91 15.54
CA HIS B 346 13.77 -8.69 15.33
C HIS B 346 13.71 -8.32 13.86
N MET B 347 14.78 -8.54 13.11
CA MET B 347 14.75 -8.28 11.67
C MET B 347 13.74 -9.17 10.96
N ALA B 348 13.68 -10.46 11.34
CA ALA B 348 12.72 -11.37 10.73
C ALA B 348 11.30 -11.04 11.16
N ALA B 349 11.11 -10.54 12.38
CA ALA B 349 9.80 -10.06 12.78
C ALA B 349 9.37 -8.88 11.92
N LEU B 350 10.30 -7.96 11.67
CA LEU B 350 9.99 -6.84 10.77
C LEU B 350 9.66 -7.34 9.37
N ALA B 351 10.41 -8.32 8.87
CA ALA B 351 10.17 -8.86 7.54
C ALA B 351 8.80 -9.54 7.46
N LEU B 352 8.45 -10.32 8.48
CA LEU B 352 7.15 -10.98 8.49
C LEU B 352 6.00 -9.97 8.59
N GLU B 353 6.17 -8.92 9.41
CA GLU B 353 5.15 -7.88 9.47
C GLU B 353 5.01 -7.17 8.13
N GLN B 354 6.14 -6.89 7.46
CA GLN B 354 6.09 -6.25 6.15
C GLN B 354 5.41 -7.15 5.13
N GLU B 355 5.66 -8.45 5.19
CA GLU B 355 5.01 -9.37 4.26
C GLU B 355 3.52 -9.50 4.54
N LYS B 356 3.12 -9.44 5.82
CA LYS B 356 1.70 -9.40 6.14
C LYS B 356 1.05 -8.13 5.58
N SER B 357 1.74 -7.00 5.73
CA SER B 357 1.24 -5.75 5.14
C SER B 357 1.13 -5.86 3.63
N ARG B 358 2.13 -6.47 2.99
CA ARG B 358 2.09 -6.64 1.53
C ARG B 358 0.97 -7.59 1.12
N GLN B 359 0.69 -8.59 1.94
CA GLN B 359 -0.45 -9.48 1.67
C GLN B 359 -1.75 -8.69 1.73
N HIS B 360 -1.88 -7.80 2.71
CA HIS B 360 -3.04 -6.92 2.75
C HIS B 360 -3.10 -6.04 1.51
N ILE B 361 -1.95 -5.52 1.08
CA ILE B 361 -1.91 -4.67 -0.11
C ILE B 361 -2.40 -5.42 -1.34
N GLU B 362 -1.94 -6.66 -1.51
CA GLU B 362 -2.35 -7.46 -2.66
C GLU B 362 -3.75 -8.03 -2.51
N GLN B 363 -4.31 -8.01 -1.30
CA GLN B 363 -5.63 -8.59 -1.06
C GLN B 363 -6.76 -7.57 -1.13
N LEU B 364 -6.53 -6.31 -0.77
CA LEU B 364 -7.63 -5.36 -0.66
C LEU B 364 -7.55 -4.19 -1.63
N ILE B 365 -6.36 -3.65 -1.90
CA ILE B 365 -6.26 -2.55 -2.84
C ILE B 365 -6.60 -3.02 -4.26
N GLN B 366 -7.26 -2.15 -5.01
CA GLN B 366 -7.74 -2.44 -6.35
C GLN B 366 -6.94 -1.73 -7.44
N PHE B 367 -5.74 -1.24 -7.12
CA PHE B 367 -4.93 -0.53 -8.10
C PHE B 367 -3.47 -0.94 -7.96
N ASP B 368 -2.76 -0.96 -9.09
CA ASP B 368 -1.35 -1.32 -9.10
C ASP B 368 -0.50 -0.08 -8.87
N PRO B 369 0.38 -0.08 -7.87
CA PRO B 369 1.17 1.13 -7.58
C PRO B 369 2.39 1.27 -8.46
N MET B 370 2.27 0.98 -9.75
CA MET B 370 3.31 1.30 -10.71
C MET B 370 2.81 1.95 -11.99
N THR B 371 1.58 1.68 -12.42
CA THR B 371 1.00 2.27 -13.62
C THR B 371 -0.32 2.98 -13.38
N GLY B 372 -0.88 2.88 -12.17
CA GLY B 372 -2.18 3.48 -11.92
C GLY B 372 -3.34 2.73 -12.53
N LEU B 373 -3.16 1.46 -12.85
CA LEU B 373 -4.16 0.61 -13.49
C LEU B 373 -4.80 -0.31 -12.47
N PRO B 374 -6.05 -0.70 -12.70
CA PRO B 374 -6.67 -1.73 -11.86
C PRO B 374 -5.87 -3.02 -11.90
N ASN B 375 -5.87 -3.74 -10.78
CA ASN B 375 -5.13 -4.98 -10.67
C ASN B 375 -6.07 -6.17 -10.79
N ARG B 376 -5.54 -7.36 -10.52
CA ARG B 376 -6.32 -8.58 -10.68
C ARG B 376 -7.54 -8.62 -9.78
N ASN B 377 -7.48 -7.97 -8.61
CA ASN B 377 -8.64 -7.92 -7.73
C ASN B 377 -9.79 -7.15 -8.37
N ASN B 378 -9.49 -5.96 -8.90
CA ASN B 378 -10.51 -5.18 -9.59
C ASN B 378 -11.00 -5.91 -10.84
N LEU B 379 -10.11 -6.62 -11.51
CA LEU B 379 -10.51 -7.45 -12.65
C LEU B 379 -11.52 -8.50 -12.23
N HIS B 380 -11.22 -9.21 -11.13
CA HIS B 380 -12.13 -10.23 -10.64
C HIS B 380 -13.49 -9.65 -10.30
N ASN B 381 -13.49 -8.49 -9.62
CA ASN B 381 -14.75 -7.86 -9.25
C ASN B 381 -15.55 -7.44 -10.47
N TYR B 382 -14.87 -6.86 -11.47
CA TYR B 382 -15.55 -6.39 -12.67
C TYR B 382 -16.16 -7.54 -13.46
N LEU B 383 -15.38 -8.60 -13.69
CA LEU B 383 -15.90 -9.75 -14.41
C LEU B 383 -17.02 -10.45 -13.64
N ASP B 384 -16.89 -10.54 -12.31
CA ASP B 384 -17.95 -11.14 -11.51
C ASP B 384 -19.24 -10.34 -11.60
N ASP B 385 -19.13 -9.01 -11.53
CA ASP B 385 -20.32 -8.17 -11.64
C ASP B 385 -20.97 -8.34 -13.01
N LEU B 386 -20.16 -8.35 -14.07
CA LEU B 386 -20.71 -8.48 -15.41
C LEU B 386 -21.38 -9.85 -15.61
N VAL B 387 -20.73 -10.92 -15.16
CA VAL B 387 -21.31 -12.25 -15.35
C VAL B 387 -22.54 -12.44 -14.47
N ASP B 388 -22.60 -11.78 -13.31
CA ASP B 388 -23.80 -11.82 -12.49
C ASP B 388 -24.94 -11.06 -13.15
N LYS B 389 -24.63 -9.93 -13.79
CA LYS B 389 -25.63 -9.24 -14.60
C LYS B 389 -25.94 -9.99 -15.89
N ALA B 390 -25.19 -11.05 -16.19
CA ALA B 390 -25.49 -11.98 -17.28
C ALA B 390 -25.29 -11.34 -18.65
N VAL B 391 -24.23 -10.56 -18.78
CA VAL B 391 -23.76 -10.07 -20.07
C VAL B 391 -22.39 -10.71 -20.33
N SER B 392 -22.23 -11.28 -21.52
CA SER B 392 -21.03 -12.05 -21.81
C SER B 392 -19.88 -11.11 -22.16
N PRO B 393 -18.79 -11.12 -21.40
CA PRO B 393 -17.64 -10.28 -21.74
C PRO B 393 -16.63 -11.01 -22.62
N VAL B 394 -15.80 -10.22 -23.29
CA VAL B 394 -14.74 -10.73 -24.14
C VAL B 394 -13.42 -10.26 -23.55
N VAL B 395 -12.49 -11.20 -23.33
CA VAL B 395 -11.27 -10.97 -22.57
C VAL B 395 -10.06 -11.08 -23.50
N TYR B 396 -9.20 -10.07 -23.46
CA TYR B 396 -7.94 -10.06 -24.20
C TYR B 396 -6.80 -10.06 -23.19
N LEU B 397 -5.91 -11.03 -23.29
CA LEU B 397 -4.72 -11.10 -22.44
C LEU B 397 -3.52 -10.78 -23.32
N ILE B 398 -2.86 -9.66 -23.02
CA ILE B 398 -1.77 -9.12 -23.82
C ILE B 398 -0.47 -9.30 -23.04
N GLY B 399 0.57 -9.74 -23.73
CA GLY B 399 1.88 -9.88 -23.14
C GLY B 399 2.92 -9.14 -23.94
N VAL B 400 3.72 -8.32 -23.25
CA VAL B 400 4.73 -7.47 -23.87
C VAL B 400 6.04 -8.24 -23.86
N ASP B 401 6.32 -8.95 -24.95
CA ASP B 401 7.55 -9.73 -25.04
C ASP B 401 8.74 -8.83 -25.29
N HIS B 402 9.93 -9.42 -25.20
CA HIS B 402 11.20 -8.74 -25.51
C HIS B 402 11.43 -7.55 -24.57
N ILE B 403 11.31 -7.80 -23.26
CA ILE B 403 11.60 -6.76 -22.28
C ILE B 403 13.01 -6.92 -21.69
N GLN B 404 13.59 -8.11 -21.77
CA GLN B 404 14.92 -8.32 -21.23
C GLN B 404 15.97 -7.50 -21.97
N ASP B 405 15.72 -7.13 -23.23
CA ASP B 405 16.66 -6.26 -23.94
C ASP B 405 16.79 -4.92 -23.24
N VAL B 406 15.66 -4.28 -22.93
CA VAL B 406 15.69 -3.00 -22.22
C VAL B 406 16.24 -3.21 -20.80
N ILE B 407 15.82 -4.30 -20.15
CA ILE B 407 16.27 -4.54 -18.78
C ILE B 407 17.79 -4.63 -18.70
N ASP B 408 18.40 -5.36 -19.64
CA ASP B 408 19.85 -5.52 -19.63
C ASP B 408 20.55 -4.26 -20.10
N SER B 409 20.05 -3.62 -21.17
CA SER B 409 20.78 -2.50 -21.75
C SER B 409 20.73 -1.26 -20.87
N LEU B 410 19.56 -0.94 -20.31
CA LEU B 410 19.37 0.31 -19.59
C LEU B 410 19.01 0.14 -18.12
N GLY B 411 18.88 -1.09 -17.64
CA GLY B 411 18.51 -1.31 -16.25
C GLY B 411 17.02 -1.41 -16.06
N TYR B 412 16.63 -1.54 -14.78
CA TYR B 412 15.23 -1.75 -14.43
C TYR B 412 14.41 -0.47 -14.55
N ALA B 413 15.02 0.69 -14.31
CA ALA B 413 14.28 1.94 -14.35
C ALA B 413 13.73 2.23 -15.75
N TRP B 414 14.56 2.05 -16.78
CA TRP B 414 14.07 2.31 -18.13
C TRP B 414 13.13 1.21 -18.62
N ALA B 415 13.26 -0.01 -18.11
CA ALA B 415 12.23 -1.02 -18.37
C ALA B 415 10.89 -0.59 -17.79
N ASP B 416 10.91 -0.06 -16.56
CA ASP B 416 9.71 0.51 -15.97
C ASP B 416 9.15 1.62 -16.86
N GLN B 417 10.01 2.51 -17.34
CA GLN B 417 9.55 3.59 -18.21
C GLN B 417 8.96 3.04 -19.51
N ALA B 418 9.52 1.96 -20.05
CA ALA B 418 8.96 1.35 -21.25
C ALA B 418 7.58 0.76 -20.99
N LEU B 419 7.40 0.08 -19.86
CA LEU B 419 6.07 -0.43 -19.52
C LEU B 419 5.07 0.71 -19.37
N LEU B 420 5.47 1.81 -18.74
CA LEU B 420 4.56 2.95 -18.64
C LEU B 420 4.31 3.60 -20.00
N GLU B 421 5.29 3.60 -20.90
CA GLU B 421 5.03 4.06 -22.26
C GLU B 421 3.95 3.23 -22.94
N VAL B 422 4.06 1.90 -22.84
CA VAL B 422 3.07 1.02 -23.45
C VAL B 422 1.70 1.20 -22.79
N VAL B 423 1.69 1.38 -21.47
CA VAL B 423 0.42 1.57 -20.76
C VAL B 423 -0.23 2.89 -21.17
N ASN B 424 0.58 3.94 -21.36
CA ASN B 424 0.02 5.21 -21.82
C ASN B 424 -0.51 5.10 -23.23
N ARG B 425 0.16 4.33 -24.09
CA ARG B 425 -0.37 4.09 -25.43
C ARG B 425 -1.71 3.36 -25.37
N PHE B 426 -1.81 2.36 -24.50
CA PHE B 426 -3.08 1.65 -24.31
C PHE B 426 -4.16 2.61 -23.83
N ARG B 427 -3.82 3.48 -22.87
CA ARG B 427 -4.80 4.43 -22.35
C ARG B 427 -5.24 5.41 -23.42
N GLU B 428 -4.31 5.86 -24.27
CA GLU B 428 -4.66 6.76 -25.36
C GLU B 428 -5.61 6.09 -26.35
N LYS B 429 -5.35 4.83 -26.66
CA LYS B 429 -6.21 4.11 -27.61
C LYS B 429 -7.44 3.49 -26.95
N LEU B 430 -7.60 3.66 -25.64
CA LEU B 430 -8.68 3.03 -24.89
C LEU B 430 -10.03 3.69 -25.22
N LYS B 431 -11.10 2.87 -25.15
CA LYS B 431 -12.46 3.29 -25.46
C LYS B 431 -13.32 3.28 -24.19
N PRO B 432 -14.37 4.11 -24.14
CA PRO B 432 -15.15 4.22 -22.90
C PRO B 432 -15.74 2.92 -22.41
N ASP B 433 -16.18 2.04 -23.31
CA ASP B 433 -16.76 0.78 -22.87
C ASP B 433 -15.70 -0.21 -22.40
N GLN B 434 -14.49 -0.13 -22.95
CA GLN B 434 -13.43 -1.07 -22.62
C GLN B 434 -12.91 -0.82 -21.20
N TYR B 435 -12.39 -1.87 -20.59
CA TYR B 435 -11.84 -1.80 -19.25
C TYR B 435 -10.42 -2.38 -19.27
N LEU B 436 -9.47 -1.65 -18.72
CA LEU B 436 -8.07 -2.02 -18.76
C LEU B 436 -7.57 -2.41 -17.38
N CYS B 437 -6.77 -3.48 -17.32
CA CYS B 437 -6.24 -3.98 -16.06
C CYS B 437 -4.84 -4.53 -16.30
N ARG B 438 -4.06 -4.62 -15.22
CA ARG B 438 -2.71 -5.16 -15.26
C ARG B 438 -2.65 -6.32 -14.27
N ILE B 439 -2.75 -7.54 -14.77
CA ILE B 439 -2.79 -8.71 -13.88
C ILE B 439 -1.43 -8.93 -13.22
N GLU B 440 -0.35 -8.95 -14.01
CA GLU B 440 1.00 -9.05 -13.47
C GLU B 440 2.05 -8.76 -14.53
N GLY B 441 2.96 -7.83 -14.22
CA GLY B 441 4.16 -7.61 -15.01
C GLY B 441 3.99 -7.48 -16.50
N THR B 442 4.49 -8.49 -17.22
CA THR B 442 4.48 -8.49 -18.68
C THR B 442 3.07 -8.48 -19.26
N GLN B 443 2.06 -8.80 -18.45
CA GLN B 443 0.73 -9.09 -18.94
C GLN B 443 -0.28 -8.02 -18.51
N PHE B 444 -1.26 -7.80 -19.39
CA PHE B 444 -2.38 -6.90 -19.16
C PHE B 444 -3.64 -7.55 -19.71
N VAL B 445 -4.80 -7.09 -19.25
CA VAL B 445 -6.07 -7.64 -19.68
C VAL B 445 -7.00 -6.50 -20.08
N LEU B 446 -7.59 -6.61 -21.26
CA LEU B 446 -8.62 -5.68 -21.72
C LEU B 446 -9.94 -6.42 -21.81
N VAL B 447 -10.98 -5.86 -21.21
CA VAL B 447 -12.31 -6.47 -21.15
C VAL B 447 -13.26 -5.61 -21.97
N SER B 448 -13.97 -6.24 -22.90
CA SER B 448 -14.90 -5.54 -23.77
C SER B 448 -16.25 -6.25 -23.75
N LEU B 449 -17.26 -5.56 -24.27
CA LEU B 449 -18.61 -6.12 -24.34
C LEU B 449 -19.02 -6.49 -25.76
N GLU B 450 -18.43 -5.87 -26.78
CA GLU B 450 -18.73 -6.25 -28.15
C GLU B 450 -18.24 -7.67 -28.41
N ASN B 451 -19.13 -8.50 -28.97
CA ASN B 451 -18.83 -9.92 -29.20
C ASN B 451 -19.19 -10.29 -30.64
N ASP B 452 -18.26 -10.05 -31.56
CA ASP B 452 -18.37 -10.51 -32.94
C ASP B 452 -17.02 -10.39 -33.61
N VAL B 453 -16.72 -11.34 -34.50
CA VAL B 453 -15.36 -11.52 -35.00
C VAL B 453 -14.87 -10.26 -35.69
N SER B 454 -15.74 -9.60 -36.46
CA SER B 454 -15.33 -8.42 -37.21
C SER B 454 -14.80 -7.31 -36.30
N ASN B 455 -15.29 -7.24 -35.05
CA ASN B 455 -14.78 -6.24 -34.12
C ASN B 455 -13.66 -6.78 -33.24
N ILE B 456 -13.74 -8.06 -32.85
CA ILE B 456 -12.67 -8.64 -32.03
C ILE B 456 -11.34 -8.60 -32.76
N THR B 457 -11.35 -9.00 -34.04
CA THR B 457 -10.13 -8.97 -34.83
C THR B 457 -9.61 -7.55 -34.98
N GLN B 458 -10.51 -6.59 -35.20
CA GLN B 458 -10.10 -5.20 -35.37
C GLN B 458 -9.43 -4.64 -34.12
N ILE B 459 -10.04 -4.89 -32.96
CA ILE B 459 -9.46 -4.36 -31.72
C ILE B 459 -8.16 -5.08 -31.39
N ALA B 460 -8.09 -6.39 -31.65
CA ALA B 460 -6.82 -7.10 -31.44
C ALA B 460 -5.74 -6.55 -32.36
N ASP B 461 -6.08 -6.24 -33.60
CA ASP B 461 -5.11 -5.66 -34.52
C ASP B 461 -4.66 -4.28 -34.05
N GLU B 462 -5.59 -3.47 -33.53
CA GLU B 462 -5.22 -2.17 -32.99
C GLU B 462 -4.27 -2.32 -31.80
N LEU B 463 -4.57 -3.25 -30.90
CA LEU B 463 -3.71 -3.48 -29.74
C LEU B 463 -2.33 -3.95 -30.18
N ARG B 464 -2.26 -4.84 -31.16
CA ARG B 464 -0.97 -5.32 -31.67
C ARG B 464 -0.21 -4.23 -32.40
N ASN B 465 -0.90 -3.33 -33.09
CA ASN B 465 -0.28 -2.30 -33.91
C ASN B 465 0.09 -1.05 -33.11
N VAL B 466 -0.40 -0.91 -31.87
CA VAL B 466 -0.03 0.27 -31.08
C VAL B 466 1.48 0.31 -30.83
N VAL B 467 2.14 -0.84 -30.90
CA VAL B 467 3.58 -0.91 -30.64
C VAL B 467 4.38 -1.00 -31.94
N SER B 468 3.79 -0.55 -33.06
CA SER B 468 4.51 -0.59 -34.33
C SER B 468 5.77 0.28 -34.27
N LYS B 469 5.66 1.46 -33.70
CA LYS B 469 6.82 2.33 -33.54
C LYS B 469 7.63 1.88 -32.31
N PRO B 470 8.95 1.76 -32.42
CA PRO B 470 9.74 1.38 -31.26
C PRO B 470 9.68 2.43 -30.17
N ILE B 471 9.72 1.97 -28.93
CA ILE B 471 9.62 2.88 -27.79
C ILE B 471 10.93 3.64 -27.63
N MET B 472 10.84 4.97 -27.59
CA MET B 472 12.02 5.83 -27.53
C MET B 472 12.46 5.96 -26.09
N ILE B 473 13.50 5.22 -25.72
CA ILE B 473 14.06 5.23 -24.37
C ILE B 473 15.45 5.84 -24.45
N ASP B 474 15.61 7.03 -23.86
CA ASP B 474 16.90 7.72 -23.81
C ASP B 474 17.50 7.86 -25.21
N ASP B 475 16.67 8.35 -26.14
CA ASP B 475 17.07 8.54 -27.54
C ASP B 475 17.59 7.23 -28.15
N LYS B 476 16.92 6.12 -27.84
CA LYS B 476 17.33 4.82 -28.34
C LYS B 476 16.11 3.94 -28.56
N PRO B 477 15.89 3.46 -29.78
CA PRO B 477 14.70 2.64 -30.05
C PRO B 477 14.80 1.26 -29.42
N PHE B 478 13.63 0.69 -29.14
CA PHE B 478 13.51 -0.66 -28.59
C PHE B 478 12.22 -1.29 -29.10
N PRO B 479 12.32 -2.22 -30.05
CA PRO B 479 11.12 -2.80 -30.69
C PRO B 479 10.45 -3.91 -29.88
N LEU B 480 9.59 -3.51 -28.95
CA LEU B 480 8.82 -4.48 -28.20
C LEU B 480 7.69 -5.04 -29.07
N THR B 481 7.15 -6.18 -28.66
CA THR B 481 6.21 -6.94 -29.48
C THR B 481 5.15 -7.54 -28.56
N LEU B 482 3.99 -7.87 -29.14
CA LEU B 482 2.82 -8.26 -28.36
C LEU B 482 2.31 -9.65 -28.74
N SER B 483 1.93 -10.40 -27.70
CA SER B 483 1.28 -11.71 -27.85
C SER B 483 -0.06 -11.66 -27.13
N ILE B 484 -1.15 -11.90 -27.86
CA ILE B 484 -2.51 -11.68 -27.35
C ILE B 484 -3.30 -12.97 -27.45
N GLY B 485 -4.00 -13.31 -26.37
CA GLY B 485 -4.94 -14.41 -26.36
C GLY B 485 -6.36 -13.91 -26.11
N ILE B 486 -7.31 -14.37 -26.90
CA ILE B 486 -8.68 -13.85 -26.86
C ILE B 486 -9.62 -14.97 -26.41
N SER B 487 -10.46 -14.66 -25.42
CA SER B 487 -11.43 -15.62 -24.89
C SER B 487 -12.82 -15.01 -24.91
N TYR B 488 -13.79 -15.80 -25.37
CA TYR B 488 -15.20 -15.41 -25.37
C TYR B 488 -16.05 -16.66 -25.49
N ASP B 489 -16.89 -16.91 -24.49
CA ASP B 489 -17.81 -18.03 -24.52
C ASP B 489 -19.03 -17.68 -23.68
N LEU B 490 -20.21 -17.74 -24.30
CA LEU B 490 -21.43 -17.29 -23.64
C LEU B 490 -21.72 -18.13 -22.40
N GLY B 491 -22.07 -17.46 -21.31
CA GLY B 491 -22.50 -18.12 -20.09
C GLY B 491 -21.40 -18.65 -19.21
N LYS B 492 -20.13 -18.45 -19.57
CA LYS B 492 -19.03 -18.96 -18.77
C LYS B 492 -18.57 -17.92 -17.76
N ASN B 493 -17.68 -18.34 -16.87
CA ASN B 493 -17.27 -17.55 -15.73
C ASN B 493 -15.87 -16.97 -15.93
N ARG B 494 -15.47 -16.12 -14.97
CA ARG B 494 -14.20 -15.41 -15.07
C ARG B 494 -13.02 -16.37 -15.03
N ASP B 495 -13.12 -17.44 -14.24
CA ASP B 495 -12.01 -18.39 -14.15
C ASP B 495 -11.77 -19.06 -15.49
N TYR B 496 -12.85 -19.55 -16.13
CA TYR B 496 -12.72 -20.17 -17.44
C TYR B 496 -12.20 -19.18 -18.47
N LEU B 497 -12.74 -17.97 -18.47
CA LEU B 497 -12.32 -16.97 -19.45
C LEU B 497 -10.83 -16.65 -19.31
N LEU B 498 -10.39 -16.40 -18.07
CA LEU B 498 -8.99 -16.06 -17.84
C LEU B 498 -8.07 -17.24 -18.18
N SER B 499 -8.45 -18.45 -17.78
CA SER B 499 -7.62 -19.61 -18.08
C SER B 499 -7.48 -19.83 -19.58
N THR B 500 -8.58 -19.68 -20.32
CA THR B 500 -8.52 -19.89 -21.76
C THR B 500 -7.70 -18.80 -22.46
N ALA B 501 -7.88 -17.54 -22.04
CA ALA B 501 -7.09 -16.47 -22.62
C ALA B 501 -5.61 -16.66 -22.32
N HIS B 502 -5.28 -17.10 -21.10
CA HIS B 502 -3.88 -17.34 -20.76
C HIS B 502 -3.31 -18.50 -21.54
N ASN B 503 -4.13 -19.53 -21.78
CA ASN B 503 -3.68 -20.65 -22.62
C ASN B 503 -3.35 -20.18 -24.03
N ALA B 504 -4.23 -19.37 -24.63
CA ALA B 504 -3.96 -18.87 -25.98
C ALA B 504 -2.72 -17.98 -26.00
N MET B 505 -2.59 -17.08 -25.02
CA MET B 505 -1.43 -16.19 -24.97
C MET B 505 -0.14 -16.96 -24.77
N ASP B 506 -0.14 -17.97 -23.89
CA ASP B 506 1.04 -18.77 -23.66
C ASP B 506 1.40 -19.57 -24.91
N TYR B 507 0.40 -20.09 -25.62
CA TYR B 507 0.69 -20.83 -26.84
C TYR B 507 1.34 -19.94 -27.89
N ILE B 508 0.80 -18.72 -28.08
CA ILE B 508 1.40 -17.84 -29.09
C ILE B 508 2.79 -17.37 -28.64
N ARG B 509 2.99 -17.14 -27.34
CA ARG B 509 4.32 -16.77 -26.86
C ARG B 509 5.32 -17.89 -27.10
N LYS B 510 4.92 -19.13 -26.84
CA LYS B 510 5.82 -20.26 -27.09
C LYS B 510 6.11 -20.41 -28.58
N ASN B 511 5.09 -20.24 -29.42
CA ASN B 511 5.29 -20.33 -30.86
C ASN B 511 6.16 -19.19 -31.40
N GLY B 512 6.24 -18.07 -30.67
CA GLY B 512 7.14 -17.01 -31.09
C GLY B 512 6.60 -15.62 -30.86
N GLY B 513 5.33 -15.53 -30.46
CA GLY B 513 4.72 -14.24 -30.23
C GLY B 513 4.44 -13.49 -31.52
N ASN B 514 4.38 -12.17 -31.40
CA ASN B 514 4.10 -11.28 -32.52
C ASN B 514 2.76 -11.61 -33.17
N GLY B 515 1.71 -11.66 -32.36
CA GLY B 515 0.41 -12.01 -32.89
C GLY B 515 -0.58 -12.33 -31.80
N TRP B 516 -1.71 -12.89 -32.23
CA TRP B 516 -2.82 -13.16 -31.34
C TRP B 516 -3.56 -14.40 -31.79
N GLN B 517 -4.30 -14.99 -30.86
CA GLN B 517 -5.02 -16.23 -31.13
C GLN B 517 -6.27 -16.32 -30.26
N PHE B 518 -7.34 -16.84 -30.85
CA PHE B 518 -8.53 -17.21 -30.10
C PHE B 518 -8.30 -18.51 -29.34
N PHE B 519 -9.04 -18.67 -28.26
CA PHE B 519 -9.09 -19.99 -27.64
C PHE B 519 -10.10 -20.87 -28.37
N SER B 520 -9.95 -22.19 -28.20
CA SER B 520 -10.92 -23.22 -28.60
C SER B 520 -10.95 -23.41 -30.11
N PRO B 521 -11.19 -24.62 -30.58
CA PRO B 521 -11.24 -24.85 -32.03
C PRO B 521 -12.47 -24.20 -32.67
N ALA B 522 -12.39 -24.12 -33.99
CA ALA B 522 -13.39 -23.56 -34.90
C ALA B 522 -13.46 -22.05 -34.84
N MET B 523 -12.87 -21.44 -33.80
CA MET B 523 -12.79 -19.99 -33.77
C MET B 523 -11.63 -19.50 -34.63
N ASN B 524 -10.44 -20.06 -34.38
CA ASN B 524 -9.33 -19.82 -35.30
C ASN B 524 -9.64 -20.37 -36.68
N GLU B 525 -10.51 -21.37 -36.78
CA GLU B 525 -10.92 -21.87 -38.10
C GLU B 525 -11.77 -20.84 -38.84
N MET B 526 -12.71 -20.20 -38.16
CA MET B 526 -13.46 -19.12 -38.78
C MET B 526 -12.54 -17.96 -39.16
N VAL B 527 -11.58 -17.64 -38.29
CA VAL B 527 -10.62 -16.58 -38.60
C VAL B 527 -9.80 -16.94 -39.84
N LYS B 528 -9.34 -18.18 -39.93
CA LYS B 528 -8.55 -18.62 -41.07
C LYS B 528 -9.37 -18.64 -42.35
N GLU B 529 -10.64 -19.04 -42.25
CA GLU B 529 -11.52 -19.00 -43.41
C GLU B 529 -11.71 -17.57 -43.90
N ARG B 530 -11.91 -16.64 -42.97
CA ARG B 530 -12.01 -15.23 -43.37
C ARG B 530 -10.73 -14.74 -44.01
N LEU B 531 -9.58 -15.15 -43.45
CA LEU B 531 -8.29 -14.71 -44.00
C LEU B 531 -8.07 -15.27 -45.41
N VAL B 532 -8.37 -16.54 -45.63
CA VAL B 532 -8.17 -17.13 -46.96
C VAL B 532 -9.18 -16.56 -47.95
N LEU B 533 -10.40 -16.26 -47.50
CA LEU B 533 -11.36 -15.58 -48.35
C LEU B 533 -10.87 -14.20 -48.74
N GLY B 534 -10.26 -13.47 -47.80
CA GLY B 534 -9.72 -12.17 -48.12
C GLY B 534 -8.56 -12.24 -49.09
N ALA B 535 -7.68 -13.23 -48.92
CA ALA B 535 -6.59 -13.41 -49.86
C ALA B 535 -7.12 -13.76 -51.25
N ALA B 536 -8.14 -14.61 -51.32
CA ALA B 536 -8.75 -14.94 -52.60
C ALA B 536 -9.37 -13.71 -53.23
N LEU B 537 -10.04 -12.87 -52.43
CA LEU B 537 -10.61 -11.64 -52.96
C LEU B 537 -9.53 -10.71 -53.49
N LYS B 538 -8.42 -10.58 -52.75
CA LYS B 538 -7.32 -9.73 -53.21
C LYS B 538 -6.75 -10.22 -54.53
N GLU B 539 -6.51 -11.52 -54.65
CA GLU B 539 -5.94 -12.04 -55.89
C GLU B 539 -6.95 -11.96 -57.04
N ALA B 540 -8.23 -12.13 -56.75
CA ALA B 540 -9.25 -11.99 -57.79
C ALA B 540 -9.34 -10.55 -58.29
N ILE B 541 -9.24 -9.58 -57.37
CA ILE B 541 -9.21 -8.18 -57.79
C ILE B 541 -7.97 -7.90 -58.64
N SER B 542 -6.83 -8.45 -58.23
CA SER B 542 -5.60 -8.24 -58.99
C SER B 542 -5.71 -8.85 -60.39
N ASN B 543 -6.29 -10.04 -60.51
CA ASN B 543 -6.36 -10.76 -61.77
C ASN B 543 -7.64 -10.48 -62.55
N ASN B 544 -8.48 -9.56 -62.08
CA ASN B 544 -9.71 -9.17 -62.78
C ASN B 544 -10.68 -10.34 -62.94
N GLN B 545 -10.96 -11.02 -61.83
CA GLN B 545 -11.94 -12.10 -61.81
C GLN B 545 -13.34 -11.63 -61.41
N LEU B 546 -13.49 -10.38 -61.01
CA LEU B 546 -14.80 -9.87 -60.60
C LEU B 546 -15.61 -9.43 -61.80
N LYS B 547 -16.91 -9.27 -61.59
CA LYS B 547 -17.83 -8.85 -62.64
C LYS B 547 -18.77 -7.78 -62.10
N LEU B 548 -19.44 -7.09 -63.01
CA LEU B 548 -20.41 -6.06 -62.68
C LEU B 548 -21.78 -6.44 -63.24
N VAL B 549 -22.82 -6.12 -62.49
CA VAL B 549 -24.20 -6.38 -62.87
C VAL B 549 -25.00 -5.10 -62.67
N TYR B 550 -25.91 -4.81 -63.60
CA TYR B 550 -26.55 -3.50 -63.69
C TYR B 550 -28.04 -3.60 -63.46
N GLN B 551 -28.56 -2.73 -62.60
CA GLN B 551 -29.99 -2.67 -62.28
C GLN B 551 -30.60 -1.40 -62.85
N PRO B 552 -31.54 -1.50 -63.79
CA PRO B 552 -32.13 -0.29 -64.37
C PRO B 552 -32.99 0.47 -63.38
N GLN B 553 -33.07 1.78 -63.57
CA GLN B 553 -33.96 2.66 -62.83
C GLN B 553 -34.88 3.36 -63.82
N ILE B 554 -36.18 3.35 -63.53
CA ILE B 554 -37.20 3.78 -64.47
C ILE B 554 -37.87 5.05 -63.97
N PHE B 555 -38.41 5.83 -64.92
CA PHE B 555 -39.20 7.00 -64.60
C PHE B 555 -40.59 6.59 -64.13
N ALA B 556 -41.18 7.43 -63.26
CA ALA B 556 -42.51 7.14 -62.74
C ALA B 556 -43.57 7.19 -63.84
N GLU B 557 -43.53 8.22 -64.68
CA GLU B 557 -44.57 8.43 -65.68
C GLU B 557 -44.20 7.87 -67.05
N THR B 558 -43.10 8.33 -67.64
CA THR B 558 -42.75 8.00 -69.02
C THR B 558 -42.28 6.56 -69.19
N GLY B 559 -41.84 5.90 -68.13
CA GLY B 559 -41.27 4.57 -68.26
C GLY B 559 -40.01 4.56 -69.09
N GLU B 560 -39.14 5.54 -68.85
CA GLU B 560 -37.87 5.68 -69.55
C GLU B 560 -36.73 5.44 -68.56
N LEU B 561 -35.62 4.93 -69.07
CA LEU B 561 -34.50 4.55 -68.21
C LEU B 561 -33.71 5.79 -67.83
N TYR B 562 -33.77 6.16 -66.54
CA TYR B 562 -32.97 7.26 -66.04
C TYR B 562 -31.49 6.88 -65.96
N GLY B 563 -31.20 5.67 -65.50
CA GLY B 563 -29.83 5.22 -65.38
C GLY B 563 -29.81 3.79 -64.90
N ILE B 564 -28.60 3.24 -64.84
CA ILE B 564 -28.37 1.92 -64.28
C ILE B 564 -27.29 2.03 -63.23
N GLU B 565 -27.33 1.14 -62.23
CA GLU B 565 -26.36 1.10 -61.16
C GLU B 565 -25.47 -0.13 -61.32
N ALA B 566 -24.15 0.08 -61.20
CA ALA B 566 -23.19 -1.01 -61.31
C ALA B 566 -23.02 -1.64 -59.92
N LEU B 567 -23.28 -2.93 -59.82
CA LEU B 567 -23.17 -3.67 -58.57
C LEU B 567 -22.13 -4.78 -58.72
N ALA B 568 -21.16 -4.79 -57.82
CA ALA B 568 -20.06 -5.74 -57.90
C ALA B 568 -20.56 -7.16 -57.63
N ARG B 569 -20.05 -8.10 -58.43
CA ARG B 569 -20.34 -9.51 -58.27
C ARG B 569 -19.05 -10.29 -58.42
N TRP B 570 -18.97 -11.42 -57.73
CA TRP B 570 -17.77 -12.24 -57.73
C TRP B 570 -18.15 -13.71 -57.75
N HIS B 571 -17.46 -14.48 -58.59
CA HIS B 571 -17.69 -15.93 -58.67
C HIS B 571 -16.34 -16.60 -58.50
N ASP B 572 -16.11 -17.19 -57.33
CA ASP B 572 -14.88 -17.93 -57.07
C ASP B 572 -15.16 -19.42 -57.06
N PRO B 573 -14.27 -20.22 -57.67
CA PRO B 573 -14.53 -21.66 -57.77
C PRO B 573 -14.69 -22.35 -56.42
N LEU B 574 -13.95 -21.91 -55.41
CA LEU B 574 -14.01 -22.58 -54.10
C LEU B 574 -15.20 -22.09 -53.28
N HIS B 575 -15.43 -20.78 -53.25
CA HIS B 575 -16.48 -20.19 -52.43
C HIS B 575 -17.78 -19.96 -53.17
N GLY B 576 -17.87 -20.35 -54.44
CA GLY B 576 -19.09 -20.11 -55.20
C GLY B 576 -19.37 -18.62 -55.37
N HIS B 577 -20.59 -18.23 -55.05
CA HIS B 577 -21.03 -16.84 -55.15
C HIS B 577 -20.87 -16.16 -53.80
N VAL B 578 -20.12 -15.07 -53.77
CA VAL B 578 -19.86 -14.31 -52.56
C VAL B 578 -20.69 -13.03 -52.63
N PRO B 579 -21.63 -12.80 -51.72
CA PRO B 579 -22.49 -11.62 -51.82
C PRO B 579 -21.70 -10.35 -51.59
N PRO B 580 -22.13 -9.24 -52.20
CA PRO B 580 -21.49 -7.95 -51.89
C PRO B 580 -21.53 -7.59 -50.42
N SER B 581 -22.65 -7.88 -49.75
CA SER B 581 -22.75 -7.62 -48.32
C SER B 581 -21.79 -8.46 -47.50
N ARG B 582 -21.23 -9.50 -48.12
CA ARG B 582 -20.25 -10.37 -47.50
C ARG B 582 -18.81 -10.00 -47.83
N PHE B 583 -18.53 -9.49 -49.02
CA PHE B 583 -17.14 -9.22 -49.39
C PHE B 583 -16.78 -7.73 -49.37
N ILE B 584 -17.74 -6.83 -49.22
CA ILE B 584 -17.42 -5.40 -49.14
C ILE B 584 -16.93 -5.05 -47.74
N PRO B 585 -17.60 -5.46 -46.65
CA PRO B 585 -17.01 -5.24 -45.32
C PRO B 585 -15.66 -5.91 -45.17
N LEU B 586 -15.46 -7.05 -45.82
CA LEU B 586 -14.15 -7.70 -45.81
C LEU B 586 -13.10 -6.82 -46.47
N ALA B 587 -13.46 -6.18 -47.59
CA ALA B 587 -12.55 -5.24 -48.24
C ALA B 587 -12.27 -4.05 -47.34
N GLU B 588 -13.28 -3.56 -46.62
CA GLU B 588 -13.07 -2.46 -45.68
C GLU B 588 -12.10 -2.85 -44.58
N GLU B 589 -12.23 -4.07 -44.05
CA GLU B 589 -11.37 -4.53 -42.98
C GLU B 589 -9.94 -4.72 -43.47
N ILE B 590 -9.76 -5.24 -44.69
CA ILE B 590 -8.42 -5.58 -45.16
C ILE B 590 -7.70 -4.35 -45.70
N GLY B 591 -8.34 -3.63 -46.63
CA GLY B 591 -7.70 -2.51 -47.29
C GLY B 591 -7.80 -2.59 -48.79
N GLU B 592 -8.72 -3.41 -49.28
CA GLU B 592 -8.95 -3.60 -50.71
C GLU B 592 -10.02 -2.68 -51.25
N ILE B 593 -10.54 -1.75 -50.44
CA ILE B 593 -11.58 -0.83 -50.89
C ILE B 593 -11.06 0.03 -52.04
N GLU B 594 -9.82 0.51 -51.93
CA GLU B 594 -9.26 1.33 -53.00
C GLU B 594 -9.15 0.54 -54.30
N ASN B 595 -8.64 -0.69 -54.23
CA ASN B 595 -8.52 -1.51 -55.43
C ASN B 595 -9.89 -1.79 -56.04
N ILE B 596 -10.88 -2.09 -55.19
CA ILE B 596 -12.24 -2.28 -55.69
C ILE B 596 -12.74 -1.03 -56.40
N GLY B 597 -12.47 0.14 -55.82
CA GLY B 597 -12.91 1.38 -56.44
C GLY B 597 -12.28 1.60 -57.81
N ARG B 598 -10.97 1.43 -57.90
CA ARG B 598 -10.31 1.60 -59.19
C ARG B 598 -10.85 0.61 -60.21
N TRP B 599 -11.01 -0.66 -59.81
CA TRP B 599 -11.49 -1.67 -60.74
C TRP B 599 -12.91 -1.35 -61.21
N VAL B 600 -13.79 -0.96 -60.28
CA VAL B 600 -15.17 -0.69 -60.66
C VAL B 600 -15.24 0.50 -61.61
N ILE B 601 -14.50 1.57 -61.32
CA ILE B 601 -14.54 2.74 -62.19
C ILE B 601 -13.99 2.38 -63.58
N ALA B 602 -12.86 1.69 -63.63
CA ALA B 602 -12.25 1.34 -64.91
C ALA B 602 -13.15 0.43 -65.73
N GLU B 603 -13.71 -0.60 -65.09
CA GLU B 603 -14.56 -1.54 -65.80
C GLU B 603 -15.86 -0.89 -66.24
N ALA B 604 -16.40 0.02 -65.42
CA ALA B 604 -17.60 0.74 -65.81
C ALA B 604 -17.35 1.59 -67.04
N CYS B 605 -16.21 2.30 -67.06
CA CYS B 605 -15.89 3.11 -68.24
C CYS B 605 -15.63 2.23 -69.46
N ARG B 606 -14.99 1.08 -69.28
CA ARG B 606 -14.77 0.15 -70.38
C ARG B 606 -16.09 -0.36 -70.95
N GLN B 607 -17.03 -0.72 -70.08
CA GLN B 607 -18.33 -1.19 -70.55
C GLN B 607 -19.13 -0.07 -71.19
N LEU B 608 -18.99 1.15 -70.69
CA LEU B 608 -19.63 2.29 -71.34
C LEU B 608 -19.08 2.50 -72.75
N ALA B 609 -17.76 2.37 -72.93
CA ALA B 609 -17.19 2.47 -74.26
C ALA B 609 -17.66 1.33 -75.16
N GLU B 610 -17.74 0.11 -74.61
CA GLU B 610 -18.19 -1.03 -75.39
C GLU B 610 -19.64 -0.85 -75.85
N TRP B 611 -20.50 -0.33 -74.96
CA TRP B 611 -21.87 -0.05 -75.33
C TRP B 611 -21.99 1.11 -76.31
N ARG B 612 -21.14 2.13 -76.18
CA ARG B 612 -21.14 3.24 -77.14
C ARG B 612 -20.66 2.79 -78.52
N SER B 613 -19.86 1.73 -78.58
CA SER B 613 -19.43 1.19 -79.86
C SER B 613 -20.62 0.87 -80.75
N GLN B 614 -21.66 0.26 -80.18
CA GLN B 614 -22.92 0.04 -80.87
C GLN B 614 -23.95 1.05 -80.37
N ASN B 615 -25.20 0.86 -80.80
CA ASN B 615 -26.26 1.85 -80.59
C ASN B 615 -26.93 1.63 -79.24
N ILE B 616 -26.36 2.23 -78.20
CA ILE B 616 -26.96 2.30 -76.88
C ILE B 616 -26.77 3.70 -76.33
N HIS B 617 -27.85 4.30 -75.84
CA HIS B 617 -27.78 5.66 -75.32
C HIS B 617 -27.26 5.69 -73.88
N ILE B 618 -27.79 4.81 -73.02
CA ILE B 618 -27.39 4.63 -71.62
C ILE B 618 -27.17 5.98 -70.94
N PRO B 619 -28.25 6.70 -70.60
CA PRO B 619 -28.08 8.08 -70.10
C PRO B 619 -27.21 8.21 -68.86
N ALA B 620 -27.27 7.28 -67.92
CA ALA B 620 -26.55 7.47 -66.66
C ALA B 620 -26.10 6.13 -66.09
N LEU B 621 -24.94 6.16 -65.45
CA LEU B 621 -24.38 5.00 -64.76
C LEU B 621 -23.95 5.43 -63.37
N SER B 622 -24.37 4.68 -62.36
CA SER B 622 -24.04 4.97 -60.96
C SER B 622 -23.03 3.95 -60.47
N VAL B 623 -22.06 4.41 -59.68
CA VAL B 623 -20.98 3.57 -59.19
C VAL B 623 -20.80 3.83 -57.70
N ASN B 624 -20.80 2.76 -56.91
CA ASN B 624 -20.73 2.90 -55.46
C ASN B 624 -19.30 3.11 -55.00
N LEU B 625 -19.11 4.06 -54.08
CA LEU B 625 -17.82 4.33 -53.46
C LEU B 625 -18.00 4.37 -51.95
N SER B 626 -16.89 4.20 -51.23
CA SER B 626 -16.88 4.18 -49.78
C SER B 626 -16.23 5.44 -49.23
N ALA B 627 -16.20 5.54 -47.90
CA ALA B 627 -15.63 6.72 -47.25
C ALA B 627 -14.11 6.75 -47.37
N LEU B 628 -13.45 5.61 -47.14
CA LEU B 628 -11.99 5.56 -47.19
C LEU B 628 -11.44 5.82 -48.59
N HIS B 629 -12.26 5.62 -49.62
CA HIS B 629 -11.79 5.86 -50.98
C HIS B 629 -11.58 7.34 -51.25
N PHE B 630 -12.41 8.20 -50.68
CA PHE B 630 -12.35 9.63 -50.95
C PHE B 630 -11.47 10.40 -49.96
N ARG B 631 -10.95 9.74 -48.94
CA ARG B 631 -10.11 10.40 -47.94
C ARG B 631 -8.66 10.52 -48.37
N SER B 632 -8.29 9.96 -49.52
CA SER B 632 -6.95 10.07 -50.06
C SER B 632 -6.93 11.04 -51.22
N ASN B 633 -5.82 11.78 -51.34
CA ASN B 633 -5.67 12.79 -52.39
C ASN B 633 -5.23 12.17 -53.72
N GLN B 634 -5.98 11.16 -54.16
CA GLN B 634 -5.70 10.49 -55.43
C GLN B 634 -6.93 10.28 -56.30
N LEU B 635 -8.14 10.33 -55.75
CA LEU B 635 -9.36 10.04 -56.50
C LEU B 635 -9.48 10.77 -57.83
N PRO B 636 -9.34 12.10 -57.91
CA PRO B 636 -9.55 12.77 -59.20
C PRO B 636 -8.60 12.31 -60.28
N ASN B 637 -7.39 11.89 -59.93
CA ASN B 637 -6.44 11.45 -60.94
C ASN B 637 -6.97 10.25 -61.71
N GLN B 638 -7.35 9.18 -61.00
CA GLN B 638 -7.83 8.00 -61.71
C GLN B 638 -9.22 8.22 -62.29
N VAL B 639 -10.05 9.07 -61.67
CA VAL B 639 -11.37 9.29 -62.25
C VAL B 639 -11.27 10.07 -63.56
N SER B 640 -10.40 11.09 -63.60
CA SER B 640 -10.15 11.82 -64.85
C SER B 640 -9.52 10.91 -65.89
N ASP B 641 -8.60 10.03 -65.46
CA ASP B 641 -8.03 9.07 -66.39
C ASP B 641 -9.12 8.18 -66.99
N ALA B 642 -10.05 7.72 -66.15
CA ALA B 642 -11.12 6.87 -66.62
C ALA B 642 -12.02 7.58 -67.61
N MET B 643 -12.35 8.86 -67.35
CA MET B 643 -13.15 9.59 -68.33
C MET B 643 -12.41 9.80 -69.64
N HIS B 644 -11.18 10.33 -69.58
CA HIS B 644 -10.52 10.77 -70.80
C HIS B 644 -9.76 9.67 -71.52
N ALA B 645 -9.75 8.44 -70.99
CA ALA B 645 -9.19 7.33 -71.75
C ALA B 645 -10.24 6.64 -72.61
N TRP B 646 -11.51 7.02 -72.47
CA TRP B 646 -12.59 6.41 -73.24
C TRP B 646 -13.62 7.43 -73.73
N GLY B 647 -13.40 8.72 -73.48
CA GLY B 647 -14.32 9.73 -73.96
C GLY B 647 -15.70 9.60 -73.34
N ILE B 648 -15.74 9.41 -72.03
CA ILE B 648 -16.97 9.10 -71.30
C ILE B 648 -17.24 10.19 -70.28
N ASP B 649 -16.94 11.44 -70.65
CA ASP B 649 -16.97 12.60 -69.76
C ASP B 649 -18.16 12.57 -68.81
N GLY B 650 -17.91 13.05 -67.59
CA GLY B 650 -18.76 12.82 -66.43
C GLY B 650 -20.23 13.16 -66.52
N HIS B 651 -20.68 13.74 -67.63
CA HIS B 651 -22.11 14.01 -67.79
C HIS B 651 -22.94 12.74 -67.88
N GLN B 652 -22.32 11.57 -67.81
CA GLN B 652 -23.03 10.29 -67.78
C GLN B 652 -22.73 9.48 -66.52
N LEU B 653 -21.50 9.53 -66.03
CA LEU B 653 -21.13 8.79 -64.83
C LEU B 653 -21.72 9.44 -63.59
N THR B 654 -21.98 8.63 -62.57
CA THR B 654 -22.51 9.10 -61.31
C THR B 654 -21.84 8.34 -60.17
N VAL B 655 -21.69 9.03 -59.03
CA VAL B 655 -21.05 8.46 -57.85
C VAL B 655 -22.01 8.62 -56.68
N GLU B 656 -22.24 7.53 -55.95
CA GLU B 656 -23.06 7.53 -54.75
C GLU B 656 -22.16 7.30 -53.55
N ILE B 657 -22.35 8.09 -52.49
CA ILE B 657 -21.48 8.02 -51.33
C ILE B 657 -22.26 7.48 -50.13
N THR B 658 -21.54 7.20 -49.06
CA THR B 658 -22.16 6.72 -47.83
C THR B 658 -22.62 7.91 -46.98
N GLU B 659 -23.75 7.72 -46.27
CA GLU B 659 -24.26 8.78 -45.41
C GLU B 659 -23.25 9.16 -44.33
N SER B 660 -22.41 8.20 -43.91
CA SER B 660 -21.38 8.51 -42.93
C SER B 660 -20.41 9.57 -43.44
N MET B 661 -20.20 9.63 -44.76
CA MET B 661 -19.30 10.65 -45.31
C MET B 661 -19.86 12.05 -45.06
N MET B 662 -21.16 12.25 -45.30
CA MET B 662 -21.76 13.55 -45.03
C MET B 662 -21.92 13.79 -43.54
N MET B 663 -22.06 12.72 -42.75
CA MET B 663 -22.03 12.88 -41.30
C MET B 663 -20.68 13.43 -40.84
N GLU B 664 -19.60 12.95 -41.43
CA GLU B 664 -18.28 13.50 -41.17
C GLU B 664 -18.17 14.91 -41.74
N HIS B 665 -17.31 15.72 -41.11
CA HIS B 665 -17.10 17.12 -41.50
C HIS B 665 -15.61 17.33 -41.73
N ASP B 666 -15.18 17.16 -42.98
CA ASP B 666 -13.78 17.34 -43.36
C ASP B 666 -13.68 18.35 -44.50
N THR B 667 -12.93 19.42 -44.27
CA THR B 667 -12.80 20.47 -45.27
C THR B 667 -12.11 19.97 -46.53
N GLU B 668 -11.05 19.18 -46.38
CA GLU B 668 -10.34 18.66 -47.54
C GLU B 668 -11.23 17.72 -48.34
N ILE B 669 -12.00 16.87 -47.66
CA ILE B 669 -12.92 15.96 -48.36
C ILE B 669 -13.99 16.77 -49.10
N PHE B 670 -14.52 17.81 -48.46
CA PHE B 670 -15.52 18.65 -49.12
C PHE B 670 -14.95 19.35 -50.34
N LYS B 671 -13.72 19.85 -50.24
CA LYS B 671 -13.09 20.49 -51.39
C LYS B 671 -12.86 19.49 -52.52
N ARG B 672 -12.45 18.28 -52.19
CA ARG B 672 -12.28 17.25 -53.22
C ARG B 672 -13.61 16.92 -53.88
N ILE B 673 -14.68 16.84 -53.09
CA ILE B 673 -16.01 16.59 -53.64
C ILE B 673 -16.43 17.72 -54.57
N GLN B 674 -16.17 18.97 -54.16
CA GLN B 674 -16.52 20.11 -55.01
C GLN B 674 -15.73 20.08 -56.31
N ILE B 675 -14.45 19.75 -56.24
CA ILE B 675 -13.63 19.65 -57.45
C ILE B 675 -14.17 18.56 -58.37
N LEU B 676 -14.52 17.40 -57.80
CA LEU B 676 -15.07 16.32 -58.62
C LEU B 676 -16.39 16.72 -59.24
N ARG B 677 -17.25 17.41 -58.49
CA ARG B 677 -18.52 17.89 -59.02
C ARG B 677 -18.32 18.89 -60.15
N ASP B 678 -17.27 19.71 -60.07
CA ASP B 678 -16.98 20.65 -61.14
C ASP B 678 -16.66 19.93 -62.45
N MET B 679 -16.29 18.66 -62.40
CA MET B 679 -16.01 17.90 -63.61
C MET B 679 -17.28 17.35 -64.28
N GLY B 680 -18.45 17.51 -63.66
CA GLY B 680 -19.70 17.11 -64.24
C GLY B 680 -20.29 15.81 -63.73
N VAL B 681 -19.49 14.99 -63.04
CA VAL B 681 -20.01 13.73 -62.51
C VAL B 681 -20.96 14.01 -61.36
N GLY B 682 -22.13 13.38 -61.39
CA GLY B 682 -23.14 13.61 -60.39
C GLY B 682 -22.80 12.97 -59.05
N LEU B 683 -23.62 13.31 -58.06
CA LEU B 683 -23.43 12.78 -56.71
C LEU B 683 -24.80 12.39 -56.15
N SER B 684 -24.82 11.30 -55.39
CA SER B 684 -26.05 10.76 -54.82
C SER B 684 -25.83 10.45 -53.34
N VAL B 685 -26.91 10.56 -52.58
CA VAL B 685 -26.89 10.29 -51.14
C VAL B 685 -27.97 9.27 -50.84
N ASP B 686 -27.57 8.13 -50.26
CA ASP B 686 -28.51 7.10 -49.83
C ASP B 686 -28.73 7.18 -48.33
N ASP B 687 -29.88 6.66 -47.90
CA ASP B 687 -30.30 6.66 -46.49
C ASP B 687 -30.50 8.08 -45.97
N PHE B 688 -31.11 8.21 -44.80
CA PHE B 688 -31.44 9.51 -44.23
C PHE B 688 -30.93 9.63 -42.78
N GLY B 689 -29.75 9.06 -42.51
CA GLY B 689 -29.15 9.25 -41.21
C GLY B 689 -28.77 10.69 -40.93
N THR B 690 -28.23 11.38 -41.93
CA THR B 690 -27.92 12.79 -41.78
C THR B 690 -29.18 13.61 -41.70
N GLY B 691 -29.12 14.71 -40.95
CA GLY B 691 -30.30 15.53 -40.72
C GLY B 691 -30.62 16.43 -41.90
N PHE B 692 -31.73 17.16 -41.76
CA PHE B 692 -32.14 18.09 -42.80
C PHE B 692 -31.24 19.32 -42.86
N SER B 693 -30.66 19.73 -41.73
CA SER B 693 -29.60 20.73 -41.78
C SER B 693 -28.41 20.22 -42.58
N GLY B 694 -28.07 18.94 -42.39
CA GLY B 694 -27.05 18.33 -43.22
C GLY B 694 -27.43 18.29 -44.68
N LEU B 695 -28.72 18.10 -44.97
CA LEU B 695 -29.16 18.12 -46.36
C LEU B 695 -29.09 19.52 -46.97
N SER B 696 -29.35 20.55 -46.16
CA SER B 696 -29.19 21.92 -46.66
C SER B 696 -27.72 22.24 -46.92
N ARG B 697 -26.84 21.81 -46.01
CA ARG B 697 -25.41 21.94 -46.28
C ARG B 697 -25.02 21.11 -47.50
N LEU B 698 -25.73 20.02 -47.75
CA LEU B 698 -25.54 19.23 -48.97
C LEU B 698 -25.98 19.99 -50.21
N VAL B 699 -27.03 20.79 -50.09
CA VAL B 699 -27.41 21.68 -51.19
C VAL B 699 -26.33 22.72 -51.42
N SER B 700 -25.75 23.24 -50.34
CA SER B 700 -24.62 24.17 -50.45
C SER B 700 -23.42 23.53 -51.13
N LEU B 701 -23.10 22.28 -50.82
CA LEU B 701 -22.07 21.50 -51.51
C LEU B 701 -22.77 20.57 -52.49
N PRO B 702 -23.02 21.02 -53.72
CA PRO B 702 -24.15 20.49 -54.50
C PRO B 702 -24.07 19.00 -54.78
N VAL B 703 -25.26 18.36 -54.85
CA VAL B 703 -25.42 16.97 -55.25
C VAL B 703 -26.48 16.92 -56.35
N THR B 704 -26.81 15.70 -56.77
CA THR B 704 -27.81 15.50 -57.80
C THR B 704 -28.94 14.56 -57.41
N GLU B 705 -28.68 13.51 -56.64
CA GLU B 705 -29.67 12.48 -56.39
C GLU B 705 -29.79 12.17 -54.91
N ILE B 706 -31.03 11.96 -54.48
CA ILE B 706 -31.34 11.48 -53.13
C ILE B 706 -32.12 10.18 -53.26
N LYS B 707 -31.68 9.15 -52.54
CA LYS B 707 -32.27 7.82 -52.65
C LYS B 707 -33.00 7.45 -51.37
N ILE B 708 -34.29 7.14 -51.50
CA ILE B 708 -35.11 6.65 -50.40
C ILE B 708 -34.87 5.17 -50.25
N ASP B 709 -34.36 4.77 -49.08
CA ASP B 709 -33.88 3.42 -48.86
C ASP B 709 -35.03 2.41 -48.82
N LYS B 710 -34.71 1.17 -49.22
CA LYS B 710 -35.69 0.11 -49.21
C LYS B 710 -36.23 -0.14 -47.80
N SER B 711 -35.42 0.12 -46.78
CA SER B 711 -35.89 -0.04 -45.40
C SER B 711 -37.07 0.90 -45.11
N PHE B 712 -36.99 2.14 -45.58
CA PHE B 712 -38.09 3.07 -45.38
C PHE B 712 -39.25 2.77 -46.33
N VAL B 713 -38.95 2.36 -47.56
CA VAL B 713 -40.03 2.07 -48.51
C VAL B 713 -40.85 0.86 -48.05
N ASP B 714 -40.22 -0.11 -47.39
CA ASP B 714 -40.96 -1.26 -46.88
C ASP B 714 -41.91 -0.84 -45.76
N ARG B 715 -41.45 -0.02 -44.82
CA ARG B 715 -42.31 0.46 -43.75
C ARG B 715 -43.31 1.49 -44.23
N CYS B 716 -43.15 2.02 -45.44
CA CYS B 716 -44.16 2.92 -46.00
C CYS B 716 -45.52 2.24 -46.07
N LEU B 717 -45.53 0.91 -46.22
CA LEU B 717 -46.79 0.17 -46.27
C LEU B 717 -47.53 0.26 -44.94
N THR B 718 -46.86 -0.07 -43.84
CA THR B 718 -47.54 -0.17 -42.54
C THR B 718 -47.57 1.17 -41.82
N GLU B 719 -46.39 1.74 -41.55
CA GLU B 719 -46.30 2.99 -40.80
C GLU B 719 -46.70 4.15 -41.70
N LYS B 720 -47.95 4.61 -41.56
CA LYS B 720 -48.47 5.67 -42.40
C LYS B 720 -47.90 7.03 -42.06
N ARG B 721 -47.16 7.15 -40.95
CA ARG B 721 -46.58 8.44 -40.58
C ARG B 721 -45.46 8.85 -41.53
N ILE B 722 -44.68 7.89 -42.02
CA ILE B 722 -43.48 8.20 -42.80
C ILE B 722 -43.77 8.57 -44.24
N LEU B 723 -45.05 8.66 -44.64
CA LEU B 723 -45.37 9.21 -45.95
C LEU B 723 -44.94 10.66 -46.05
N ALA B 724 -44.95 11.36 -44.90
CA ALA B 724 -44.52 12.75 -44.88
C ALA B 724 -43.03 12.87 -45.20
N LEU B 725 -42.23 11.87 -44.81
CA LEU B 725 -40.83 11.84 -45.17
C LEU B 725 -40.66 11.94 -46.68
N LEU B 726 -41.34 11.05 -47.41
CA LEU B 726 -41.25 11.03 -48.86
C LEU B 726 -41.80 12.32 -49.46
N GLU B 727 -42.93 12.80 -48.92
CA GLU B 727 -43.54 14.03 -49.44
C GLU B 727 -42.59 15.21 -49.31
N ALA B 728 -41.97 15.37 -48.13
CA ALA B 728 -41.06 16.48 -47.91
C ALA B 728 -39.80 16.34 -48.75
N ILE B 729 -39.27 15.12 -48.87
CA ILE B 729 -38.06 14.92 -49.67
C ILE B 729 -38.32 15.27 -51.12
N THR B 730 -39.45 14.82 -51.66
CA THR B 730 -39.82 15.18 -53.02
C THR B 730 -40.03 16.69 -53.16
N SER B 731 -40.63 17.32 -52.14
CA SER B 731 -40.79 18.76 -52.16
C SER B 731 -39.46 19.48 -52.27
N ILE B 732 -38.47 19.06 -51.48
CA ILE B 732 -37.11 19.60 -51.62
C ILE B 732 -36.58 19.33 -53.01
N GLY B 733 -36.89 18.15 -53.56
CA GLY B 733 -36.46 17.78 -54.89
C GLY B 733 -36.92 18.74 -55.96
N GLN B 734 -38.22 19.03 -56.02
CA GLN B 734 -38.67 20.01 -57.01
C GLN B 734 -38.34 21.44 -56.60
N SER B 735 -38.06 21.70 -55.32
CA SER B 735 -37.70 23.04 -54.91
C SER B 735 -36.30 23.42 -55.38
N LEU B 736 -35.37 22.46 -55.38
CA LEU B 736 -33.99 22.80 -55.71
C LEU B 736 -33.36 21.82 -56.70
N ASN B 737 -34.17 21.21 -57.57
CA ASN B 737 -33.69 20.45 -58.73
C ASN B 737 -32.81 19.27 -58.30
N LEU B 738 -33.44 18.32 -57.59
CA LEU B 738 -32.81 17.06 -57.23
C LEU B 738 -33.66 15.91 -57.76
N THR B 739 -32.99 14.80 -58.10
CA THR B 739 -33.66 13.59 -58.55
C THR B 739 -33.81 12.64 -57.39
N VAL B 740 -35.04 12.20 -57.11
CA VAL B 740 -35.31 11.31 -55.99
C VAL B 740 -35.58 9.91 -56.54
N VAL B 741 -34.86 8.94 -55.99
CA VAL B 741 -34.87 7.56 -56.45
C VAL B 741 -35.40 6.70 -55.32
N ALA B 742 -36.55 6.06 -55.54
CA ALA B 742 -37.15 5.19 -54.53
C ALA B 742 -36.66 3.78 -54.75
N GLU B 743 -35.94 3.22 -53.76
CA GLU B 743 -35.34 1.91 -53.90
C GLU B 743 -36.21 0.83 -53.27
N GLY B 744 -36.00 -0.40 -53.72
CA GLY B 744 -36.60 -1.58 -53.11
C GLY B 744 -38.11 -1.70 -53.21
N VAL B 745 -38.67 -1.44 -54.38
CA VAL B 745 -40.08 -1.69 -54.65
C VAL B 745 -40.24 -3.15 -55.05
N GLU B 746 -41.32 -3.78 -54.58
CA GLU B 746 -41.52 -5.20 -54.83
C GLU B 746 -42.92 -5.50 -55.33
N THR B 747 -43.89 -4.65 -55.01
CA THR B 747 -45.29 -4.91 -55.33
C THR B 747 -45.92 -3.71 -56.04
N LYS B 748 -46.99 -4.00 -56.79
CA LYS B 748 -47.67 -2.95 -57.54
C LYS B 748 -48.31 -1.93 -56.62
N GLU B 749 -48.86 -2.37 -55.48
CA GLU B 749 -49.42 -1.43 -54.51
C GLU B 749 -48.32 -0.54 -53.93
N GLN B 750 -47.15 -1.12 -53.67
CA GLN B 750 -46.03 -0.33 -53.16
C GLN B 750 -45.59 0.70 -54.19
N PHE B 751 -45.60 0.34 -55.48
CA PHE B 751 -45.30 1.31 -56.52
C PHE B 751 -46.36 2.40 -56.60
N GLU B 752 -47.64 2.02 -56.54
CA GLU B 752 -48.70 3.00 -56.76
C GLU B 752 -48.85 3.95 -55.59
N MET B 753 -48.53 3.51 -54.37
CA MET B 753 -48.65 4.43 -53.23
C MET B 753 -47.52 5.45 -53.22
N LEU B 754 -46.37 5.13 -53.80
CA LEU B 754 -45.33 6.13 -54.00
C LEU B 754 -45.51 6.91 -55.29
N ARG B 755 -46.36 6.45 -56.20
CA ARG B 755 -46.64 7.20 -57.41
C ARG B 755 -47.30 8.55 -57.10
N LYS B 756 -48.20 8.58 -56.11
CA LYS B 756 -48.96 9.79 -55.85
C LYS B 756 -48.08 10.93 -55.34
N ILE B 757 -47.03 10.60 -54.56
CA ILE B 757 -46.07 11.62 -54.14
C ILE B 757 -45.26 12.14 -55.32
N HIS B 758 -45.29 11.45 -56.46
CA HIS B 758 -44.55 11.82 -57.66
C HIS B 758 -43.04 11.72 -57.43
N CYS B 759 -42.60 10.58 -56.92
CA CYS B 759 -41.18 10.29 -56.85
C CYS B 759 -40.59 10.24 -58.26
N ARG B 760 -39.42 10.86 -58.43
CA ARG B 760 -38.88 11.07 -59.76
C ARG B 760 -38.61 9.76 -60.48
N VAL B 761 -37.86 8.85 -59.85
CA VAL B 761 -37.56 7.57 -60.46
C VAL B 761 -37.67 6.46 -59.42
N ILE B 762 -37.91 5.25 -59.91
CA ILE B 762 -38.13 4.09 -59.06
C ILE B 762 -37.19 2.97 -59.50
N GLN B 763 -36.46 2.40 -58.54
CA GLN B 763 -35.55 1.30 -58.80
C GLN B 763 -35.88 0.17 -57.84
N GLY B 764 -36.09 -1.03 -58.37
CA GLY B 764 -36.45 -2.16 -57.55
C GLY B 764 -36.78 -3.37 -58.41
N TYR B 765 -37.27 -4.41 -57.73
CA TYR B 765 -37.59 -5.66 -58.39
C TYR B 765 -38.90 -5.59 -59.17
N PHE B 766 -39.71 -4.55 -58.95
CA PHE B 766 -40.96 -4.44 -59.69
C PHE B 766 -40.75 -4.13 -61.16
N PHE B 767 -39.60 -3.57 -61.52
CA PHE B 767 -39.31 -3.21 -62.90
C PHE B 767 -38.23 -4.07 -63.53
N SER B 768 -37.12 -4.33 -62.82
CA SER B 768 -36.08 -5.17 -63.35
C SER B 768 -35.10 -5.61 -62.26
N ARG B 769 -34.82 -6.91 -62.19
CA ARG B 769 -33.76 -7.42 -61.34
C ARG B 769 -32.40 -7.04 -61.92
N PRO B 770 -31.34 -7.07 -61.10
CA PRO B 770 -29.99 -6.88 -61.64
C PRO B 770 -29.67 -7.86 -62.76
N LEU B 771 -29.29 -7.33 -63.94
CA LEU B 771 -29.07 -8.17 -65.11
C LEU B 771 -27.61 -8.12 -65.54
N PRO B 772 -27.01 -9.26 -65.90
CA PRO B 772 -25.65 -9.24 -66.43
C PRO B 772 -25.57 -8.43 -67.71
N ALA B 773 -24.38 -7.85 -67.93
CA ALA B 773 -24.19 -6.89 -69.02
C ALA B 773 -24.31 -7.53 -70.41
N GLU B 774 -24.26 -8.86 -70.51
CA GLU B 774 -24.27 -9.48 -71.84
C GLU B 774 -25.63 -9.39 -72.51
N GLU B 775 -26.71 -9.21 -71.73
CA GLU B 775 -28.04 -9.08 -72.30
C GLU B 775 -28.72 -7.77 -71.92
N ILE B 776 -28.00 -6.84 -71.30
CA ILE B 776 -28.55 -5.51 -71.01
C ILE B 776 -29.09 -4.84 -72.27
N PRO B 777 -28.38 -4.81 -73.39
CA PRO B 777 -29.00 -4.27 -74.62
C PRO B 777 -30.26 -4.98 -75.03
N GLY B 778 -30.38 -6.28 -74.74
CA GLY B 778 -31.64 -6.97 -75.00
C GLY B 778 -32.80 -6.38 -74.21
N TRP B 779 -32.58 -6.12 -72.92
CA TRP B 779 -33.60 -5.45 -72.12
C TRP B 779 -33.89 -4.05 -72.65
N MET B 780 -32.86 -3.31 -73.04
CA MET B 780 -33.07 -1.96 -73.57
C MET B 780 -33.94 -1.98 -74.81
N SER B 781 -33.67 -2.91 -75.72
CA SER B 781 -34.37 -2.98 -77.00
C SER B 781 -35.70 -3.71 -76.93
N SER B 782 -35.97 -4.46 -75.86
CA SER B 782 -37.19 -5.25 -75.78
C SER B 782 -38.20 -4.76 -74.75
N VAL B 783 -37.79 -4.01 -73.74
CA VAL B 783 -38.65 -3.63 -72.63
C VAL B 783 -39.07 -2.17 -72.71
N LEU B 784 -38.11 -1.28 -72.92
CA LEU B 784 -38.41 0.15 -72.92
C LEU B 784 -39.27 0.51 -74.13
N PRO B 785 -40.29 1.37 -73.96
CA PRO B 785 -40.74 1.94 -72.68
C PRO B 785 -41.65 0.97 -71.91
N LEU B 786 -41.81 1.20 -70.61
CA LEU B 786 -42.55 0.28 -69.75
C LEU B 786 -43.98 0.73 -69.45
N LYS B 787 -44.16 1.97 -68.99
CA LYS B 787 -45.46 2.48 -68.58
C LYS B 787 -46.12 1.59 -67.54
#